data_3Q69
# 
_entry.id   3Q69 
# 
_audit_conform.dict_name       mmcif_pdbx.dic 
_audit_conform.dict_version    5.398 
_audit_conform.dict_location   http://mmcif.pdb.org/dictionaries/ascii/mmcif_pdbx.dic 
# 
loop_
_database_2.database_id 
_database_2.database_code 
_database_2.pdbx_database_accession 
_database_2.pdbx_DOI 
PDB   3Q69         pdb_00003q69 10.2210/pdb3q69/pdb 
RCSB  RCSB063246   ?            ?                   
WWPDB D_1000063246 ?            ?                   
# 
loop_
_pdbx_audit_revision_history.ordinal 
_pdbx_audit_revision_history.data_content_type 
_pdbx_audit_revision_history.major_revision 
_pdbx_audit_revision_history.minor_revision 
_pdbx_audit_revision_history.revision_date 
1 'Structure model' 1 0 2011-04-06 
2 'Structure model' 1 1 2011-07-13 
3 'Structure model' 1 2 2012-02-22 
4 'Structure model' 1 3 2024-11-06 
# 
_pdbx_audit_revision_details.ordinal             1 
_pdbx_audit_revision_details.revision_ordinal    1 
_pdbx_audit_revision_details.data_content_type   'Structure model' 
_pdbx_audit_revision_details.provider            repository 
_pdbx_audit_revision_details.type                'Initial release' 
_pdbx_audit_revision_details.description         ? 
_pdbx_audit_revision_details.details             ? 
# 
loop_
_pdbx_audit_revision_group.ordinal 
_pdbx_audit_revision_group.revision_ordinal 
_pdbx_audit_revision_group.data_content_type 
_pdbx_audit_revision_group.group 
1 2 'Structure model' 'Version format compliance' 
2 3 'Structure model' 'Structure summary'         
3 4 'Structure model' 'Data collection'           
4 4 'Structure model' 'Database references'       
5 4 'Structure model' 'Derived calculations'      
6 4 'Structure model' 'Structure summary'         
# 
loop_
_pdbx_audit_revision_category.ordinal 
_pdbx_audit_revision_category.revision_ordinal 
_pdbx_audit_revision_category.data_content_type 
_pdbx_audit_revision_category.category 
1 4 'Structure model' chem_comp_atom            
2 4 'Structure model' chem_comp_bond            
3 4 'Structure model' database_2                
4 4 'Structure model' pdbx_entry_details        
5 4 'Structure model' pdbx_modification_feature 
6 4 'Structure model' struct_conn               
7 4 'Structure model' struct_ref_seq_dif        
# 
loop_
_pdbx_audit_revision_item.ordinal 
_pdbx_audit_revision_item.revision_ordinal 
_pdbx_audit_revision_item.data_content_type 
_pdbx_audit_revision_item.item 
1 4 'Structure model' '_database_2.pdbx_DOI'                
2 4 'Structure model' '_database_2.pdbx_database_accession' 
3 4 'Structure model' '_struct_conn.pdbx_leaving_atom_flag' 
4 4 'Structure model' '_struct_ref_seq_dif.details'         
# 
_pdbx_database_status.status_code                     REL 
_pdbx_database_status.entry_id                        3Q69 
_pdbx_database_status.recvd_initial_deposition_date   2010-12-31 
_pdbx_database_status.deposit_site                    RCSB 
_pdbx_database_status.process_site                    RCSB 
_pdbx_database_status.status_code_sf                  REL 
_pdbx_database_status.status_code_mr                  ? 
_pdbx_database_status.SG_entry                        Y 
_pdbx_database_status.status_code_cs                  ? 
_pdbx_database_status.pdb_format_compatible           Y 
_pdbx_database_status.status_code_nmr_data            ? 
_pdbx_database_status.methods_development_category    ? 
# 
_pdbx_database_related.db_name        TargetDB 
_pdbx_database_related.db_id          LaR80A 
_pdbx_database_related.details        . 
_pdbx_database_related.content_type   unspecified 
# 
loop_
_audit_author.name 
_audit_author.pdbx_ordinal 
'Seetharaman, J.'                                 1  
'Lew, S.'                                         2  
'Forouhar, F.'                                    3  
'Wang, D.'                                        4  
'Ciccosanti, C.'                                  5  
'Sahdev, S.'                                      6  
'Nair, R.'                                        7  
'Rost, B.'                                        8  
'Acton, T.B.'                                     9  
'Xiao, R.'                                        10 
'Everett, J.K.'                                   11 
'Montelione, G.T.'                                12 
'Tong, L.'                                        13 
'Hunt, J.F.'                                      14 
'Northeast Structural Genomics Consortium (NESG)' 15 
# 
_citation.id                        primary 
_citation.title                     
;X-ray crystal structure of a MucBP domain of the protein LBA1460 from Lactobacillus acidophilus, Northeast structural genomics consortium target LaR80A
;
_citation.journal_abbrev            'To be Published' 
_citation.journal_volume            ? 
_citation.page_first                ? 
_citation.page_last                 ? 
_citation.year                      ? 
_citation.journal_id_ASTM           ? 
_citation.country                   ? 
_citation.journal_id_ISSN           ? 
_citation.journal_id_CSD            0353 
_citation.book_publisher            ? 
_citation.pdbx_database_id_PubMed   ? 
_citation.pdbx_database_id_DOI      ? 
# 
loop_
_citation_author.citation_id 
_citation_author.name 
_citation_author.ordinal 
_citation_author.identifier_ORCID 
primary 'Seetharaman, J.'  1  ? 
primary 'Lew, S.'          2  ? 
primary 'Forouhar, F.'     3  ? 
primary 'Wang, D.'         4  ? 
primary 'Ciccosanti, C.'   5  ? 
primary 'Sahdev, S.'       6  ? 
primary 'Nair, R.'         7  ? 
primary 'Rost, B.'         8  ? 
primary 'Acton, T.B.'      9  ? 
primary 'Xiao, R.'         10 ? 
primary 'Everett, J.K.'    11 ? 
primary 'Montelione, G.T.' 12 ? 
primary 'Tong, L.'         13 ? 
primary 'Hunt, J.F.'       14 ? 
# 
loop_
_entity.id 
_entity.type 
_entity.src_method 
_entity.pdbx_description 
_entity.formula_weight 
_entity.pdbx_number_of_molecules 
_entity.pdbx_ec 
_entity.pdbx_mutation 
_entity.pdbx_fragment 
_entity.details 
1 polymer man 'probable Zn binding protein' 14093.363 1  ? ? ? ? 
2 water   nat water                         18.015    63 ? ? ? ? 
# 
_entity_name_com.entity_id   1 
_entity_name_com.name        'Putative mucus binding protein' 
# 
_entity_poly.entity_id                      1 
_entity_poly.type                           'polypeptide(L)' 
_entity_poly.nstd_linkage                   no 
_entity_poly.nstd_monomer                   yes 
_entity_poly.pdbx_seq_one_letter_code       
;(MSE)IEPIKRTQVVTQTIHYRYEDGAVAHDDHVVSLIFTQSGKRDLTNGKEIWDSKWSLTQTFEALPSPVIIGYTADKP
(MSE)VGPDEVTVDSKNFLDKQNREETVIYSANTITQNKKDGLEHHHHHH
;
_entity_poly.pdbx_seq_one_letter_code_can   
;MIEPIKRTQVVTQTIHYRYEDGAVAHDDHVVSLIFTQSGKRDLTNGKEIWDSKWSLTQTFEALPSPVIIGYTADKPMVGP
DEVTVDSKNFLDKQNREETVIYSANTITQNKKDGLEHHHHHH
;
_entity_poly.pdbx_strand_id                 A 
_entity_poly.pdbx_target_identifier         LaR80A 
# 
_pdbx_entity_nonpoly.entity_id   2 
_pdbx_entity_nonpoly.name        water 
_pdbx_entity_nonpoly.comp_id     HOH 
# 
loop_
_entity_poly_seq.entity_id 
_entity_poly_seq.num 
_entity_poly_seq.mon_id 
_entity_poly_seq.hetero 
1 1   MSE n 
1 2   ILE n 
1 3   GLU n 
1 4   PRO n 
1 5   ILE n 
1 6   LYS n 
1 7   ARG n 
1 8   THR n 
1 9   GLN n 
1 10  VAL n 
1 11  VAL n 
1 12  THR n 
1 13  GLN n 
1 14  THR n 
1 15  ILE n 
1 16  HIS n 
1 17  TYR n 
1 18  ARG n 
1 19  TYR n 
1 20  GLU n 
1 21  ASP n 
1 22  GLY n 
1 23  ALA n 
1 24  VAL n 
1 25  ALA n 
1 26  HIS n 
1 27  ASP n 
1 28  ASP n 
1 29  HIS n 
1 30  VAL n 
1 31  VAL n 
1 32  SER n 
1 33  LEU n 
1 34  ILE n 
1 35  PHE n 
1 36  THR n 
1 37  GLN n 
1 38  SER n 
1 39  GLY n 
1 40  LYS n 
1 41  ARG n 
1 42  ASP n 
1 43  LEU n 
1 44  THR n 
1 45  ASN n 
1 46  GLY n 
1 47  LYS n 
1 48  GLU n 
1 49  ILE n 
1 50  TRP n 
1 51  ASP n 
1 52  SER n 
1 53  LYS n 
1 54  TRP n 
1 55  SER n 
1 56  LEU n 
1 57  THR n 
1 58  GLN n 
1 59  THR n 
1 60  PHE n 
1 61  GLU n 
1 62  ALA n 
1 63  LEU n 
1 64  PRO n 
1 65  SER n 
1 66  PRO n 
1 67  VAL n 
1 68  ILE n 
1 69  ILE n 
1 70  GLY n 
1 71  TYR n 
1 72  THR n 
1 73  ALA n 
1 74  ASP n 
1 75  LYS n 
1 76  PRO n 
1 77  MSE n 
1 78  VAL n 
1 79  GLY n 
1 80  PRO n 
1 81  ASP n 
1 82  GLU n 
1 83  VAL n 
1 84  THR n 
1 85  VAL n 
1 86  ASP n 
1 87  SER n 
1 88  LYS n 
1 89  ASN n 
1 90  PHE n 
1 91  LEU n 
1 92  ASP n 
1 93  LYS n 
1 94  GLN n 
1 95  ASN n 
1 96  ARG n 
1 97  GLU n 
1 98  GLU n 
1 99  THR n 
1 100 VAL n 
1 101 ILE n 
1 102 TYR n 
1 103 SER n 
1 104 ALA n 
1 105 ASN n 
1 106 THR n 
1 107 ILE n 
1 108 THR n 
1 109 GLN n 
1 110 ASN n 
1 111 LYS n 
1 112 LYS n 
1 113 ASP n 
1 114 GLY n 
1 115 LEU n 
1 116 GLU n 
1 117 HIS n 
1 118 HIS n 
1 119 HIS n 
1 120 HIS n 
1 121 HIS n 
1 122 HIS n 
# 
_entity_src_gen.entity_id                          1 
_entity_src_gen.pdbx_src_id                        1 
_entity_src_gen.pdbx_alt_source_flag               sample 
_entity_src_gen.pdbx_seq_type                      ? 
_entity_src_gen.pdbx_beg_seq_num                   ? 
_entity_src_gen.pdbx_end_seq_num                   ? 
_entity_src_gen.gene_src_common_name               ? 
_entity_src_gen.gene_src_genus                     ? 
_entity_src_gen.pdbx_gene_src_gene                 LBA1460 
_entity_src_gen.gene_src_species                   ? 
_entity_src_gen.gene_src_strain                    ? 
_entity_src_gen.gene_src_tissue                    ? 
_entity_src_gen.gene_src_tissue_fraction           ? 
_entity_src_gen.gene_src_details                   ? 
_entity_src_gen.pdbx_gene_src_fragment             ? 
_entity_src_gen.pdbx_gene_src_scientific_name      'Lactobacillus acidophilus' 
_entity_src_gen.pdbx_gene_src_ncbi_taxonomy_id     1579 
_entity_src_gen.pdbx_gene_src_variant              ? 
_entity_src_gen.pdbx_gene_src_cell_line            ? 
_entity_src_gen.pdbx_gene_src_atcc                 ? 
_entity_src_gen.pdbx_gene_src_organ                ? 
_entity_src_gen.pdbx_gene_src_organelle            ? 
_entity_src_gen.pdbx_gene_src_cell                 ? 
_entity_src_gen.pdbx_gene_src_cellular_location    ? 
_entity_src_gen.host_org_common_name               ? 
_entity_src_gen.pdbx_host_org_scientific_name      ? 
_entity_src_gen.pdbx_host_org_ncbi_taxonomy_id     ? 
_entity_src_gen.host_org_genus                     ? 
_entity_src_gen.pdbx_host_org_gene                 ? 
_entity_src_gen.pdbx_host_org_organ                ? 
_entity_src_gen.host_org_species                   ? 
_entity_src_gen.pdbx_host_org_tissue               ? 
_entity_src_gen.pdbx_host_org_tissue_fraction      ? 
_entity_src_gen.pdbx_host_org_strain               ? 
_entity_src_gen.pdbx_host_org_variant              ? 
_entity_src_gen.pdbx_host_org_cell_line            ? 
_entity_src_gen.pdbx_host_org_atcc                 ? 
_entity_src_gen.pdbx_host_org_culture_collection   ? 
_entity_src_gen.pdbx_host_org_cell                 ? 
_entity_src_gen.pdbx_host_org_organelle            ? 
_entity_src_gen.pdbx_host_org_cellular_location    ? 
_entity_src_gen.pdbx_host_org_vector_type          ? 
_entity_src_gen.pdbx_host_org_vector               ? 
_entity_src_gen.host_org_details                   ? 
_entity_src_gen.expression_system_id               ? 
_entity_src_gen.plasmid_name                       ? 
_entity_src_gen.plasmid_details                    ? 
_entity_src_gen.pdbx_description                   ? 
# 
loop_
_chem_comp.id 
_chem_comp.type 
_chem_comp.mon_nstd_flag 
_chem_comp.name 
_chem_comp.pdbx_synonyms 
_chem_comp.formula 
_chem_comp.formula_weight 
ALA 'L-peptide linking' y ALANINE          ? 'C3 H7 N O2'     89.093  
ARG 'L-peptide linking' y ARGININE         ? 'C6 H15 N4 O2 1' 175.209 
ASN 'L-peptide linking' y ASPARAGINE       ? 'C4 H8 N2 O3'    132.118 
ASP 'L-peptide linking' y 'ASPARTIC ACID'  ? 'C4 H7 N O4'     133.103 
GLN 'L-peptide linking' y GLUTAMINE        ? 'C5 H10 N2 O3'   146.144 
GLU 'L-peptide linking' y 'GLUTAMIC ACID'  ? 'C5 H9 N O4'     147.129 
GLY 'peptide linking'   y GLYCINE          ? 'C2 H5 N O2'     75.067  
HIS 'L-peptide linking' y HISTIDINE        ? 'C6 H10 N3 O2 1' 156.162 
HOH non-polymer         . WATER            ? 'H2 O'           18.015  
ILE 'L-peptide linking' y ISOLEUCINE       ? 'C6 H13 N O2'    131.173 
LEU 'L-peptide linking' y LEUCINE          ? 'C6 H13 N O2'    131.173 
LYS 'L-peptide linking' y LYSINE           ? 'C6 H15 N2 O2 1' 147.195 
MSE 'L-peptide linking' n SELENOMETHIONINE ? 'C5 H11 N O2 Se' 196.106 
PHE 'L-peptide linking' y PHENYLALANINE    ? 'C9 H11 N O2'    165.189 
PRO 'L-peptide linking' y PROLINE          ? 'C5 H9 N O2'     115.130 
SER 'L-peptide linking' y SERINE           ? 'C3 H7 N O3'     105.093 
THR 'L-peptide linking' y THREONINE        ? 'C4 H9 N O3'     119.119 
TRP 'L-peptide linking' y TRYPTOPHAN       ? 'C11 H12 N2 O2'  204.225 
TYR 'L-peptide linking' y TYROSINE         ? 'C9 H11 N O3'    181.189 
VAL 'L-peptide linking' y VALINE           ? 'C5 H11 N O2'    117.146 
# 
loop_
_pdbx_poly_seq_scheme.asym_id 
_pdbx_poly_seq_scheme.entity_id 
_pdbx_poly_seq_scheme.seq_id 
_pdbx_poly_seq_scheme.mon_id 
_pdbx_poly_seq_scheme.ndb_seq_num 
_pdbx_poly_seq_scheme.pdb_seq_num 
_pdbx_poly_seq_scheme.auth_seq_num 
_pdbx_poly_seq_scheme.pdb_mon_id 
_pdbx_poly_seq_scheme.auth_mon_id 
_pdbx_poly_seq_scheme.pdb_strand_id 
_pdbx_poly_seq_scheme.pdb_ins_code 
_pdbx_poly_seq_scheme.hetero 
A 1 1   MSE 1   1   1   MSE MSE A . n 
A 1 2   ILE 2   2   2   ILE ILE A . n 
A 1 3   GLU 3   3   3   GLU GLU A . n 
A 1 4   PRO 4   4   4   PRO PRO A . n 
A 1 5   ILE 5   5   5   ILE ILE A . n 
A 1 6   LYS 6   6   6   LYS LYS A . n 
A 1 7   ARG 7   7   7   ARG ARG A . n 
A 1 8   THR 8   8   8   THR THR A . n 
A 1 9   GLN 9   9   9   GLN GLN A . n 
A 1 10  VAL 10  10  10  VAL VAL A . n 
A 1 11  VAL 11  11  11  VAL VAL A . n 
A 1 12  THR 12  12  12  THR THR A . n 
A 1 13  GLN 13  13  13  GLN GLN A . n 
A 1 14  THR 14  14  14  THR THR A . n 
A 1 15  ILE 15  15  15  ILE ILE A . n 
A 1 16  HIS 16  16  16  HIS HIS A . n 
A 1 17  TYR 17  17  17  TYR TYR A . n 
A 1 18  ARG 18  18  18  ARG ARG A . n 
A 1 19  TYR 19  19  19  TYR TYR A . n 
A 1 20  GLU 20  20  20  GLU GLU A . n 
A 1 21  ASP 21  21  21  ASP ASP A . n 
A 1 22  GLY 22  22  22  GLY GLY A . n 
A 1 23  ALA 23  23  23  ALA ALA A . n 
A 1 24  VAL 24  24  24  VAL VAL A . n 
A 1 25  ALA 25  25  25  ALA ALA A . n 
A 1 26  HIS 26  26  26  HIS HIS A . n 
A 1 27  ASP 27  27  27  ASP ASP A . n 
A 1 28  ASP 28  28  28  ASP ASP A . n 
A 1 29  HIS 29  29  29  HIS HIS A . n 
A 1 30  VAL 30  30  30  VAL VAL A . n 
A 1 31  VAL 31  31  31  VAL VAL A . n 
A 1 32  SER 32  32  32  SER SER A . n 
A 1 33  LEU 33  33  33  LEU LEU A . n 
A 1 34  ILE 34  34  34  ILE ILE A . n 
A 1 35  PHE 35  35  35  PHE PHE A . n 
A 1 36  THR 36  36  36  THR THR A . n 
A 1 37  GLN 37  37  37  GLN GLN A . n 
A 1 38  SER 38  38  38  SER SER A . n 
A 1 39  GLY 39  39  39  GLY GLY A . n 
A 1 40  LYS 40  40  40  LYS LYS A . n 
A 1 41  ARG 41  41  41  ARG ARG A . n 
A 1 42  ASP 42  42  42  ASP ASP A . n 
A 1 43  LEU 43  43  43  LEU LEU A . n 
A 1 44  THR 44  44  44  THR THR A . n 
A 1 45  ASN 45  45  45  ASN ASN A . n 
A 1 46  GLY 46  46  46  GLY GLY A . n 
A 1 47  LYS 47  47  47  LYS LYS A . n 
A 1 48  GLU 48  48  48  GLU GLU A . n 
A 1 49  ILE 49  49  49  ILE ILE A . n 
A 1 50  TRP 50  50  50  TRP TRP A . n 
A 1 51  ASP 51  51  51  ASP ASP A . n 
A 1 52  SER 52  52  52  SER SER A . n 
A 1 53  LYS 53  53  53  LYS LYS A . n 
A 1 54  TRP 54  54  54  TRP TRP A . n 
A 1 55  SER 55  55  55  SER SER A . n 
A 1 56  LEU 56  56  56  LEU LEU A . n 
A 1 57  THR 57  57  57  THR THR A . n 
A 1 58  GLN 58  58  58  GLN GLN A . n 
A 1 59  THR 59  59  59  THR THR A . n 
A 1 60  PHE 60  60  60  PHE PHE A . n 
A 1 61  GLU 61  61  61  GLU GLU A . n 
A 1 62  ALA 62  62  62  ALA ALA A . n 
A 1 63  LEU 63  63  63  LEU LEU A . n 
A 1 64  PRO 64  64  64  PRO PRO A . n 
A 1 65  SER 65  65  65  SER SER A . n 
A 1 66  PRO 66  66  66  PRO PRO A . n 
A 1 67  VAL 67  67  67  VAL VAL A . n 
A 1 68  ILE 68  68  68  ILE ILE A . n 
A 1 69  ILE 69  69  69  ILE ILE A . n 
A 1 70  GLY 70  70  70  GLY GLY A . n 
A 1 71  TYR 71  71  71  TYR TYR A . n 
A 1 72  THR 72  72  72  THR THR A . n 
A 1 73  ALA 73  73  73  ALA ALA A . n 
A 1 74  ASP 74  74  74  ASP ASP A . n 
A 1 75  LYS 75  75  75  LYS LYS A . n 
A 1 76  PRO 76  76  76  PRO PRO A . n 
A 1 77  MSE 77  77  77  MSE MSE A . n 
A 1 78  VAL 78  78  78  VAL VAL A . n 
A 1 79  GLY 79  79  79  GLY GLY A . n 
A 1 80  PRO 80  80  80  PRO PRO A . n 
A 1 81  ASP 81  81  81  ASP ASP A . n 
A 1 82  GLU 82  82  82  GLU GLU A . n 
A 1 83  VAL 83  83  83  VAL VAL A . n 
A 1 84  THR 84  84  84  THR THR A . n 
A 1 85  VAL 85  85  85  VAL VAL A . n 
A 1 86  ASP 86  86  86  ASP ASP A . n 
A 1 87  SER 87  87  87  SER SER A . n 
A 1 88  LYS 88  88  88  LYS LYS A . n 
A 1 89  ASN 89  89  89  ASN ASN A . n 
A 1 90  PHE 90  90  90  PHE PHE A . n 
A 1 91  LEU 91  91  91  LEU LEU A . n 
A 1 92  ASP 92  92  92  ASP ASP A . n 
A 1 93  LYS 93  93  93  LYS LYS A . n 
A 1 94  GLN 94  94  94  GLN GLN A . n 
A 1 95  ASN 95  95  95  ASN ASN A . n 
A 1 96  ARG 96  96  96  ARG ARG A . n 
A 1 97  GLU 97  97  97  GLU GLU A . n 
A 1 98  GLU 98  98  98  GLU GLU A . n 
A 1 99  THR 99  99  99  THR THR A . n 
A 1 100 VAL 100 100 100 VAL VAL A . n 
A 1 101 ILE 101 101 101 ILE ILE A . n 
A 1 102 TYR 102 102 102 TYR TYR A . n 
A 1 103 SER 103 103 103 SER SER A . n 
A 1 104 ALA 104 104 104 ALA ALA A . n 
A 1 105 ASN 105 105 105 ASN ASN A . n 
A 1 106 THR 106 106 ?   ?   ?   A . n 
A 1 107 ILE 107 107 ?   ?   ?   A . n 
A 1 108 THR 108 108 ?   ?   ?   A . n 
A 1 109 GLN 109 109 ?   ?   ?   A . n 
A 1 110 ASN 110 110 ?   ?   ?   A . n 
A 1 111 LYS 111 111 ?   ?   ?   A . n 
A 1 112 LYS 112 112 ?   ?   ?   A . n 
A 1 113 ASP 113 113 ?   ?   ?   A . n 
A 1 114 GLY 114 114 ?   ?   ?   A . n 
A 1 115 LEU 115 115 ?   ?   ?   A . n 
A 1 116 GLU 116 116 ?   ?   ?   A . n 
A 1 117 HIS 117 117 ?   ?   ?   A . n 
A 1 118 HIS 118 118 ?   ?   ?   A . n 
A 1 119 HIS 119 119 ?   ?   ?   A . n 
A 1 120 HIS 120 120 ?   ?   ?   A . n 
A 1 121 HIS 121 121 ?   ?   ?   A . n 
A 1 122 HIS 122 122 ?   ?   ?   A . n 
# 
loop_
_pdbx_nonpoly_scheme.asym_id 
_pdbx_nonpoly_scheme.entity_id 
_pdbx_nonpoly_scheme.mon_id 
_pdbx_nonpoly_scheme.ndb_seq_num 
_pdbx_nonpoly_scheme.pdb_seq_num 
_pdbx_nonpoly_scheme.auth_seq_num 
_pdbx_nonpoly_scheme.pdb_mon_id 
_pdbx_nonpoly_scheme.auth_mon_id 
_pdbx_nonpoly_scheme.pdb_strand_id 
_pdbx_nonpoly_scheme.pdb_ins_code 
B 2 HOH 1  201 201 HOH HOH A . 
B 2 HOH 2  202 202 HOH HOH A . 
B 2 HOH 3  203 203 HOH HOH A . 
B 2 HOH 4  204 204 HOH HOH A . 
B 2 HOH 5  205 205 HOH HOH A . 
B 2 HOH 6  206 206 HOH HOH A . 
B 2 HOH 7  207 207 HOH HOH A . 
B 2 HOH 8  208 208 HOH HOH A . 
B 2 HOH 9  209 209 HOH HOH A . 
B 2 HOH 10 210 210 HOH HOH A . 
B 2 HOH 11 211 211 HOH HOH A . 
B 2 HOH 12 212 212 HOH HOH A . 
B 2 HOH 13 213 213 HOH HOH A . 
B 2 HOH 14 214 214 HOH HOH A . 
B 2 HOH 15 215 215 HOH HOH A . 
B 2 HOH 16 216 216 HOH HOH A . 
B 2 HOH 17 217 217 HOH HOH A . 
B 2 HOH 18 218 218 HOH HOH A . 
B 2 HOH 19 219 219 HOH HOH A . 
B 2 HOH 20 220 220 HOH HOH A . 
B 2 HOH 21 221 221 HOH HOH A . 
B 2 HOH 22 222 222 HOH HOH A . 
B 2 HOH 23 223 223 HOH HOH A . 
B 2 HOH 24 224 224 HOH HOH A . 
B 2 HOH 25 225 225 HOH HOH A . 
B 2 HOH 26 226 226 HOH HOH A . 
B 2 HOH 27 227 227 HOH HOH A . 
B 2 HOH 28 228 228 HOH HOH A . 
B 2 HOH 29 229 229 HOH HOH A . 
B 2 HOH 30 230 230 HOH HOH A . 
B 2 HOH 31 231 231 HOH HOH A . 
B 2 HOH 32 232 232 HOH HOH A . 
B 2 HOH 33 233 233 HOH HOH A . 
B 2 HOH 34 234 234 HOH HOH A . 
B 2 HOH 35 235 235 HOH HOH A . 
B 2 HOH 36 236 236 HOH HOH A . 
B 2 HOH 37 237 237 HOH HOH A . 
B 2 HOH 38 238 238 HOH HOH A . 
B 2 HOH 39 239 239 HOH HOH A . 
B 2 HOH 40 240 240 HOH HOH A . 
B 2 HOH 41 241 241 HOH HOH A . 
B 2 HOH 42 242 242 HOH HOH A . 
B 2 HOH 43 243 243 HOH HOH A . 
B 2 HOH 44 244 244 HOH HOH A . 
B 2 HOH 45 245 245 HOH HOH A . 
B 2 HOH 46 246 246 HOH HOH A . 
B 2 HOH 47 247 247 HOH HOH A . 
B 2 HOH 48 248 248 HOH HOH A . 
B 2 HOH 49 249 249 HOH HOH A . 
B 2 HOH 50 250 250 HOH HOH A . 
B 2 HOH 51 251 251 HOH HOH A . 
B 2 HOH 52 252 252 HOH HOH A . 
B 2 HOH 53 253 253 HOH HOH A . 
B 2 HOH 54 254 254 HOH HOH A . 
B 2 HOH 55 255 255 HOH HOH A . 
B 2 HOH 56 256 256 HOH HOH A . 
B 2 HOH 57 257 257 HOH HOH A . 
B 2 HOH 58 258 258 HOH HOH A . 
B 2 HOH 59 259 259 HOH HOH A . 
B 2 HOH 60 260 260 HOH HOH A . 
B 2 HOH 61 261 261 HOH HOH A . 
B 2 HOH 62 262 262 HOH HOH A . 
B 2 HOH 63 263 263 HOH HOH A . 
# 
loop_
_software.name 
_software.classification 
_software.version 
_software.citation_id 
_software.pdbx_ordinal 
ADSC     'data collection' Quantum ? 1 
SOLVE    phasing           .       ? 2 
CNS      refinement        1.2     ? 3 
HKL-2000 'data reduction'  .       ? 4 
HKL-2000 'data scaling'    .       ? 5 
# 
_cell.entry_id           3Q69 
_cell.length_a           61.789 
_cell.length_b           24.855 
_cell.length_c           83.363 
_cell.angle_alpha        90.00 
_cell.angle_beta         108.53 
_cell.angle_gamma        90.00 
_cell.Z_PDB              4 
_cell.pdbx_unique_axis   ? 
_cell.length_a_esd       ? 
_cell.length_b_esd       ? 
_cell.length_c_esd       ? 
_cell.angle_alpha_esd    ? 
_cell.angle_beta_esd     ? 
_cell.angle_gamma_esd    ? 
# 
_symmetry.entry_id                         3Q69 
_symmetry.space_group_name_H-M             'C 1 2 1' 
_symmetry.pdbx_full_space_group_name_H-M   ? 
_symmetry.cell_setting                     ? 
_symmetry.Int_Tables_number                5 
_symmetry.space_group_name_Hall            ? 
# 
_exptl.entry_id          3Q69 
_exptl.method            'X-RAY DIFFRACTION' 
_exptl.crystals_number   1 
# 
_exptl_crystal.id                    1 
_exptl_crystal.density_meas          ? 
_exptl_crystal.density_Matthews      2.15 
_exptl_crystal.density_percent_sol   42.88 
_exptl_crystal.description           ? 
_exptl_crystal.F_000                 ? 
_exptl_crystal.preparation           ? 
# 
_exptl_crystal_grow.crystal_id      1 
_exptl_crystal_grow.method          'VAPOR DIFFUSION, HANGING DROP' 
_exptl_crystal_grow.temp            293 
_exptl_crystal_grow.temp_details    ? 
_exptl_crystal_grow.pH              7 
_exptl_crystal_grow.pdbx_details    
'20% PEG 3350, .1M KBr    .1M Bis Tris Propane pH 7, VAPOR DIFFUSION, HANGING DROP, temperature 293K' 
_exptl_crystal_grow.pdbx_pH_range   ? 
# 
_diffrn.id                     1 
_diffrn.ambient_temp           100 
_diffrn.ambient_temp_details   ? 
_diffrn.crystal_id             1 
# 
_diffrn_detector.diffrn_id              1 
_diffrn_detector.detector               CCD 
_diffrn_detector.type                   'ADSC QUANTUM 4' 
_diffrn_detector.pdbx_collection_date   2010-10-23 
_diffrn_detector.details                ? 
# 
_diffrn_radiation.diffrn_id                        1 
_diffrn_radiation.wavelength_id                    1 
_diffrn_radiation.pdbx_monochromatic_or_laue_m_l   M 
_diffrn_radiation.monochromator                    ? 
_diffrn_radiation.pdbx_diffrn_protocol             'SINGLE WAVELENGTH' 
_diffrn_radiation.pdbx_scattering_type             x-ray 
# 
_diffrn_radiation_wavelength.id           1 
_diffrn_radiation_wavelength.wavelength   0.979 
_diffrn_radiation_wavelength.wt           1.0 
# 
_diffrn_source.diffrn_id                   1 
_diffrn_source.source                      SYNCHROTRON 
_diffrn_source.type                        'NSLS BEAMLINE X4A' 
_diffrn_source.pdbx_synchrotron_site       NSLS 
_diffrn_source.pdbx_synchrotron_beamline   X4A 
_diffrn_source.pdbx_wavelength             ? 
_diffrn_source.pdbx_wavelength_list        0.979 
# 
_reflns.entry_id                     3Q69 
_reflns.observed_criterion_sigma_I   0 
_reflns.observed_criterion_sigma_F   0 
_reflns.d_resolution_low             50 
_reflns.d_resolution_high            2.4 
_reflns.number_obs                   9462 
_reflns.number_all                   11754 
_reflns.percent_possible_obs         98 
_reflns.pdbx_Rmerge_I_obs            0.066 
_reflns.pdbx_Rsym_value              0.063 
_reflns.pdbx_netI_over_sigmaI        ? 
_reflns.B_iso_Wilson_estimate        33.4 
_reflns.pdbx_redundancy              ? 
_reflns.R_free_details               ? 
_reflns.limit_h_max                  ? 
_reflns.limit_h_min                  ? 
_reflns.limit_k_max                  ? 
_reflns.limit_k_min                  ? 
_reflns.limit_l_max                  ? 
_reflns.limit_l_min                  ? 
_reflns.observed_criterion_F_max     ? 
_reflns.observed_criterion_F_min     ? 
_reflns.pdbx_chi_squared             ? 
_reflns.pdbx_scaling_rejects         ? 
_reflns.pdbx_ordinal                 1 
_reflns.pdbx_diffrn_id               1 
# 
_reflns_shell.d_res_high             2.40 
_reflns_shell.d_res_low              2.44 
_reflns_shell.percent_possible_all   94.6 
_reflns_shell.Rmerge_I_obs           ? 
_reflns_shell.pdbx_Rsym_value        ? 
_reflns_shell.meanI_over_sigI_obs    ? 
_reflns_shell.pdbx_redundancy        ? 
_reflns_shell.percent_possible_obs   ? 
_reflns_shell.number_unique_all      ? 
_reflns_shell.number_measured_all    ? 
_reflns_shell.number_measured_obs    ? 
_reflns_shell.number_unique_obs      ? 
_reflns_shell.pdbx_chi_squared       ? 
_reflns_shell.pdbx_ordinal           1 
_reflns_shell.pdbx_diffrn_id         1 
# 
_refine.entry_id                                 3Q69 
_refine.ls_number_reflns_obs                     8945 
_refine.ls_number_reflns_all                     ? 
_refine.pdbx_ls_sigma_I                          ? 
_refine.pdbx_ls_sigma_F                          2.0 
_refine.pdbx_data_cutoff_high_absF               937353.92 
_refine.pdbx_data_cutoff_low_absF                0.000000 
_refine.pdbx_data_cutoff_high_rms_absF           ? 
_refine.ls_d_res_low                             29.29 
_refine.ls_d_res_high                            2.40 
_refine.ls_percent_reflns_obs                    97.3 
_refine.ls_R_factor_obs                          0.234 
_refine.ls_R_factor_all                          ? 
_refine.ls_R_factor_R_work                       0.234 
_refine.ls_R_factor_R_free                       0.292 
_refine.ls_R_factor_R_free_error                 0.010 
_refine.ls_R_factor_R_free_error_details         ? 
_refine.ls_percent_reflns_R_free                 9.3 
_refine.ls_number_reflns_R_free                  835 
_refine.ls_number_parameters                     ? 
_refine.ls_number_restraints                     ? 
_refine.occupancy_min                            ? 
_refine.occupancy_max                            ? 
_refine.correlation_coeff_Fo_to_Fc               ? 
_refine.correlation_coeff_Fo_to_Fc_free          ? 
_refine.B_iso_mean                               25.4 
_refine.aniso_B[1][1]                            -5.87 
_refine.aniso_B[2][2]                            13.81 
_refine.aniso_B[3][3]                            -7.94 
_refine.aniso_B[1][2]                            0.00 
_refine.aniso_B[1][3]                            1.05 
_refine.aniso_B[2][3]                            0.00 
_refine.solvent_model_details                    'FLAT MODEL' 
_refine.solvent_model_param_ksol                 0.4 
_refine.solvent_model_param_bsol                 40.5739 
_refine.pdbx_solvent_vdw_probe_radii             ? 
_refine.pdbx_solvent_ion_probe_radii             ? 
_refine.pdbx_solvent_shrinkage_radii             ? 
_refine.pdbx_ls_cross_valid_method               THROUGHOUT 
_refine.details                                  'BULK SOLVENT MODEL USED' 
_refine.pdbx_starting_model                      ? 
_refine.pdbx_method_to_determine_struct          SAD 
_refine.pdbx_isotropic_thermal_model             RESTRAINED 
_refine.pdbx_stereochemistry_target_values       'Engh & Huber' 
_refine.pdbx_stereochem_target_val_spec_case     ? 
_refine.pdbx_R_Free_selection_details            RANDOM 
_refine.pdbx_overall_ESU_R_Free                  ? 
_refine.overall_SU_ML                            ? 
_refine.overall_SU_B                             ? 
_refine.overall_SU_R_Cruickshank_DPI             ? 
_refine.ls_redundancy_reflns_obs                 ? 
_refine.B_iso_min                                ? 
_refine.B_iso_max                                ? 
_refine.overall_SU_R_free                        ? 
_refine.ls_wR_factor_R_free                      ? 
_refine.ls_wR_factor_R_work                      ? 
_refine.overall_FOM_free_R_set                   ? 
_refine.overall_FOM_work_R_set                   ? 
_refine.pdbx_overall_phase_error                 ? 
_refine.pdbx_refine_id                           'X-RAY DIFFRACTION' 
_refine.pdbx_overall_ESU_R                       ? 
_refine.pdbx_diffrn_id                           1 
_refine.pdbx_TLS_residual_ADP_flag               ? 
_refine.pdbx_overall_SU_R_free_Cruickshank_DPI   ? 
_refine.pdbx_overall_SU_R_Blow_DPI               ? 
_refine.pdbx_overall_SU_R_free_Blow_DPI          ? 
# 
_refine_analyze.entry_id                        3Q69 
_refine_analyze.Luzzati_coordinate_error_obs    0.32 
_refine_analyze.Luzzati_sigma_a_obs             0.26 
_refine_analyze.Luzzati_d_res_low_obs           5.00 
_refine_analyze.Luzzati_coordinate_error_free   0.44 
_refine_analyze.Luzzati_sigma_a_free            0.38 
_refine_analyze.Luzzati_d_res_low_free          ? 
_refine_analyze.number_disordered_residues      ? 
_refine_analyze.occupancy_sum_hydrogen          ? 
_refine_analyze.occupancy_sum_non_hydrogen      ? 
_refine_analyze.pdbx_Luzzati_d_res_high_obs     ? 
_refine_analyze.pdbx_refine_id                  'X-RAY DIFFRACTION' 
# 
_refine_hist.pdbx_refine_id                   'X-RAY DIFFRACTION' 
_refine_hist.cycle_id                         LAST 
_refine_hist.pdbx_number_atoms_protein        840 
_refine_hist.pdbx_number_atoms_nucleic_acid   0 
_refine_hist.pdbx_number_atoms_ligand         0 
_refine_hist.number_atoms_solvent             63 
_refine_hist.number_atoms_total               903 
_refine_hist.d_res_high                       2.40 
_refine_hist.d_res_low                        29.29 
# 
loop_
_refine_ls_restr.type 
_refine_ls_restr.dev_ideal 
_refine_ls_restr.dev_ideal_target 
_refine_ls_restr.weight 
_refine_ls_restr.number 
_refine_ls_restr.pdbx_refine_id 
_refine_ls_restr.pdbx_restraint_function 
c_bond_d           0.009 ? ? ? 'X-RAY DIFFRACTION' ? 
c_angle_deg        1.3   ? ? ? 'X-RAY DIFFRACTION' ? 
c_dihedral_angle_d 27.3  ? ? ? 'X-RAY DIFFRACTION' ? 
c_improper_angle_d 0.76  ? ? ? 'X-RAY DIFFRACTION' ? 
# 
_refine_ls_restr_ncs.pdbx_refine_id      'X-RAY DIFFRACTION' 
_refine_ls_restr_ncs.dom_id              1 
_refine_ls_restr_ncs.ncs_model_details   NONE 
_refine_ls_restr_ncs.rms_dev_position    ? 
_refine_ls_restr_ncs.weight_position     ? 
_refine_ls_restr_ncs.rms_dev_B_iso       ? 
_refine_ls_restr_ncs.weight_B_iso        ? 
_refine_ls_restr_ncs.pdbx_ordinal        1 
_refine_ls_restr_ncs.pdbx_type           . 
_refine_ls_restr_ncs.pdbx_auth_asym_id   . 
_refine_ls_restr_ncs.pdbx_ens_id         1 
_refine_ls_restr_ncs.pdbx_number         ? 
_refine_ls_restr_ncs.pdbx_asym_id        ? 
_refine_ls_restr_ncs.pdbx_rms            ? 
_refine_ls_restr_ncs.pdbx_weight         ? 
# 
_refine_ls_shell.pdbx_total_number_of_bins_used   6 
_refine_ls_shell.d_res_high                       2.40 
_refine_ls_shell.d_res_low                        2.55 
_refine_ls_shell.number_reflns_R_work             1328 
_refine_ls_shell.R_factor_R_work                  0.279 
_refine_ls_shell.percent_reflns_obs               95.4 
_refine_ls_shell.R_factor_R_free                  0.340 
_refine_ls_shell.R_factor_R_free_error            0.028 
_refine_ls_shell.percent_reflns_R_free            9.8 
_refine_ls_shell.number_reflns_R_free             145 
_refine_ls_shell.number_reflns_all                ? 
_refine_ls_shell.R_factor_all                     ? 
_refine_ls_shell.number_reflns_obs                ? 
_refine_ls_shell.redundancy_reflns_obs            ? 
_refine_ls_shell.pdbx_refine_id                   'X-RAY DIFFRACTION' 
# 
loop_
_pdbx_xplor_file.serial_no 
_pdbx_xplor_file.param_file 
_pdbx_xplor_file.topol_file 
_pdbx_xplor_file.pdbx_refine_id 
1 protein_rep.param protein.top 'X-RAY DIFFRACTION' 
2 water_rep.param   water.top   'X-RAY DIFFRACTION' 
3 ion.param         ion.top     'X-RAY DIFFRACTION' 
# 
_struct_ncs_dom.id            1 
_struct_ncs_dom.details       ? 
_struct_ncs_dom.pdbx_ens_id   1 
# 
_struct_ncs_ens.id        1 
_struct_ncs_ens.details   ? 
# 
_struct.entry_id                  3Q69 
_struct.title                     
;X-ray crystal structure of a MucBP domain of the protein LBA1460 from Lactobacillus acidophilus, Northeast structural genomics consortium target LaR80A
;
_struct.pdbx_model_details        ? 
_struct.pdbx_CASP_flag            ? 
_struct.pdbx_model_type_details   ? 
# 
_struct_keywords.entry_id        3Q69 
_struct_keywords.pdbx_keywords   'METAL BINDING PROTEIN' 
_struct_keywords.text            
;Structural Genomics, PSI-Biology, Protein Structure Initiative, Northeast Structural Genomics Consortium, NESG, domain family PF06458, METAL BINDING PROTEIN
;
# 
loop_
_struct_asym.id 
_struct_asym.pdbx_blank_PDB_chainid_flag 
_struct_asym.pdbx_modified 
_struct_asym.entity_id 
_struct_asym.details 
A N N 1 ? 
B N N 2 ? 
# 
_struct_ref.id                         1 
_struct_ref.db_name                    UNP 
_struct_ref.db_code                    Q5FJ43_LACAC 
_struct_ref.pdbx_db_accession          Q5FJ43 
_struct_ref.entity_id                  1 
_struct_ref.pdbx_seq_one_letter_code   
;IEPIKRTQVVTQTIHYRYEDGAVAHDDHVVSLIFTQSGKRDLTNGKEIWDSKWSLTQTFEALPSPVIIGYTADKPMVGPD
EVTVDSKNFLDKQNREETVIYSANTITQNKKDG
;
_struct_ref.pdbx_align_begin           182 
_struct_ref.pdbx_db_isoform            ? 
# 
_struct_ref_seq.align_id                      1 
_struct_ref_seq.ref_id                        1 
_struct_ref_seq.pdbx_PDB_id_code              3Q69 
_struct_ref_seq.pdbx_strand_id                A 
_struct_ref_seq.seq_align_beg                 2 
_struct_ref_seq.pdbx_seq_align_beg_ins_code   ? 
_struct_ref_seq.seq_align_end                 114 
_struct_ref_seq.pdbx_seq_align_end_ins_code   ? 
_struct_ref_seq.pdbx_db_accession             Q5FJ43 
_struct_ref_seq.db_align_beg                  182 
_struct_ref_seq.pdbx_db_align_beg_ins_code    ? 
_struct_ref_seq.db_align_end                  294 
_struct_ref_seq.pdbx_db_align_end_ins_code    ? 
_struct_ref_seq.pdbx_auth_seq_align_beg       2 
_struct_ref_seq.pdbx_auth_seq_align_end       114 
# 
loop_
_struct_ref_seq_dif.align_id 
_struct_ref_seq_dif.pdbx_pdb_id_code 
_struct_ref_seq_dif.mon_id 
_struct_ref_seq_dif.pdbx_pdb_strand_id 
_struct_ref_seq_dif.seq_num 
_struct_ref_seq_dif.pdbx_pdb_ins_code 
_struct_ref_seq_dif.pdbx_seq_db_name 
_struct_ref_seq_dif.pdbx_seq_db_accession_code 
_struct_ref_seq_dif.db_mon_id 
_struct_ref_seq_dif.pdbx_seq_db_seq_num 
_struct_ref_seq_dif.details 
_struct_ref_seq_dif.pdbx_auth_seq_num 
_struct_ref_seq_dif.pdbx_ordinal 
1 3Q69 MSE A 1   ? UNP Q5FJ43 ? ? 'expression tag' 1   1 
1 3Q69 LEU A 115 ? UNP Q5FJ43 ? ? 'expression tag' 115 2 
1 3Q69 GLU A 116 ? UNP Q5FJ43 ? ? 'expression tag' 116 3 
1 3Q69 HIS A 117 ? UNP Q5FJ43 ? ? 'expression tag' 117 4 
1 3Q69 HIS A 118 ? UNP Q5FJ43 ? ? 'expression tag' 118 5 
1 3Q69 HIS A 119 ? UNP Q5FJ43 ? ? 'expression tag' 119 6 
1 3Q69 HIS A 120 ? UNP Q5FJ43 ? ? 'expression tag' 120 7 
1 3Q69 HIS A 121 ? UNP Q5FJ43 ? ? 'expression tag' 121 8 
1 3Q69 HIS A 122 ? UNP Q5FJ43 ? ? 'expression tag' 122 9 
# 
_pdbx_struct_assembly.id                   1 
_pdbx_struct_assembly.details              author_and_software_defined_assembly 
_pdbx_struct_assembly.method_details       PISA 
_pdbx_struct_assembly.oligomeric_details   monomeric 
_pdbx_struct_assembly.oligomeric_count     1 
# 
_pdbx_struct_assembly_gen.assembly_id       1 
_pdbx_struct_assembly_gen.oper_expression   1 
_pdbx_struct_assembly_gen.asym_id_list      A,B 
# 
_pdbx_struct_oper_list.id                   1 
_pdbx_struct_oper_list.type                 'identity operation' 
_pdbx_struct_oper_list.name                 1_555 
_pdbx_struct_oper_list.symmetry_operation   x,y,z 
_pdbx_struct_oper_list.matrix[1][1]         1.0000000000 
_pdbx_struct_oper_list.matrix[1][2]         0.0000000000 
_pdbx_struct_oper_list.matrix[1][3]         0.0000000000 
_pdbx_struct_oper_list.vector[1]            0.0000000000 
_pdbx_struct_oper_list.matrix[2][1]         0.0000000000 
_pdbx_struct_oper_list.matrix[2][2]         1.0000000000 
_pdbx_struct_oper_list.matrix[2][3]         0.0000000000 
_pdbx_struct_oper_list.vector[2]            0.0000000000 
_pdbx_struct_oper_list.matrix[3][1]         0.0000000000 
_pdbx_struct_oper_list.matrix[3][2]         0.0000000000 
_pdbx_struct_oper_list.matrix[3][3]         1.0000000000 
_pdbx_struct_oper_list.vector[3]            0.0000000000 
# 
_struct_biol.id        1 
_struct_biol.details   ? 
# 
_struct_conf.conf_type_id            HELX_P 
_struct_conf.id                      HELX_P1 
_struct_conf.pdbx_PDB_helix_id       1 
_struct_conf.beg_label_comp_id       LYS 
_struct_conf.beg_label_asym_id       A 
_struct_conf.beg_label_seq_id        88 
_struct_conf.pdbx_beg_PDB_ins_code   ? 
_struct_conf.end_label_comp_id       PHE 
_struct_conf.end_label_asym_id       A 
_struct_conf.end_label_seq_id        90 
_struct_conf.pdbx_end_PDB_ins_code   ? 
_struct_conf.beg_auth_comp_id        LYS 
_struct_conf.beg_auth_asym_id        A 
_struct_conf.beg_auth_seq_id         88 
_struct_conf.end_auth_comp_id        PHE 
_struct_conf.end_auth_asym_id        A 
_struct_conf.end_auth_seq_id         90 
_struct_conf.pdbx_PDB_helix_class    5 
_struct_conf.details                 ? 
_struct_conf.pdbx_PDB_helix_length   3 
# 
_struct_conf_type.id          HELX_P 
_struct_conf_type.criteria    ? 
_struct_conf_type.reference   ? 
# 
loop_
_struct_conn.id 
_struct_conn.conn_type_id 
_struct_conn.pdbx_leaving_atom_flag 
_struct_conn.pdbx_PDB_id 
_struct_conn.ptnr1_label_asym_id 
_struct_conn.ptnr1_label_comp_id 
_struct_conn.ptnr1_label_seq_id 
_struct_conn.ptnr1_label_atom_id 
_struct_conn.pdbx_ptnr1_label_alt_id 
_struct_conn.pdbx_ptnr1_PDB_ins_code 
_struct_conn.pdbx_ptnr1_standard_comp_id 
_struct_conn.ptnr1_symmetry 
_struct_conn.ptnr2_label_asym_id 
_struct_conn.ptnr2_label_comp_id 
_struct_conn.ptnr2_label_seq_id 
_struct_conn.ptnr2_label_atom_id 
_struct_conn.pdbx_ptnr2_label_alt_id 
_struct_conn.pdbx_ptnr2_PDB_ins_code 
_struct_conn.ptnr1_auth_asym_id 
_struct_conn.ptnr1_auth_comp_id 
_struct_conn.ptnr1_auth_seq_id 
_struct_conn.ptnr2_auth_asym_id 
_struct_conn.ptnr2_auth_comp_id 
_struct_conn.ptnr2_auth_seq_id 
_struct_conn.ptnr2_symmetry 
_struct_conn.pdbx_ptnr3_label_atom_id 
_struct_conn.pdbx_ptnr3_label_seq_id 
_struct_conn.pdbx_ptnr3_label_comp_id 
_struct_conn.pdbx_ptnr3_label_asym_id 
_struct_conn.pdbx_ptnr3_label_alt_id 
_struct_conn.pdbx_ptnr3_PDB_ins_code 
_struct_conn.details 
_struct_conn.pdbx_dist_value 
_struct_conn.pdbx_value_order 
_struct_conn.pdbx_role 
covale1 covale both ? A MSE 1  C ? ? ? 1_555 A ILE 2  N ? ? A MSE 1  A ILE 2  1_555 ? ? ? ? ? ? ? 1.328 ? ? 
covale2 covale both ? A PRO 76 C ? ? ? 1_555 A MSE 77 N ? ? A PRO 76 A MSE 77 1_555 ? ? ? ? ? ? ? 1.327 ? ? 
covale3 covale both ? A MSE 77 C ? ? ? 1_555 A VAL 78 N ? ? A MSE 77 A VAL 78 1_555 ? ? ? ? ? ? ? 1.324 ? ? 
# 
_struct_conn_type.id          covale 
_struct_conn_type.criteria    ? 
_struct_conn_type.reference   ? 
# 
loop_
_pdbx_modification_feature.ordinal 
_pdbx_modification_feature.label_comp_id 
_pdbx_modification_feature.label_asym_id 
_pdbx_modification_feature.label_seq_id 
_pdbx_modification_feature.label_alt_id 
_pdbx_modification_feature.modified_residue_label_comp_id 
_pdbx_modification_feature.modified_residue_label_asym_id 
_pdbx_modification_feature.modified_residue_label_seq_id 
_pdbx_modification_feature.modified_residue_label_alt_id 
_pdbx_modification_feature.auth_comp_id 
_pdbx_modification_feature.auth_asym_id 
_pdbx_modification_feature.auth_seq_id 
_pdbx_modification_feature.PDB_ins_code 
_pdbx_modification_feature.symmetry 
_pdbx_modification_feature.modified_residue_auth_comp_id 
_pdbx_modification_feature.modified_residue_auth_asym_id 
_pdbx_modification_feature.modified_residue_auth_seq_id 
_pdbx_modification_feature.modified_residue_PDB_ins_code 
_pdbx_modification_feature.modified_residue_symmetry 
_pdbx_modification_feature.comp_id_linking_atom 
_pdbx_modification_feature.modified_residue_id_linking_atom 
_pdbx_modification_feature.modified_residue_id 
_pdbx_modification_feature.ref_pcm_id 
_pdbx_modification_feature.ref_comp_id 
_pdbx_modification_feature.type 
_pdbx_modification_feature.category 
1 MSE A 1  ? . . . . MSE A 1  ? 1_555 . . . . . . . MET 1 MSE Selenomethionine 'Named protein modification' 
2 MSE A 77 ? . . . . MSE A 77 ? 1_555 . . . . . . . MET 1 MSE Selenomethionine 'Named protein modification' 
# 
_struct_mon_prot_cis.pdbx_id                1 
_struct_mon_prot_cis.label_comp_id          GLY 
_struct_mon_prot_cis.label_seq_id           79 
_struct_mon_prot_cis.label_asym_id          A 
_struct_mon_prot_cis.label_alt_id           . 
_struct_mon_prot_cis.pdbx_PDB_ins_code      ? 
_struct_mon_prot_cis.auth_comp_id           GLY 
_struct_mon_prot_cis.auth_seq_id            79 
_struct_mon_prot_cis.auth_asym_id           A 
_struct_mon_prot_cis.pdbx_label_comp_id_2   PRO 
_struct_mon_prot_cis.pdbx_label_seq_id_2    80 
_struct_mon_prot_cis.pdbx_label_asym_id_2   A 
_struct_mon_prot_cis.pdbx_PDB_ins_code_2    ? 
_struct_mon_prot_cis.pdbx_auth_comp_id_2    PRO 
_struct_mon_prot_cis.pdbx_auth_seq_id_2     80 
_struct_mon_prot_cis.pdbx_auth_asym_id_2    A 
_struct_mon_prot_cis.pdbx_PDB_model_num     1 
_struct_mon_prot_cis.pdbx_omega_angle       0.20 
# 
loop_
_struct_sheet.id 
_struct_sheet.type 
_struct_sheet.number_strands 
_struct_sheet.details 
A ? 5 ? 
B ? 2 ? 
C ? 2 ? 
# 
loop_
_struct_sheet_order.sheet_id 
_struct_sheet_order.range_id_1 
_struct_sheet_order.range_id_2 
_struct_sheet_order.offset 
_struct_sheet_order.sense 
A 1 2 ? anti-parallel 
A 2 3 ? anti-parallel 
A 3 4 ? parallel      
A 4 5 ? anti-parallel 
B 1 2 ? anti-parallel 
C 1 2 ? anti-parallel 
# 
loop_
_struct_sheet_range.sheet_id 
_struct_sheet_range.id 
_struct_sheet_range.beg_label_comp_id 
_struct_sheet_range.beg_label_asym_id 
_struct_sheet_range.beg_label_seq_id 
_struct_sheet_range.pdbx_beg_PDB_ins_code 
_struct_sheet_range.end_label_comp_id 
_struct_sheet_range.end_label_asym_id 
_struct_sheet_range.end_label_seq_id 
_struct_sheet_range.pdbx_end_PDB_ins_code 
_struct_sheet_range.beg_auth_comp_id 
_struct_sheet_range.beg_auth_asym_id 
_struct_sheet_range.beg_auth_seq_id 
_struct_sheet_range.end_auth_comp_id 
_struct_sheet_range.end_auth_asym_id 
_struct_sheet_range.end_auth_seq_id 
A 1 GLU A 48 ? ILE A 49  ? GLU A 48 ILE A 49  
A 2 VAL A 24 ? ASP A 42  ? VAL A 24 ASP A 42  
A 3 ILE A 2  ? TYR A 19  ? ILE A 2  TYR A 19  
A 4 ARG A 96 ? ALA A 104 ? ARG A 96 ALA A 104 
A 5 TYR A 71 ? ALA A 73  ? TYR A 71 ALA A 73  
B 1 SER A 55 ? PHE A 60  ? SER A 55 PHE A 60  
B 2 ASP A 81 ? ASP A 86  ? ASP A 81 ASP A 86  
C 1 LEU A 63 ? PRO A 64  ? LEU A 63 PRO A 64  
C 2 MSE A 77 ? VAL A 78  ? MSE A 77 VAL A 78  
# 
loop_
_pdbx_struct_sheet_hbond.sheet_id 
_pdbx_struct_sheet_hbond.range_id_1 
_pdbx_struct_sheet_hbond.range_id_2 
_pdbx_struct_sheet_hbond.range_1_label_atom_id 
_pdbx_struct_sheet_hbond.range_1_label_comp_id 
_pdbx_struct_sheet_hbond.range_1_label_asym_id 
_pdbx_struct_sheet_hbond.range_1_label_seq_id 
_pdbx_struct_sheet_hbond.range_1_PDB_ins_code 
_pdbx_struct_sheet_hbond.range_1_auth_atom_id 
_pdbx_struct_sheet_hbond.range_1_auth_comp_id 
_pdbx_struct_sheet_hbond.range_1_auth_asym_id 
_pdbx_struct_sheet_hbond.range_1_auth_seq_id 
_pdbx_struct_sheet_hbond.range_2_label_atom_id 
_pdbx_struct_sheet_hbond.range_2_label_comp_id 
_pdbx_struct_sheet_hbond.range_2_label_asym_id 
_pdbx_struct_sheet_hbond.range_2_label_seq_id 
_pdbx_struct_sheet_hbond.range_2_PDB_ins_code 
_pdbx_struct_sheet_hbond.range_2_auth_atom_id 
_pdbx_struct_sheet_hbond.range_2_auth_comp_id 
_pdbx_struct_sheet_hbond.range_2_auth_asym_id 
_pdbx_struct_sheet_hbond.range_2_auth_seq_id 
A 1 2 O ILE A 49  ? O ILE A 49  N LYS A 40 ? N LYS A 40 
A 2 3 O PHE A 35  ? O PHE A 35  N GLN A 9  ? N GLN A 9  
A 3 4 N HIS A 16  ? N HIS A 16  O GLU A 98 ? O GLU A 98 
A 4 5 O SER A 103 ? O SER A 103 N THR A 72 ? N THR A 72 
B 1 2 N GLN A 58  ? N GLN A 58  O VAL A 83 ? O VAL A 83 
C 1 2 N LEU A 63  ? N LEU A 63  O VAL A 78 ? O VAL A 78 
# 
_pdbx_entry_details.entry_id                   3Q69 
_pdbx_entry_details.compound_details           ? 
_pdbx_entry_details.source_details             ? 
_pdbx_entry_details.nonpolymer_details         ? 
_pdbx_entry_details.sequence_details           ? 
_pdbx_entry_details.has_ligand_of_interest     ? 
_pdbx_entry_details.has_protein_modification   Y 
# 
_pdbx_SG_project.id                    1 
_pdbx_SG_project.project_name          PSI:Biology 
_pdbx_SG_project.full_name_of_center   'Northeast Structural Genomics Consortium' 
_pdbx_SG_project.initial_of_center     NESG 
# 
loop_
_pdbx_struct_mod_residue.id 
_pdbx_struct_mod_residue.label_asym_id 
_pdbx_struct_mod_residue.label_comp_id 
_pdbx_struct_mod_residue.label_seq_id 
_pdbx_struct_mod_residue.auth_asym_id 
_pdbx_struct_mod_residue.auth_comp_id 
_pdbx_struct_mod_residue.auth_seq_id 
_pdbx_struct_mod_residue.PDB_ins_code 
_pdbx_struct_mod_residue.parent_comp_id 
_pdbx_struct_mod_residue.details 
1 A MSE 1  A MSE 1  ? MET SELENOMETHIONINE 
2 A MSE 77 A MSE 77 ? MET SELENOMETHIONINE 
# 
loop_
_pdbx_unobs_or_zero_occ_residues.id 
_pdbx_unobs_or_zero_occ_residues.PDB_model_num 
_pdbx_unobs_or_zero_occ_residues.polymer_flag 
_pdbx_unobs_or_zero_occ_residues.occupancy_flag 
_pdbx_unobs_or_zero_occ_residues.auth_asym_id 
_pdbx_unobs_or_zero_occ_residues.auth_comp_id 
_pdbx_unobs_or_zero_occ_residues.auth_seq_id 
_pdbx_unobs_or_zero_occ_residues.PDB_ins_code 
_pdbx_unobs_or_zero_occ_residues.label_asym_id 
_pdbx_unobs_or_zero_occ_residues.label_comp_id 
_pdbx_unobs_or_zero_occ_residues.label_seq_id 
1  1 Y 1 A THR 106 ? A THR 106 
2  1 Y 1 A ILE 107 ? A ILE 107 
3  1 Y 1 A THR 108 ? A THR 108 
4  1 Y 1 A GLN 109 ? A GLN 109 
5  1 Y 1 A ASN 110 ? A ASN 110 
6  1 Y 1 A LYS 111 ? A LYS 111 
7  1 Y 1 A LYS 112 ? A LYS 112 
8  1 Y 1 A ASP 113 ? A ASP 113 
9  1 Y 1 A GLY 114 ? A GLY 114 
10 1 Y 1 A LEU 115 ? A LEU 115 
11 1 Y 1 A GLU 116 ? A GLU 116 
12 1 Y 1 A HIS 117 ? A HIS 117 
13 1 Y 1 A HIS 118 ? A HIS 118 
14 1 Y 1 A HIS 119 ? A HIS 119 
15 1 Y 1 A HIS 120 ? A HIS 120 
16 1 Y 1 A HIS 121 ? A HIS 121 
17 1 Y 1 A HIS 122 ? A HIS 122 
# 
loop_
_chem_comp_atom.comp_id 
_chem_comp_atom.atom_id 
_chem_comp_atom.type_symbol 
_chem_comp_atom.pdbx_aromatic_flag 
_chem_comp_atom.pdbx_stereo_config 
_chem_comp_atom.pdbx_ordinal 
ALA N    N  N N 1   
ALA CA   C  N S 2   
ALA C    C  N N 3   
ALA O    O  N N 4   
ALA CB   C  N N 5   
ALA OXT  O  N N 6   
ALA H    H  N N 7   
ALA H2   H  N N 8   
ALA HA   H  N N 9   
ALA HB1  H  N N 10  
ALA HB2  H  N N 11  
ALA HB3  H  N N 12  
ALA HXT  H  N N 13  
ARG N    N  N N 14  
ARG CA   C  N S 15  
ARG C    C  N N 16  
ARG O    O  N N 17  
ARG CB   C  N N 18  
ARG CG   C  N N 19  
ARG CD   C  N N 20  
ARG NE   N  N N 21  
ARG CZ   C  N N 22  
ARG NH1  N  N N 23  
ARG NH2  N  N N 24  
ARG OXT  O  N N 25  
ARG H    H  N N 26  
ARG H2   H  N N 27  
ARG HA   H  N N 28  
ARG HB2  H  N N 29  
ARG HB3  H  N N 30  
ARG HG2  H  N N 31  
ARG HG3  H  N N 32  
ARG HD2  H  N N 33  
ARG HD3  H  N N 34  
ARG HE   H  N N 35  
ARG HH11 H  N N 36  
ARG HH12 H  N N 37  
ARG HH21 H  N N 38  
ARG HH22 H  N N 39  
ARG HXT  H  N N 40  
ASN N    N  N N 41  
ASN CA   C  N S 42  
ASN C    C  N N 43  
ASN O    O  N N 44  
ASN CB   C  N N 45  
ASN CG   C  N N 46  
ASN OD1  O  N N 47  
ASN ND2  N  N N 48  
ASN OXT  O  N N 49  
ASN H    H  N N 50  
ASN H2   H  N N 51  
ASN HA   H  N N 52  
ASN HB2  H  N N 53  
ASN HB3  H  N N 54  
ASN HD21 H  N N 55  
ASN HD22 H  N N 56  
ASN HXT  H  N N 57  
ASP N    N  N N 58  
ASP CA   C  N S 59  
ASP C    C  N N 60  
ASP O    O  N N 61  
ASP CB   C  N N 62  
ASP CG   C  N N 63  
ASP OD1  O  N N 64  
ASP OD2  O  N N 65  
ASP OXT  O  N N 66  
ASP H    H  N N 67  
ASP H2   H  N N 68  
ASP HA   H  N N 69  
ASP HB2  H  N N 70  
ASP HB3  H  N N 71  
ASP HD2  H  N N 72  
ASP HXT  H  N N 73  
GLN N    N  N N 74  
GLN CA   C  N S 75  
GLN C    C  N N 76  
GLN O    O  N N 77  
GLN CB   C  N N 78  
GLN CG   C  N N 79  
GLN CD   C  N N 80  
GLN OE1  O  N N 81  
GLN NE2  N  N N 82  
GLN OXT  O  N N 83  
GLN H    H  N N 84  
GLN H2   H  N N 85  
GLN HA   H  N N 86  
GLN HB2  H  N N 87  
GLN HB3  H  N N 88  
GLN HG2  H  N N 89  
GLN HG3  H  N N 90  
GLN HE21 H  N N 91  
GLN HE22 H  N N 92  
GLN HXT  H  N N 93  
GLU N    N  N N 94  
GLU CA   C  N S 95  
GLU C    C  N N 96  
GLU O    O  N N 97  
GLU CB   C  N N 98  
GLU CG   C  N N 99  
GLU CD   C  N N 100 
GLU OE1  O  N N 101 
GLU OE2  O  N N 102 
GLU OXT  O  N N 103 
GLU H    H  N N 104 
GLU H2   H  N N 105 
GLU HA   H  N N 106 
GLU HB2  H  N N 107 
GLU HB3  H  N N 108 
GLU HG2  H  N N 109 
GLU HG3  H  N N 110 
GLU HE2  H  N N 111 
GLU HXT  H  N N 112 
GLY N    N  N N 113 
GLY CA   C  N N 114 
GLY C    C  N N 115 
GLY O    O  N N 116 
GLY OXT  O  N N 117 
GLY H    H  N N 118 
GLY H2   H  N N 119 
GLY HA2  H  N N 120 
GLY HA3  H  N N 121 
GLY HXT  H  N N 122 
HIS N    N  N N 123 
HIS CA   C  N S 124 
HIS C    C  N N 125 
HIS O    O  N N 126 
HIS CB   C  N N 127 
HIS CG   C  Y N 128 
HIS ND1  N  Y N 129 
HIS CD2  C  Y N 130 
HIS CE1  C  Y N 131 
HIS NE2  N  Y N 132 
HIS OXT  O  N N 133 
HIS H    H  N N 134 
HIS H2   H  N N 135 
HIS HA   H  N N 136 
HIS HB2  H  N N 137 
HIS HB3  H  N N 138 
HIS HD1  H  N N 139 
HIS HD2  H  N N 140 
HIS HE1  H  N N 141 
HIS HE2  H  N N 142 
HIS HXT  H  N N 143 
HOH O    O  N N 144 
HOH H1   H  N N 145 
HOH H2   H  N N 146 
ILE N    N  N N 147 
ILE CA   C  N S 148 
ILE C    C  N N 149 
ILE O    O  N N 150 
ILE CB   C  N S 151 
ILE CG1  C  N N 152 
ILE CG2  C  N N 153 
ILE CD1  C  N N 154 
ILE OXT  O  N N 155 
ILE H    H  N N 156 
ILE H2   H  N N 157 
ILE HA   H  N N 158 
ILE HB   H  N N 159 
ILE HG12 H  N N 160 
ILE HG13 H  N N 161 
ILE HG21 H  N N 162 
ILE HG22 H  N N 163 
ILE HG23 H  N N 164 
ILE HD11 H  N N 165 
ILE HD12 H  N N 166 
ILE HD13 H  N N 167 
ILE HXT  H  N N 168 
LEU N    N  N N 169 
LEU CA   C  N S 170 
LEU C    C  N N 171 
LEU O    O  N N 172 
LEU CB   C  N N 173 
LEU CG   C  N N 174 
LEU CD1  C  N N 175 
LEU CD2  C  N N 176 
LEU OXT  O  N N 177 
LEU H    H  N N 178 
LEU H2   H  N N 179 
LEU HA   H  N N 180 
LEU HB2  H  N N 181 
LEU HB3  H  N N 182 
LEU HG   H  N N 183 
LEU HD11 H  N N 184 
LEU HD12 H  N N 185 
LEU HD13 H  N N 186 
LEU HD21 H  N N 187 
LEU HD22 H  N N 188 
LEU HD23 H  N N 189 
LEU HXT  H  N N 190 
LYS N    N  N N 191 
LYS CA   C  N S 192 
LYS C    C  N N 193 
LYS O    O  N N 194 
LYS CB   C  N N 195 
LYS CG   C  N N 196 
LYS CD   C  N N 197 
LYS CE   C  N N 198 
LYS NZ   N  N N 199 
LYS OXT  O  N N 200 
LYS H    H  N N 201 
LYS H2   H  N N 202 
LYS HA   H  N N 203 
LYS HB2  H  N N 204 
LYS HB3  H  N N 205 
LYS HG2  H  N N 206 
LYS HG3  H  N N 207 
LYS HD2  H  N N 208 
LYS HD3  H  N N 209 
LYS HE2  H  N N 210 
LYS HE3  H  N N 211 
LYS HZ1  H  N N 212 
LYS HZ2  H  N N 213 
LYS HZ3  H  N N 214 
LYS HXT  H  N N 215 
MSE N    N  N N 216 
MSE CA   C  N S 217 
MSE C    C  N N 218 
MSE O    O  N N 219 
MSE OXT  O  N N 220 
MSE CB   C  N N 221 
MSE CG   C  N N 222 
MSE SE   SE N N 223 
MSE CE   C  N N 224 
MSE H    H  N N 225 
MSE H2   H  N N 226 
MSE HA   H  N N 227 
MSE HXT  H  N N 228 
MSE HB2  H  N N 229 
MSE HB3  H  N N 230 
MSE HG2  H  N N 231 
MSE HG3  H  N N 232 
MSE HE1  H  N N 233 
MSE HE2  H  N N 234 
MSE HE3  H  N N 235 
PHE N    N  N N 236 
PHE CA   C  N S 237 
PHE C    C  N N 238 
PHE O    O  N N 239 
PHE CB   C  N N 240 
PHE CG   C  Y N 241 
PHE CD1  C  Y N 242 
PHE CD2  C  Y N 243 
PHE CE1  C  Y N 244 
PHE CE2  C  Y N 245 
PHE CZ   C  Y N 246 
PHE OXT  O  N N 247 
PHE H    H  N N 248 
PHE H2   H  N N 249 
PHE HA   H  N N 250 
PHE HB2  H  N N 251 
PHE HB3  H  N N 252 
PHE HD1  H  N N 253 
PHE HD2  H  N N 254 
PHE HE1  H  N N 255 
PHE HE2  H  N N 256 
PHE HZ   H  N N 257 
PHE HXT  H  N N 258 
PRO N    N  N N 259 
PRO CA   C  N S 260 
PRO C    C  N N 261 
PRO O    O  N N 262 
PRO CB   C  N N 263 
PRO CG   C  N N 264 
PRO CD   C  N N 265 
PRO OXT  O  N N 266 
PRO H    H  N N 267 
PRO HA   H  N N 268 
PRO HB2  H  N N 269 
PRO HB3  H  N N 270 
PRO HG2  H  N N 271 
PRO HG3  H  N N 272 
PRO HD2  H  N N 273 
PRO HD3  H  N N 274 
PRO HXT  H  N N 275 
SER N    N  N N 276 
SER CA   C  N S 277 
SER C    C  N N 278 
SER O    O  N N 279 
SER CB   C  N N 280 
SER OG   O  N N 281 
SER OXT  O  N N 282 
SER H    H  N N 283 
SER H2   H  N N 284 
SER HA   H  N N 285 
SER HB2  H  N N 286 
SER HB3  H  N N 287 
SER HG   H  N N 288 
SER HXT  H  N N 289 
THR N    N  N N 290 
THR CA   C  N S 291 
THR C    C  N N 292 
THR O    O  N N 293 
THR CB   C  N R 294 
THR OG1  O  N N 295 
THR CG2  C  N N 296 
THR OXT  O  N N 297 
THR H    H  N N 298 
THR H2   H  N N 299 
THR HA   H  N N 300 
THR HB   H  N N 301 
THR HG1  H  N N 302 
THR HG21 H  N N 303 
THR HG22 H  N N 304 
THR HG23 H  N N 305 
THR HXT  H  N N 306 
TRP N    N  N N 307 
TRP CA   C  N S 308 
TRP C    C  N N 309 
TRP O    O  N N 310 
TRP CB   C  N N 311 
TRP CG   C  Y N 312 
TRP CD1  C  Y N 313 
TRP CD2  C  Y N 314 
TRP NE1  N  Y N 315 
TRP CE2  C  Y N 316 
TRP CE3  C  Y N 317 
TRP CZ2  C  Y N 318 
TRP CZ3  C  Y N 319 
TRP CH2  C  Y N 320 
TRP OXT  O  N N 321 
TRP H    H  N N 322 
TRP H2   H  N N 323 
TRP HA   H  N N 324 
TRP HB2  H  N N 325 
TRP HB3  H  N N 326 
TRP HD1  H  N N 327 
TRP HE1  H  N N 328 
TRP HE3  H  N N 329 
TRP HZ2  H  N N 330 
TRP HZ3  H  N N 331 
TRP HH2  H  N N 332 
TRP HXT  H  N N 333 
TYR N    N  N N 334 
TYR CA   C  N S 335 
TYR C    C  N N 336 
TYR O    O  N N 337 
TYR CB   C  N N 338 
TYR CG   C  Y N 339 
TYR CD1  C  Y N 340 
TYR CD2  C  Y N 341 
TYR CE1  C  Y N 342 
TYR CE2  C  Y N 343 
TYR CZ   C  Y N 344 
TYR OH   O  N N 345 
TYR OXT  O  N N 346 
TYR H    H  N N 347 
TYR H2   H  N N 348 
TYR HA   H  N N 349 
TYR HB2  H  N N 350 
TYR HB3  H  N N 351 
TYR HD1  H  N N 352 
TYR HD2  H  N N 353 
TYR HE1  H  N N 354 
TYR HE2  H  N N 355 
TYR HH   H  N N 356 
TYR HXT  H  N N 357 
VAL N    N  N N 358 
VAL CA   C  N S 359 
VAL C    C  N N 360 
VAL O    O  N N 361 
VAL CB   C  N N 362 
VAL CG1  C  N N 363 
VAL CG2  C  N N 364 
VAL OXT  O  N N 365 
VAL H    H  N N 366 
VAL H2   H  N N 367 
VAL HA   H  N N 368 
VAL HB   H  N N 369 
VAL HG11 H  N N 370 
VAL HG12 H  N N 371 
VAL HG13 H  N N 372 
VAL HG21 H  N N 373 
VAL HG22 H  N N 374 
VAL HG23 H  N N 375 
VAL HXT  H  N N 376 
# 
loop_
_chem_comp_bond.comp_id 
_chem_comp_bond.atom_id_1 
_chem_comp_bond.atom_id_2 
_chem_comp_bond.value_order 
_chem_comp_bond.pdbx_aromatic_flag 
_chem_comp_bond.pdbx_stereo_config 
_chem_comp_bond.pdbx_ordinal 
ALA N   CA   sing N N 1   
ALA N   H    sing N N 2   
ALA N   H2   sing N N 3   
ALA CA  C    sing N N 4   
ALA CA  CB   sing N N 5   
ALA CA  HA   sing N N 6   
ALA C   O    doub N N 7   
ALA C   OXT  sing N N 8   
ALA CB  HB1  sing N N 9   
ALA CB  HB2  sing N N 10  
ALA CB  HB3  sing N N 11  
ALA OXT HXT  sing N N 12  
ARG N   CA   sing N N 13  
ARG N   H    sing N N 14  
ARG N   H2   sing N N 15  
ARG CA  C    sing N N 16  
ARG CA  CB   sing N N 17  
ARG CA  HA   sing N N 18  
ARG C   O    doub N N 19  
ARG C   OXT  sing N N 20  
ARG CB  CG   sing N N 21  
ARG CB  HB2  sing N N 22  
ARG CB  HB3  sing N N 23  
ARG CG  CD   sing N N 24  
ARG CG  HG2  sing N N 25  
ARG CG  HG3  sing N N 26  
ARG CD  NE   sing N N 27  
ARG CD  HD2  sing N N 28  
ARG CD  HD3  sing N N 29  
ARG NE  CZ   sing N N 30  
ARG NE  HE   sing N N 31  
ARG CZ  NH1  sing N N 32  
ARG CZ  NH2  doub N N 33  
ARG NH1 HH11 sing N N 34  
ARG NH1 HH12 sing N N 35  
ARG NH2 HH21 sing N N 36  
ARG NH2 HH22 sing N N 37  
ARG OXT HXT  sing N N 38  
ASN N   CA   sing N N 39  
ASN N   H    sing N N 40  
ASN N   H2   sing N N 41  
ASN CA  C    sing N N 42  
ASN CA  CB   sing N N 43  
ASN CA  HA   sing N N 44  
ASN C   O    doub N N 45  
ASN C   OXT  sing N N 46  
ASN CB  CG   sing N N 47  
ASN CB  HB2  sing N N 48  
ASN CB  HB3  sing N N 49  
ASN CG  OD1  doub N N 50  
ASN CG  ND2  sing N N 51  
ASN ND2 HD21 sing N N 52  
ASN ND2 HD22 sing N N 53  
ASN OXT HXT  sing N N 54  
ASP N   CA   sing N N 55  
ASP N   H    sing N N 56  
ASP N   H2   sing N N 57  
ASP CA  C    sing N N 58  
ASP CA  CB   sing N N 59  
ASP CA  HA   sing N N 60  
ASP C   O    doub N N 61  
ASP C   OXT  sing N N 62  
ASP CB  CG   sing N N 63  
ASP CB  HB2  sing N N 64  
ASP CB  HB3  sing N N 65  
ASP CG  OD1  doub N N 66  
ASP CG  OD2  sing N N 67  
ASP OD2 HD2  sing N N 68  
ASP OXT HXT  sing N N 69  
GLN N   CA   sing N N 70  
GLN N   H    sing N N 71  
GLN N   H2   sing N N 72  
GLN CA  C    sing N N 73  
GLN CA  CB   sing N N 74  
GLN CA  HA   sing N N 75  
GLN C   O    doub N N 76  
GLN C   OXT  sing N N 77  
GLN CB  CG   sing N N 78  
GLN CB  HB2  sing N N 79  
GLN CB  HB3  sing N N 80  
GLN CG  CD   sing N N 81  
GLN CG  HG2  sing N N 82  
GLN CG  HG3  sing N N 83  
GLN CD  OE1  doub N N 84  
GLN CD  NE2  sing N N 85  
GLN NE2 HE21 sing N N 86  
GLN NE2 HE22 sing N N 87  
GLN OXT HXT  sing N N 88  
GLU N   CA   sing N N 89  
GLU N   H    sing N N 90  
GLU N   H2   sing N N 91  
GLU CA  C    sing N N 92  
GLU CA  CB   sing N N 93  
GLU CA  HA   sing N N 94  
GLU C   O    doub N N 95  
GLU C   OXT  sing N N 96  
GLU CB  CG   sing N N 97  
GLU CB  HB2  sing N N 98  
GLU CB  HB3  sing N N 99  
GLU CG  CD   sing N N 100 
GLU CG  HG2  sing N N 101 
GLU CG  HG3  sing N N 102 
GLU CD  OE1  doub N N 103 
GLU CD  OE2  sing N N 104 
GLU OE2 HE2  sing N N 105 
GLU OXT HXT  sing N N 106 
GLY N   CA   sing N N 107 
GLY N   H    sing N N 108 
GLY N   H2   sing N N 109 
GLY CA  C    sing N N 110 
GLY CA  HA2  sing N N 111 
GLY CA  HA3  sing N N 112 
GLY C   O    doub N N 113 
GLY C   OXT  sing N N 114 
GLY OXT HXT  sing N N 115 
HIS N   CA   sing N N 116 
HIS N   H    sing N N 117 
HIS N   H2   sing N N 118 
HIS CA  C    sing N N 119 
HIS CA  CB   sing N N 120 
HIS CA  HA   sing N N 121 
HIS C   O    doub N N 122 
HIS C   OXT  sing N N 123 
HIS CB  CG   sing N N 124 
HIS CB  HB2  sing N N 125 
HIS CB  HB3  sing N N 126 
HIS CG  ND1  sing Y N 127 
HIS CG  CD2  doub Y N 128 
HIS ND1 CE1  doub Y N 129 
HIS ND1 HD1  sing N N 130 
HIS CD2 NE2  sing Y N 131 
HIS CD2 HD2  sing N N 132 
HIS CE1 NE2  sing Y N 133 
HIS CE1 HE1  sing N N 134 
HIS NE2 HE2  sing N N 135 
HIS OXT HXT  sing N N 136 
HOH O   H1   sing N N 137 
HOH O   H2   sing N N 138 
ILE N   CA   sing N N 139 
ILE N   H    sing N N 140 
ILE N   H2   sing N N 141 
ILE CA  C    sing N N 142 
ILE CA  CB   sing N N 143 
ILE CA  HA   sing N N 144 
ILE C   O    doub N N 145 
ILE C   OXT  sing N N 146 
ILE CB  CG1  sing N N 147 
ILE CB  CG2  sing N N 148 
ILE CB  HB   sing N N 149 
ILE CG1 CD1  sing N N 150 
ILE CG1 HG12 sing N N 151 
ILE CG1 HG13 sing N N 152 
ILE CG2 HG21 sing N N 153 
ILE CG2 HG22 sing N N 154 
ILE CG2 HG23 sing N N 155 
ILE CD1 HD11 sing N N 156 
ILE CD1 HD12 sing N N 157 
ILE CD1 HD13 sing N N 158 
ILE OXT HXT  sing N N 159 
LEU N   CA   sing N N 160 
LEU N   H    sing N N 161 
LEU N   H2   sing N N 162 
LEU CA  C    sing N N 163 
LEU CA  CB   sing N N 164 
LEU CA  HA   sing N N 165 
LEU C   O    doub N N 166 
LEU C   OXT  sing N N 167 
LEU CB  CG   sing N N 168 
LEU CB  HB2  sing N N 169 
LEU CB  HB3  sing N N 170 
LEU CG  CD1  sing N N 171 
LEU CG  CD2  sing N N 172 
LEU CG  HG   sing N N 173 
LEU CD1 HD11 sing N N 174 
LEU CD1 HD12 sing N N 175 
LEU CD1 HD13 sing N N 176 
LEU CD2 HD21 sing N N 177 
LEU CD2 HD22 sing N N 178 
LEU CD2 HD23 sing N N 179 
LEU OXT HXT  sing N N 180 
LYS N   CA   sing N N 181 
LYS N   H    sing N N 182 
LYS N   H2   sing N N 183 
LYS CA  C    sing N N 184 
LYS CA  CB   sing N N 185 
LYS CA  HA   sing N N 186 
LYS C   O    doub N N 187 
LYS C   OXT  sing N N 188 
LYS CB  CG   sing N N 189 
LYS CB  HB2  sing N N 190 
LYS CB  HB3  sing N N 191 
LYS CG  CD   sing N N 192 
LYS CG  HG2  sing N N 193 
LYS CG  HG3  sing N N 194 
LYS CD  CE   sing N N 195 
LYS CD  HD2  sing N N 196 
LYS CD  HD3  sing N N 197 
LYS CE  NZ   sing N N 198 
LYS CE  HE2  sing N N 199 
LYS CE  HE3  sing N N 200 
LYS NZ  HZ1  sing N N 201 
LYS NZ  HZ2  sing N N 202 
LYS NZ  HZ3  sing N N 203 
LYS OXT HXT  sing N N 204 
MSE N   CA   sing N N 205 
MSE N   H    sing N N 206 
MSE N   H2   sing N N 207 
MSE CA  C    sing N N 208 
MSE CA  CB   sing N N 209 
MSE CA  HA   sing N N 210 
MSE C   O    doub N N 211 
MSE C   OXT  sing N N 212 
MSE OXT HXT  sing N N 213 
MSE CB  CG   sing N N 214 
MSE CB  HB2  sing N N 215 
MSE CB  HB3  sing N N 216 
MSE CG  SE   sing N N 217 
MSE CG  HG2  sing N N 218 
MSE CG  HG3  sing N N 219 
MSE SE  CE   sing N N 220 
MSE CE  HE1  sing N N 221 
MSE CE  HE2  sing N N 222 
MSE CE  HE3  sing N N 223 
PHE N   CA   sing N N 224 
PHE N   H    sing N N 225 
PHE N   H2   sing N N 226 
PHE CA  C    sing N N 227 
PHE CA  CB   sing N N 228 
PHE CA  HA   sing N N 229 
PHE C   O    doub N N 230 
PHE C   OXT  sing N N 231 
PHE CB  CG   sing N N 232 
PHE CB  HB2  sing N N 233 
PHE CB  HB3  sing N N 234 
PHE CG  CD1  doub Y N 235 
PHE CG  CD2  sing Y N 236 
PHE CD1 CE1  sing Y N 237 
PHE CD1 HD1  sing N N 238 
PHE CD2 CE2  doub Y N 239 
PHE CD2 HD2  sing N N 240 
PHE CE1 CZ   doub Y N 241 
PHE CE1 HE1  sing N N 242 
PHE CE2 CZ   sing Y N 243 
PHE CE2 HE2  sing N N 244 
PHE CZ  HZ   sing N N 245 
PHE OXT HXT  sing N N 246 
PRO N   CA   sing N N 247 
PRO N   CD   sing N N 248 
PRO N   H    sing N N 249 
PRO CA  C    sing N N 250 
PRO CA  CB   sing N N 251 
PRO CA  HA   sing N N 252 
PRO C   O    doub N N 253 
PRO C   OXT  sing N N 254 
PRO CB  CG   sing N N 255 
PRO CB  HB2  sing N N 256 
PRO CB  HB3  sing N N 257 
PRO CG  CD   sing N N 258 
PRO CG  HG2  sing N N 259 
PRO CG  HG3  sing N N 260 
PRO CD  HD2  sing N N 261 
PRO CD  HD3  sing N N 262 
PRO OXT HXT  sing N N 263 
SER N   CA   sing N N 264 
SER N   H    sing N N 265 
SER N   H2   sing N N 266 
SER CA  C    sing N N 267 
SER CA  CB   sing N N 268 
SER CA  HA   sing N N 269 
SER C   O    doub N N 270 
SER C   OXT  sing N N 271 
SER CB  OG   sing N N 272 
SER CB  HB2  sing N N 273 
SER CB  HB3  sing N N 274 
SER OG  HG   sing N N 275 
SER OXT HXT  sing N N 276 
THR N   CA   sing N N 277 
THR N   H    sing N N 278 
THR N   H2   sing N N 279 
THR CA  C    sing N N 280 
THR CA  CB   sing N N 281 
THR CA  HA   sing N N 282 
THR C   O    doub N N 283 
THR C   OXT  sing N N 284 
THR CB  OG1  sing N N 285 
THR CB  CG2  sing N N 286 
THR CB  HB   sing N N 287 
THR OG1 HG1  sing N N 288 
THR CG2 HG21 sing N N 289 
THR CG2 HG22 sing N N 290 
THR CG2 HG23 sing N N 291 
THR OXT HXT  sing N N 292 
TRP N   CA   sing N N 293 
TRP N   H    sing N N 294 
TRP N   H2   sing N N 295 
TRP CA  C    sing N N 296 
TRP CA  CB   sing N N 297 
TRP CA  HA   sing N N 298 
TRP C   O    doub N N 299 
TRP C   OXT  sing N N 300 
TRP CB  CG   sing N N 301 
TRP CB  HB2  sing N N 302 
TRP CB  HB3  sing N N 303 
TRP CG  CD1  doub Y N 304 
TRP CG  CD2  sing Y N 305 
TRP CD1 NE1  sing Y N 306 
TRP CD1 HD1  sing N N 307 
TRP CD2 CE2  doub Y N 308 
TRP CD2 CE3  sing Y N 309 
TRP NE1 CE2  sing Y N 310 
TRP NE1 HE1  sing N N 311 
TRP CE2 CZ2  sing Y N 312 
TRP CE3 CZ3  doub Y N 313 
TRP CE3 HE3  sing N N 314 
TRP CZ2 CH2  doub Y N 315 
TRP CZ2 HZ2  sing N N 316 
TRP CZ3 CH2  sing Y N 317 
TRP CZ3 HZ3  sing N N 318 
TRP CH2 HH2  sing N N 319 
TRP OXT HXT  sing N N 320 
TYR N   CA   sing N N 321 
TYR N   H    sing N N 322 
TYR N   H2   sing N N 323 
TYR CA  C    sing N N 324 
TYR CA  CB   sing N N 325 
TYR CA  HA   sing N N 326 
TYR C   O    doub N N 327 
TYR C   OXT  sing N N 328 
TYR CB  CG   sing N N 329 
TYR CB  HB2  sing N N 330 
TYR CB  HB3  sing N N 331 
TYR CG  CD1  doub Y N 332 
TYR CG  CD2  sing Y N 333 
TYR CD1 CE1  sing Y N 334 
TYR CD1 HD1  sing N N 335 
TYR CD2 CE2  doub Y N 336 
TYR CD2 HD2  sing N N 337 
TYR CE1 CZ   doub Y N 338 
TYR CE1 HE1  sing N N 339 
TYR CE2 CZ   sing Y N 340 
TYR CE2 HE2  sing N N 341 
TYR CZ  OH   sing N N 342 
TYR OH  HH   sing N N 343 
TYR OXT HXT  sing N N 344 
VAL N   CA   sing N N 345 
VAL N   H    sing N N 346 
VAL N   H2   sing N N 347 
VAL CA  C    sing N N 348 
VAL CA  CB   sing N N 349 
VAL CA  HA   sing N N 350 
VAL C   O    doub N N 351 
VAL C   OXT  sing N N 352 
VAL CB  CG1  sing N N 353 
VAL CB  CG2  sing N N 354 
VAL CB  HB   sing N N 355 
VAL CG1 HG11 sing N N 356 
VAL CG1 HG12 sing N N 357 
VAL CG1 HG13 sing N N 358 
VAL CG2 HG21 sing N N 359 
VAL CG2 HG22 sing N N 360 
VAL CG2 HG23 sing N N 361 
VAL OXT HXT  sing N N 362 
# 
_atom_sites.entry_id                    3Q69 
_atom_sites.fract_transf_matrix[1][1]   0.01347873 
_atom_sites.fract_transf_matrix[1][2]   -0.00808294 
_atom_sites.fract_transf_matrix[1][3]   -0.00665820 
_atom_sites.fract_transf_matrix[2][1]   0.01093685 
_atom_sites.fract_transf_matrix[2][2]   -0.01206701 
_atom_sites.fract_transf_matrix[2][3]   0.03678949 
_atom_sites.fract_transf_matrix[3][1]   -0.00342299 
_atom_sites.fract_transf_matrix[3][2]   -0.01183733 
_atom_sites.fract_transf_matrix[3][3]   -0.00286507 
_atom_sites.fract_transf_vector[1]      0.387127 
_atom_sites.fract_transf_vector[2]      0.427494 
_atom_sites.fract_transf_vector[3]      0.598819 
# 
loop_
_atom_type.symbol 
C  
N  
O  
SE 
# 
loop_
_atom_site.group_PDB 
_atom_site.id 
_atom_site.type_symbol 
_atom_site.label_atom_id 
_atom_site.label_alt_id 
_atom_site.label_comp_id 
_atom_site.label_asym_id 
_atom_site.label_entity_id 
_atom_site.label_seq_id 
_atom_site.pdbx_PDB_ins_code 
_atom_site.Cartn_x 
_atom_site.Cartn_y 
_atom_site.Cartn_z 
_atom_site.occupancy 
_atom_site.B_iso_or_equiv 
_atom_site.pdbx_formal_charge 
_atom_site.auth_seq_id 
_atom_site.auth_comp_id 
_atom_site.auth_asym_id 
_atom_site.auth_atom_id 
_atom_site.pdbx_PDB_model_num 
HETATM 1   N  N   . MSE A 1 1   ? 22.879  25.567  12.841  1.00 36.25 ? 1   MSE A N   1 
HETATM 2   C  CA  . MSE A 1 1   ? 23.326  24.151  12.980  1.00 37.61 ? 1   MSE A CA  1 
HETATM 3   C  C   . MSE A 1 1   ? 22.101  23.242  12.867  1.00 34.31 ? 1   MSE A C   1 
HETATM 4   O  O   . MSE A 1 1   ? 21.181  23.327  13.681  1.00 33.41 ? 1   MSE A O   1 
HETATM 5   C  CB  . MSE A 1 1   ? 23.990  23.957  14.344  1.00 42.70 ? 1   MSE A CB  1 
HETATM 6   C  CG  . MSE A 1 1   ? 24.942  22.773  14.417  1.00 50.12 ? 1   MSE A CG  1 
HETATM 7   SE SE  . MSE A 1 1   ? 26.743  23.251  13.828  1.00 62.04 ? 1   MSE A SE  1 
HETATM 8   C  CE  . MSE A 1 1   ? 27.504  23.730  15.526  1.00 57.21 ? 1   MSE A CE  1 
ATOM   9   N  N   . ILE A 1 2   ? 22.086  22.371  11.865  1.00 31.27 ? 2   ILE A N   1 
ATOM   10  C  CA  . ILE A 1 2   ? 20.950  21.481  11.671  1.00 28.79 ? 2   ILE A CA  1 
ATOM   11  C  C   . ILE A 1 2   ? 21.386  20.015  11.635  1.00 26.53 ? 2   ILE A C   1 
ATOM   12  O  O   . ILE A 1 2   ? 22.545  19.697  11.329  1.00 27.43 ? 2   ILE A O   1 
ATOM   13  C  CB  . ILE A 1 2   ? 20.243  21.765  10.336  1.00 29.16 ? 2   ILE A CB  1 
ATOM   14  C  CG1 . ILE A 1 2   ? 21.182  21.388  9.189   1.00 31.59 ? 2   ILE A CG1 1 
ATOM   15  C  CG2 . ILE A 1 2   ? 19.821  23.221  10.251  1.00 30.41 ? 2   ILE A CG2 1 
ATOM   16  C  CD1 . ILE A 1 2   ? 20.500  21.382  7.830   1.00 30.99 ? 2   ILE A CD1 1 
ATOM   17  N  N   . GLU A 1 3   ? 20.441  19.126  11.931  1.00 23.82 ? 3   GLU A N   1 
ATOM   18  C  CA  . GLU A 1 3   ? 20.707  17.697  11.917  1.00 21.68 ? 3   GLU A CA  1 
ATOM   19  C  C   . GLU A 1 3   ? 19.682  17.007  11.021  1.00 22.42 ? 3   GLU A C   1 
ATOM   20  O  O   . GLU A 1 3   ? 18.533  17.461  10.890  1.00 19.23 ? 3   GLU A O   1 
ATOM   21  C  CB  . GLU A 1 3   ? 20.608  17.110  13.330  1.00 23.31 ? 3   GLU A CB  1 
ATOM   22  C  CG  . GLU A 1 3   ? 19.243  17.310  13.968  1.00 24.11 ? 3   GLU A CG  1 
ATOM   23  C  CD  . GLU A 1 3   ? 19.117  16.655  15.315  1.00 27.84 ? 3   GLU A CD  1 
ATOM   24  O  OE1 . GLU A 1 3   ? 18.160  16.995  16.053  1.00 25.09 ? 3   GLU A OE1 1 
ATOM   25  O  OE2 . GLU A 1 3   ? 19.968  15.800  15.629  1.00 28.90 ? 3   GLU A OE2 1 
ATOM   26  N  N   . PRO A 1 4   ? 20.087  15.908  10.371  1.00 20.54 ? 4   PRO A N   1 
ATOM   27  C  CA  . PRO A 1 4   ? 19.152  15.197  9.506   1.00 21.65 ? 4   PRO A CA  1 
ATOM   28  C  C   . PRO A 1 4   ? 18.121  14.422  10.323  1.00 20.43 ? 4   PRO A C   1 
ATOM   29  O  O   . PRO A 1 4   ? 18.419  13.904  11.409  1.00 21.92 ? 4   PRO A O   1 
ATOM   30  C  CB  . PRO A 1 4   ? 20.064  14.272  8.709   1.00 22.29 ? 4   PRO A CB  1 
ATOM   31  C  CG  . PRO A 1 4   ? 21.165  14.002  9.646   1.00 22.75 ? 4   PRO A CG  1 
ATOM   32  C  CD  . PRO A 1 4   ? 21.442  15.354  10.225  1.00 22.49 ? 4   PRO A CD  1 
ATOM   33  N  N   . ILE A 1 5   ? 16.900  14.365  9.805   1.00 19.21 ? 5   ILE A N   1 
ATOM   34  C  CA  . ILE A 1 5   ? 15.824  13.629  10.458  1.00 17.19 ? 5   ILE A CA  1 
ATOM   35  C  C   . ILE A 1 5   ? 15.048  12.958  9.322   1.00 18.07 ? 5   ILE A C   1 
ATOM   36  O  O   . ILE A 1 5   ? 15.267  13.269  8.145   1.00 17.15 ? 5   ILE A O   1 
ATOM   37  C  CB  . ILE A 1 5   ? 14.882  14.567  11.280  1.00 17.12 ? 5   ILE A CB  1 
ATOM   38  C  CG1 . ILE A 1 5   ? 14.368  15.702  10.389  1.00 14.31 ? 5   ILE A CG1 1 
ATOM   39  C  CG2 . ILE A 1 5   ? 15.610  15.109  12.514  1.00 13.54 ? 5   ILE A CG2 1 
ATOM   40  C  CD1 . ILE A 1 5   ? 13.250  16.544  11.008  1.00 16.51 ? 5   ILE A CD1 1 
ATOM   41  N  N   . LYS A 1 6   ? 14.165  12.029  9.659   1.00 17.90 ? 6   LYS A N   1 
ATOM   42  C  CA  . LYS A 1 6   ? 13.408  11.343  8.629   1.00 15.55 ? 6   LYS A CA  1 
ATOM   43  C  C   . LYS A 1 6   ? 12.124  10.779  9.196   1.00 16.35 ? 6   LYS A C   1 
ATOM   44  O  O   . LYS A 1 6   ? 11.959  10.669  10.421  1.00 14.55 ? 6   LYS A O   1 
ATOM   45  C  CB  . LYS A 1 6   ? 14.254  10.222  8.009   1.00 16.47 ? 6   LYS A CB  1 
ATOM   46  C  CG  . LYS A 1 6   ? 14.524  9.031   8.944   1.00 15.37 ? 6   LYS A CG  1 
ATOM   47  C  CD  . LYS A 1 6   ? 15.613  8.119   8.393   1.00 18.93 ? 6   LYS A CD  1 
ATOM   48  C  CE  . LYS A 1 6   ? 15.935  7.031   9.377   1.00 21.20 ? 6   LYS A CE  1 
ATOM   49  N  NZ  . LYS A 1 6   ? 14.734  6.218   9.719   1.00 23.65 ? 6   LYS A NZ  1 
ATOM   50  N  N   . ARG A 1 7   ? 11.186  10.477  8.306   1.00 13.83 ? 7   ARG A N   1 
ATOM   51  C  CA  . ARG A 1 7   ? 9.916   9.905   8.731   1.00 15.16 ? 7   ARG A CA  1 
ATOM   52  C  C   . ARG A 1 7   ? 9.477   8.889   7.685   1.00 17.08 ? 7   ARG A C   1 
ATOM   53  O  O   . ARG A 1 7   ? 9.735   9.051   6.495   1.00 13.28 ? 7   ARG A O   1 
ATOM   54  C  CB  . ARG A 1 7   ? 8.848   11.000  8.938   1.00 14.99 ? 7   ARG A CB  1 
ATOM   55  C  CG  . ARG A 1 7   ? 8.608   11.914  7.741   1.00 14.85 ? 7   ARG A CG  1 
ATOM   56  C  CD  . ARG A 1 7   ? 7.466   12.882  8.008   1.00 16.86 ? 7   ARG A CD  1 
ATOM   57  N  NE  . ARG A 1 7   ? 7.341   13.896  6.973   1.00 17.94 ? 7   ARG A NE  1 
ATOM   58  C  CZ  . ARG A 1 7   ? 6.384   14.818  6.927   1.00 21.27 ? 7   ARG A CZ  1 
ATOM   59  N  NH1 . ARG A 1 7   ? 6.358   15.691  5.928   1.00 18.55 ? 7   ARG A NH1 1 
ATOM   60  N  NH2 . ARG A 1 7   ? 5.470   14.890  7.878   1.00 22.50 ? 7   ARG A NH2 1 
ATOM   61  N  N   . THR A 1 8   ? 8.816   7.833   8.149   1.00 15.55 ? 8   THR A N   1 
ATOM   62  C  CA  . THR A 1 8   ? 8.368   6.758   7.275   1.00 15.89 ? 8   THR A CA  1 
ATOM   63  C  C   . THR A 1 8   ? 6.876   6.463   7.313   1.00 17.61 ? 8   THR A C   1 
ATOM   64  O  O   . THR A 1 8   ? 6.245   6.460   8.357   1.00 18.19 ? 8   THR A O   1 
ATOM   65  C  CB  . THR A 1 8   ? 9.108   5.463   7.614   1.00 16.24 ? 8   THR A CB  1 
ATOM   66  O  OG1 . THR A 1 8   ? 10.520  5.670   7.483   1.00 12.11 ? 8   THR A OG1 1 
ATOM   67  C  CG2 . THR A 1 8   ? 8.670   4.337   6.678   1.00 17.38 ? 8   THR A CG2 1 
ATOM   68  N  N   . GLN A 1 9   ? 6.327   6.220   6.137   1.00 17.05 ? 9   GLN A N   1 
ATOM   69  C  CA  . GLN A 1 9   ? 4.932   5.875   5.961   1.00 18.83 ? 9   GLN A CA  1 
ATOM   70  C  C   . GLN A 1 9   ? 4.957   4.535   5.240   1.00 17.90 ? 9   GLN A C   1 
ATOM   71  O  O   . GLN A 1 9   ? 5.659   4.376   4.251   1.00 17.32 ? 9   GLN A O   1 
ATOM   72  C  CB  . GLN A 1 9   ? 4.225   6.920   5.090   1.00 21.58 ? 9   GLN A CB  1 
ATOM   73  C  CG  . GLN A 1 9   ? 2.814   6.517   4.627   1.00 25.62 ? 9   GLN A CG  1 
ATOM   74  C  CD  . GLN A 1 9   ? 1.817   6.378   5.775   1.00 29.05 ? 9   GLN A CD  1 
ATOM   75  O  OE1 . GLN A 1 9   ? 1.452   7.367   6.435   1.00 30.96 ? 9   GLN A OE1 1 
ATOM   76  N  NE2 . GLN A 1 9   ? 1.372   5.141   6.019   1.00 30.82 ? 9   GLN A NE2 1 
ATOM   77  N  N   . VAL A 1 10  ? 4.209   3.567   5.753   1.00 16.20 ? 10  VAL A N   1 
ATOM   78  C  CA  . VAL A 1 10  ? 4.135   2.255   5.142   1.00 16.47 ? 10  VAL A CA  1 
ATOM   79  C  C   . VAL A 1 10  ? 2.709   2.009   4.674   1.00 16.85 ? 10  VAL A C   1 
ATOM   80  O  O   . VAL A 1 10  ? 1.786   2.107   5.466   1.00 17.21 ? 10  VAL A O   1 
ATOM   81  C  CB  . VAL A 1 10  ? 4.523   1.149   6.155   1.00 16.98 ? 10  VAL A CB  1 
ATOM   82  C  CG1 . VAL A 1 10  ? 4.583   -0.198  5.461   1.00 18.93 ? 10  VAL A CG1 1 
ATOM   83  C  CG2 . VAL A 1 10  ? 5.857   1.488   6.816   1.00 18.92 ? 10  VAL A CG2 1 
ATOM   84  N  N   . VAL A 1 11  ? 2.537   1.696   3.392   1.00 15.88 ? 11  VAL A N   1 
ATOM   85  C  CA  . VAL A 1 11  ? 1.222   1.414   2.851   1.00 14.34 ? 11  VAL A CA  1 
ATOM   86  C  C   . VAL A 1 11  ? 1.180   -0.039  2.427   1.00 16.21 ? 11  VAL A C   1 
ATOM   87  O  O   . VAL A 1 11  ? 2.044   -0.501  1.696   1.00 15.46 ? 11  VAL A O   1 
ATOM   88  C  CB  . VAL A 1 11  ? 0.909   2.271   1.631   1.00 17.33 ? 11  VAL A CB  1 
ATOM   89  C  CG1 . VAL A 1 11  ? -0.538  2.044   1.226   1.00 14.99 ? 11  VAL A CG1 1 
ATOM   90  C  CG2 . VAL A 1 11  ? 1.163   3.746   1.943   1.00 16.04 ? 11  VAL A CG2 1 
ATOM   91  N  N   . THR A 1 12  ? 0.166   -0.765  2.869   1.00 17.56 ? 12  THR A N   1 
ATOM   92  C  CA  . THR A 1 12  ? 0.097   -2.159  2.508   1.00 19.00 ? 12  THR A CA  1 
ATOM   93  C  C   . THR A 1 12  ? -1.149  -2.486  1.713   1.00 18.30 ? 12  THR A C   1 
ATOM   94  O  O   . THR A 1 12  ? -2.163  -1.827  1.819   1.00 20.57 ? 12  THR A O   1 
ATOM   95  C  CB  . THR A 1 12  ? 0.137   -3.033  3.775   1.00 20.85 ? 12  THR A CB  1 
ATOM   96  O  OG1 . THR A 1 12  ? -1.151  -3.022  4.394   1.00 25.30 ? 12  THR A OG1 1 
ATOM   97  C  CG2 . THR A 1 12  ? 1.155   -2.472  4.767   1.00 18.63 ? 12  THR A CG2 1 
ATOM   98  N  N   . GLN A 1 13  ? -1.049  -3.533  0.911   1.00 17.96 ? 13  GLN A N   1 
ATOM   99  C  CA  . GLN A 1 13  ? -2.154  -4.012  0.099   1.00 20.79 ? 13  GLN A CA  1 
ATOM   100 C  C   . GLN A 1 13  ? -2.491  -5.424  0.562   1.00 21.05 ? 13  GLN A C   1 
ATOM   101 O  O   . GLN A 1 13  ? -1.638  -6.302  0.543   1.00 21.18 ? 13  GLN A O   1 
ATOM   102 C  CB  . GLN A 1 13  ? -1.757  -4.039  -1.376  1.00 18.90 ? 13  GLN A CB  1 
ATOM   103 C  CG  . GLN A 1 13  ? -2.858  -4.564  -2.281  1.00 22.11 ? 13  GLN A CG  1 
ATOM   104 C  CD  . GLN A 1 13  ? -2.389  -4.811  -3.688  1.00 21.24 ? 13  GLN A CD  1 
ATOM   105 O  OE1 . GLN A 1 13  ? -1.480  -5.606  -3.927  1.00 20.81 ? 13  GLN A OE1 1 
ATOM   106 N  NE2 . GLN A 1 13  ? -3.003  -4.135  -4.633  1.00 18.63 ? 13  GLN A NE2 1 
ATOM   107 N  N   . THR A 1 14  ? -3.731  -5.627  0.993   1.00 21.03 ? 14  THR A N   1 
ATOM   108 C  CA  . THR A 1 14  ? -4.185  -6.933  1.459   1.00 19.77 ? 14  THR A CA  1 
ATOM   109 C  C   . THR A 1 14  ? -5.304  -7.449  0.571   1.00 19.71 ? 14  THR A C   1 
ATOM   110 O  O   . THR A 1 14  ? -6.379  -6.870  0.513   1.00 19.40 ? 14  THR A O   1 
ATOM   111 C  CB  . THR A 1 14  ? -4.695  -6.875  2.909   1.00 19.90 ? 14  THR A CB  1 
ATOM   112 O  OG1 . THR A 1 14  ? -3.635  -6.460  3.773   1.00 16.65 ? 14  THR A OG1 1 
ATOM   113 C  CG2 . THR A 1 14  ? -5.197  -8.232  3.350   1.00 21.35 ? 14  THR A CG2 1 
ATOM   114 N  N   . ILE A 1 15  ? -5.032  -8.551  -0.114  1.00 20.87 ? 15  ILE A N   1 
ATOM   115 C  CA  . ILE A 1 15  ? -5.992  -9.179  -1.007  1.00 21.12 ? 15  ILE A CA  1 
ATOM   116 C  C   . ILE A 1 15  ? -6.546  -10.478 -0.415  1.00 22.20 ? 15  ILE A C   1 
ATOM   117 O  O   . ILE A 1 15  ? -5.792  -11.406 -0.116  1.00 22.94 ? 15  ILE A O   1 
ATOM   118 C  CB  . ILE A 1 15  ? -5.343  -9.494  -2.371  1.00 20.45 ? 15  ILE A CB  1 
ATOM   119 C  CG1 . ILE A 1 15  ? -4.751  -8.225  -2.973  1.00 21.55 ? 15  ILE A CG1 1 
ATOM   120 C  CG2 . ILE A 1 15  ? -6.385  -10.078 -3.323  1.00 20.40 ? 15  ILE A CG2 1 
ATOM   121 C  CD1 . ILE A 1 15  ? -5.768  -7.172  -3.283  1.00 20.94 ? 15  ILE A CD1 1 
ATOM   122 N  N   . HIS A 1 16  ? -7.866  -10.537 -0.262  1.00 22.13 ? 16  HIS A N   1 
ATOM   123 C  CA  . HIS A 1 16  ? -8.530  -11.711 0.292   1.00 23.07 ? 16  HIS A CA  1 
ATOM   124 C  C   . HIS A 1 16  ? -9.071  -12.566 -0.846  1.00 24.27 ? 16  HIS A C   1 
ATOM   125 O  O   . HIS A 1 16  ? -9.497  -12.043 -1.890  1.00 22.33 ? 16  HIS A O   1 
ATOM   126 C  CB  . HIS A 1 16  ? -9.680  -11.292 1.211   1.00 20.89 ? 16  HIS A CB  1 
ATOM   127 C  CG  . HIS A 1 16  ? -9.237  -10.548 2.435   1.00 21.42 ? 16  HIS A CG  1 
ATOM   128 N  ND1 . HIS A 1 16  ? -8.424  -11.107 3.391   1.00 20.27 ? 16  HIS A ND1 1 
ATOM   129 C  CD2 . HIS A 1 16  ? -9.512  -9.288  2.854   1.00 21.01 ? 16  HIS A CD2 1 
ATOM   130 C  CE1 . HIS A 1 16  ? -8.213  -10.221 4.358   1.00 19.95 ? 16  HIS A CE1 1 
ATOM   131 N  NE2 . HIS A 1 16  ? -8.861  -9.116  4.053   1.00 19.30 ? 16  HIS A NE2 1 
ATOM   132 N  N   . TYR A 1 17  ? -9.044  -13.881 -0.647  1.00 24.81 ? 17  TYR A N   1 
ATOM   133 C  CA  . TYR A 1 17  ? -9.538  -14.813 -1.648  1.00 25.55 ? 17  TYR A CA  1 
ATOM   134 C  C   . TYR A 1 17  ? -10.567 -15.720 -0.983  1.00 26.30 ? 17  TYR A C   1 
ATOM   135 O  O   . TYR A 1 17  ? -10.237 -16.502 -0.105  1.00 26.71 ? 17  TYR A O   1 
ATOM   136 C  CB  . TYR A 1 17  ? -8.379  -15.635 -2.213  1.00 24.45 ? 17  TYR A CB  1 
ATOM   137 C  CG  . TYR A 1 17  ? -7.322  -14.784 -2.883  1.00 25.79 ? 17  TYR A CG  1 
ATOM   138 C  CD1 . TYR A 1 17  ? -7.550  -14.211 -4.123  1.00 25.35 ? 17  TYR A CD1 1 
ATOM   139 C  CD2 . TYR A 1 17  ? -6.107  -14.518 -2.254  1.00 27.36 ? 17  TYR A CD2 1 
ATOM   140 C  CE1 . TYR A 1 17  ? -6.603  -13.392 -4.720  1.00 26.98 ? 17  TYR A CE1 1 
ATOM   141 C  CE2 . TYR A 1 17  ? -5.147  -13.697 -2.845  1.00 28.25 ? 17  TYR A CE2 1 
ATOM   142 C  CZ  . TYR A 1 17  ? -5.408  -13.140 -4.080  1.00 27.18 ? 17  TYR A CZ  1 
ATOM   143 O  OH  . TYR A 1 17  ? -4.479  -12.330 -4.689  1.00 28.56 ? 17  TYR A OH  1 
ATOM   144 N  N   . ARG A 1 18  ? -11.820 -15.586 -1.399  1.00 27.48 ? 18  ARG A N   1 
ATOM   145 C  CA  . ARG A 1 18  ? -12.905 -16.377 -0.842  1.00 28.36 ? 18  ARG A CA  1 
ATOM   146 C  C   . ARG A 1 18  ? -13.851 -16.914 -1.913  1.00 28.82 ? 18  ARG A C   1 
ATOM   147 O  O   . ARG A 1 18  ? -13.858 -16.446 -3.061  1.00 27.48 ? 18  ARG A O   1 
ATOM   148 C  CB  . ARG A 1 18  ? -13.698 -15.530 0.152   1.00 28.76 ? 18  ARG A CB  1 
ATOM   149 C  CG  . ARG A 1 18  ? -12.905 -15.131 1.380   1.00 32.84 ? 18  ARG A CG  1 
ATOM   150 C  CD  . ARG A 1 18  ? -13.789 -14.458 2.406   1.00 37.31 ? 18  ARG A CD  1 
ATOM   151 N  NE  . ARG A 1 18  ? -13.173 -14.431 3.725   1.00 42.48 ? 18  ARG A NE  1 
ATOM   152 C  CZ  . ARG A 1 18  ? -13.799 -14.040 4.832   1.00 44.80 ? 18  ARG A CZ  1 
ATOM   153 N  NH1 . ARG A 1 18  ? -15.065 -13.637 4.778   1.00 45.72 ? 18  ARG A NH1 1 
ATOM   154 N  NH2 . ARG A 1 18  ? -13.160 -14.067 5.998   1.00 45.84 ? 18  ARG A NH2 1 
ATOM   155 N  N   . TYR A 1 19  ? -14.643 -17.912 -1.530  1.00 29.77 ? 19  TYR A N   1 
ATOM   156 C  CA  . TYR A 1 19  ? -15.633 -18.491 -2.432  1.00 30.59 ? 19  TYR A CA  1 
ATOM   157 C  C   . TYR A 1 19  ? -16.906 -17.704 -2.145  1.00 31.01 ? 19  TYR A C   1 
ATOM   158 O  O   . TYR A 1 19  ? -16.980 -16.999 -1.137  1.00 29.97 ? 19  TYR A O   1 
ATOM   159 C  CB  . TYR A 1 19  ? -15.851 -19.968 -2.107  1.00 31.95 ? 19  TYR A CB  1 
ATOM   160 C  CG  . TYR A 1 19  ? -14.702 -20.869 -2.511  1.00 31.71 ? 19  TYR A CG  1 
ATOM   161 C  CD1 . TYR A 1 19  ? -14.506 -21.235 -3.851  1.00 32.50 ? 19  TYR A CD1 1 
ATOM   162 C  CD2 . TYR A 1 19  ? -13.808 -21.355 -1.561  1.00 32.43 ? 19  TYR A CD2 1 
ATOM   163 C  CE1 . TYR A 1 19  ? -13.448 -22.063 -4.221  1.00 34.24 ? 19  TYR A CE1 1 
ATOM   164 C  CE2 . TYR A 1 19  ? -12.745 -22.186 -1.927  1.00 33.98 ? 19  TYR A CE2 1 
ATOM   165 C  CZ  . TYR A 1 19  ? -12.571 -22.534 -3.249  1.00 32.65 ? 19  TYR A CZ  1 
ATOM   166 O  OH  . TYR A 1 19  ? -11.520 -23.352 -3.612  1.00 35.80 ? 19  TYR A OH  1 
ATOM   167 N  N   . GLU A 1 20  ? -17.898 -17.809 -3.022  1.00 33.65 ? 20  GLU A N   1 
ATOM   168 C  CA  . GLU A 1 20  ? -19.153 -17.089 -2.825  1.00 34.63 ? 20  GLU A CA  1 
ATOM   169 C  C   . GLU A 1 20  ? -19.763 -17.341 -1.451  1.00 33.98 ? 20  GLU A C   1 
ATOM   170 O  O   . GLU A 1 20  ? -20.388 -16.451 -0.876  1.00 33.45 ? 20  GLU A O   1 
ATOM   171 C  CB  . GLU A 1 20  ? -20.168 -17.476 -3.894  1.00 37.66 ? 20  GLU A CB  1 
ATOM   172 C  CG  . GLU A 1 20  ? -19.773 -17.068 -5.298  1.00 41.69 ? 20  GLU A CG  1 
ATOM   173 C  CD  . GLU A 1 20  ? -20.856 -17.380 -6.313  1.00 44.71 ? 20  GLU A CD  1 
ATOM   174 O  OE1 . GLU A 1 20  ? -21.239 -18.569 -6.429  1.00 46.15 ? 20  GLU A OE1 1 
ATOM   175 O  OE2 . GLU A 1 20  ? -21.323 -16.436 -6.991  1.00 47.11 ? 20  GLU A OE2 1 
ATOM   176 N  N   . ASP A 1 21  ? -19.564 -18.545 -0.923  1.00 33.11 ? 21  ASP A N   1 
ATOM   177 C  CA  . ASP A 1 21  ? -20.108 -18.905 0.378   1.00 33.79 ? 21  ASP A CA  1 
ATOM   178 C  C   . ASP A 1 21  ? -19.301 -18.346 1.546   1.00 33.92 ? 21  ASP A C   1 
ATOM   179 O  O   . ASP A 1 21  ? -19.643 -18.573 2.710   1.00 33.97 ? 21  ASP A O   1 
ATOM   180 C  CB  . ASP A 1 21  ? -20.233 -20.432 0.496   1.00 35.27 ? 21  ASP A CB  1 
ATOM   181 C  CG  . ASP A 1 21  ? -18.929 -21.161 0.183   1.00 37.47 ? 21  ASP A CG  1 
ATOM   182 O  OD1 . ASP A 1 21  ? -18.960 -22.397 -0.013  1.00 37.30 ? 21  ASP A OD1 1 
ATOM   183 O  OD2 . ASP A 1 21  ? -17.868 -20.504 0.138   1.00 36.79 ? 21  ASP A OD2 1 
ATOM   184 N  N   . GLY A 1 22  ? -18.224 -17.629 1.235   1.00 33.47 ? 22  GLY A N   1 
ATOM   185 C  CA  . GLY A 1 22  ? -17.415 -17.023 2.277   1.00 33.73 ? 22  GLY A CA  1 
ATOM   186 C  C   . GLY A 1 22  ? -16.234 -17.869 2.702   1.00 34.93 ? 22  GLY A C   1 
ATOM   187 O  O   . GLY A 1 22  ? -15.396 -17.441 3.494   1.00 35.31 ? 22  GLY A O   1 
ATOM   188 N  N   . ALA A 1 23  ? -16.167 -19.087 2.184   1.00 34.76 ? 23  ALA A N   1 
ATOM   189 C  CA  . ALA A 1 23  ? -15.075 -19.993 2.520   1.00 34.66 ? 23  ALA A CA  1 
ATOM   190 C  C   . ALA A 1 23  ? -13.771 -19.449 1.957   1.00 34.12 ? 23  ALA A C   1 
ATOM   191 O  O   . ALA A 1 23  ? -13.725 -18.997 0.818   1.00 33.36 ? 23  ALA A O   1 
ATOM   192 C  CB  . ALA A 1 23  ? -15.359 -21.385 1.947   1.00 34.03 ? 23  ALA A CB  1 
ATOM   193 N  N   . VAL A 1 24  ? -12.720 -19.477 2.767   1.00 32.89 ? 24  VAL A N   1 
ATOM   194 C  CA  . VAL A 1 24  ? -11.413 -18.996 2.337   1.00 34.34 ? 24  VAL A CA  1 
ATOM   195 C  C   . VAL A 1 24  ? -10.946 -19.842 1.167   1.00 33.57 ? 24  VAL A C   1 
ATOM   196 O  O   . VAL A 1 24  ? -10.785 -21.058 1.296   1.00 33.70 ? 24  VAL A O   1 
ATOM   197 C  CB  . VAL A 1 24  ? -10.378 -19.093 3.482   1.00 34.89 ? 24  VAL A CB  1 
ATOM   198 C  CG1 . VAL A 1 24  ? -10.390 -20.491 4.087   1.00 37.83 ? 24  VAL A CG1 1 
ATOM   199 C  CG2 . VAL A 1 24  ? -8.997  -18.756 2.970   1.00 38.18 ? 24  VAL A CG2 1 
ATOM   200 N  N   . ALA A 1 25  ? -10.730 -19.203 0.023   1.00 32.27 ? 25  ALA A N   1 
ATOM   201 C  CA  . ALA A 1 25  ? -10.298 -19.933 -1.154  1.00 32.12 ? 25  ALA A CA  1 
ATOM   202 C  C   . ALA A 1 25  ? -8.783  -19.996 -1.312  1.00 32.75 ? 25  ALA A C   1 
ATOM   203 O  O   . ALA A 1 25  ? -8.276  -20.828 -2.065  1.00 32.79 ? 25  ALA A O   1 
ATOM   204 C  CB  . ALA A 1 25  ? -10.929 -19.327 -2.407  1.00 33.44 ? 25  ALA A CB  1 
ATOM   205 N  N   . HIS A 1 26  ? -8.063  -19.129 -0.604  1.00 33.05 ? 26  HIS A N   1 
ATOM   206 C  CA  . HIS A 1 26  ? -6.607  -19.105 -0.693  1.00 33.31 ? 26  HIS A CA  1 
ATOM   207 C  C   . HIS A 1 26  ? -6.036  -18.102 0.320   1.00 33.46 ? 26  HIS A C   1 
ATOM   208 O  O   . HIS A 1 26  ? -6.700  -17.111 0.660   1.00 34.42 ? 26  HIS A O   1 
ATOM   209 C  CB  . HIS A 1 26  ? -6.207  -18.708 -2.117  1.00 34.44 ? 26  HIS A CB  1 
ATOM   210 C  CG  . HIS A 1 26  ? -4.742  -18.826 -2.389  1.00 36.07 ? 26  HIS A CG  1 
ATOM   211 N  ND1 . HIS A 1 26  ? -3.801  -18.061 -1.737  1.00 37.09 ? 26  HIS A ND1 1 
ATOM   212 C  CD2 . HIS A 1 26  ? -4.054  -19.645 -3.220  1.00 37.19 ? 26  HIS A CD2 1 
ATOM   213 C  CE1 . HIS A 1 26  ? -2.594  -18.406 -2.152  1.00 37.33 ? 26  HIS A CE1 1 
ATOM   214 N  NE2 . HIS A 1 26  ? -2.721  -19.365 -3.050  1.00 37.12 ? 26  HIS A NE2 1 
ATOM   215 N  N   . ASP A 1 27  ? -4.815  -18.337 0.799   1.00 31.42 ? 27  ASP A N   1 
ATOM   216 C  CA  . ASP A 1 27  ? -4.214  -17.415 1.771   1.00 30.69 ? 27  ASP A CA  1 
ATOM   217 C  C   . ASP A 1 27  ? -4.179  -15.984 1.230   1.00 28.48 ? 27  ASP A C   1 
ATOM   218 O  O   . ASP A 1 27  ? -4.000  -15.759 0.030   1.00 27.00 ? 27  ASP A O   1 
ATOM   219 C  CB  . ASP A 1 27  ? -2.778  -17.822 2.133   1.00 32.68 ? 27  ASP A CB  1 
ATOM   220 C  CG  . ASP A 1 27  ? -2.706  -19.125 2.908   1.00 33.84 ? 27  ASP A CG  1 
ATOM   221 O  OD1 . ASP A 1 27  ? -3.525  -19.335 3.834   1.00 31.80 ? 27  ASP A OD1 1 
ATOM   222 O  OD2 . ASP A 1 27  ? -1.805  -19.933 2.593   1.00 35.47 ? 27  ASP A OD2 1 
ATOM   223 N  N   . ASP A 1 28  ? -4.325  -15.020 2.128   1.00 27.46 ? 28  ASP A N   1 
ATOM   224 C  CA  . ASP A 1 28  ? -4.315  -13.627 1.738   1.00 27.78 ? 28  ASP A CA  1 
ATOM   225 C  C   . ASP A 1 28  ? -2.956  -13.259 1.146   1.00 26.61 ? 28  ASP A C   1 
ATOM   226 O  O   . ASP A 1 28  ? -1.931  -13.862 1.490   1.00 23.59 ? 28  ASP A O   1 
ATOM   227 C  CB  . ASP A 1 28  ? -4.599  -12.732 2.950   1.00 28.88 ? 28  ASP A CB  1 
ATOM   228 C  CG  . ASP A 1 28  ? -5.986  -12.945 3.532   1.00 31.43 ? 28  ASP A CG  1 
ATOM   229 O  OD1 . ASP A 1 28  ? -6.890  -13.386 2.780   1.00 33.69 ? 28  ASP A OD1 1 
ATOM   230 O  OD2 . ASP A 1 28  ? -6.170  -12.655 4.738   1.00 36.46 ? 28  ASP A OD2 1 
ATOM   231 N  N   . HIS A 1 29  ? -2.960  -12.271 0.252   1.00 25.01 ? 29  HIS A N   1 
ATOM   232 C  CA  . HIS A 1 29  ? -1.727  -11.803 -0.359  1.00 24.43 ? 29  HIS A CA  1 
ATOM   233 C  C   . HIS A 1 29  ? -1.448  -10.422 0.195   1.00 23.74 ? 29  HIS A C   1 
ATOM   234 O  O   . HIS A 1 29  ? -2.222  -9.503  -0.019  1.00 23.16 ? 29  HIS A O   1 
ATOM   235 C  CB  . HIS A 1 29  ? -1.863  -11.729 -1.867  1.00 25.99 ? 29  HIS A CB  1 
ATOM   236 C  CG  . HIS A 1 29  ? -0.577  -11.426 -2.569  1.00 28.70 ? 29  HIS A CG  1 
ATOM   237 N  ND1 . HIS A 1 29  ? 0.113   -10.251 -2.381  1.00 30.11 ? 29  HIS A ND1 1 
ATOM   238 C  CD2 . HIS A 1 29  ? 0.137   -12.151 -3.462  1.00 30.32 ? 29  HIS A CD2 1 
ATOM   239 C  CE1 . HIS A 1 29  ? 1.203   -10.260 -3.134  1.00 32.20 ? 29  HIS A CE1 1 
ATOM   240 N  NE2 . HIS A 1 29  ? 1.240   -11.399 -3.797  1.00 32.25 ? 29  HIS A NE2 1 
ATOM   241 N  N   . VAL A 1 30  ? -0.361  -10.287 0.944   1.00 22.27 ? 30  VAL A N   1 
ATOM   242 C  CA  . VAL A 1 30  ? -0.006  -9.000  1.526   1.00 21.91 ? 30  VAL A CA  1 
ATOM   243 C  C   . VAL A 1 30  ? 1.331   -8.501  1.023   1.00 22.15 ? 30  VAL A C   1 
ATOM   244 O  O   . VAL A 1 30  ? 2.290   -9.263  0.957   1.00 22.72 ? 30  VAL A O   1 
ATOM   245 C  CB  . VAL A 1 30  ? 0.039   -9.096  3.065   1.00 21.27 ? 30  VAL A CB  1 
ATOM   246 C  CG1 . VAL A 1 30  ? 0.238   -7.742  3.672   1.00 21.37 ? 30  VAL A CG1 1 
ATOM   247 C  CG2 . VAL A 1 30  ? -1.272  -9.729  3.581   1.00 22.54 ? 30  VAL A CG2 1 
ATOM   248 N  N   . VAL A 1 31  ? 1.364   -7.225  0.636   1.00 22.01 ? 31  VAL A N   1 
ATOM   249 C  CA  . VAL A 1 31  ? 2.572   -6.562  0.163   1.00 20.13 ? 31  VAL A CA  1 
ATOM   250 C  C   . VAL A 1 31  ? 2.594   -5.161  0.741   1.00 17.62 ? 31  VAL A C   1 
ATOM   251 O  O   . VAL A 1 31  ? 1.564   -4.595  1.130   1.00 16.39 ? 31  VAL A O   1 
ATOM   252 C  CB  . VAL A 1 31  ? 2.656   -6.465  -1.383  1.00 21.13 ? 31  VAL A CB  1 
ATOM   253 C  CG1 . VAL A 1 31  ? 2.932   -7.832  -1.958  1.00 21.53 ? 31  VAL A CG1 1 
ATOM   254 C  CG2 . VAL A 1 31  ? 1.368   -5.898  -1.959  1.00 22.33 ? 31  VAL A CG2 1 
ATOM   255 N  N   . SER A 1 32  ? 3.775   -4.578  0.754   1.00 18.71 ? 32  SER A N   1 
ATOM   256 C  CA  . SER A 1 32  ? 3.910   -3.276  1.353   1.00 18.77 ? 32  SER A CA  1 
ATOM   257 C  C   . SER A 1 32  ? 4.771   -2.329  0.560   1.00 17.71 ? 32  SER A C   1 
ATOM   258 O  O   . SER A 1 32  ? 5.640   -2.744  -0.200  1.00 16.43 ? 32  SER A O   1 
ATOM   259 C  CB  . SER A 1 32  ? 4.479   -3.451  2.762   1.00 22.42 ? 32  SER A CB  1 
ATOM   260 O  OG  . SER A 1 32  ? 4.923   -2.217  3.282   1.00 31.67 ? 32  SER A OG  1 
ATOM   261 N  N   . LEU A 1 33  ? 4.526   -1.042  0.749   1.00 14.35 ? 33  LEU A N   1 
ATOM   262 C  CA  . LEU A 1 33  ? 5.297   -0.009  0.072   1.00 14.15 ? 33  LEU A CA  1 
ATOM   263 C  C   . LEU A 1 33  ? 5.759   0.925   1.185   1.00 12.94 ? 33  LEU A C   1 
ATOM   264 O  O   . LEU A 1 33  ? 4.954   1.445   1.971   1.00 15.66 ? 33  LEU A O   1 
ATOM   265 C  CB  . LEU A 1 33  ? 4.423   0.730   -0.949  1.00 13.40 ? 33  LEU A CB  1 
ATOM   266 C  CG  . LEU A 1 33  ? 3.985   -0.110  -2.153  1.00 15.40 ? 33  LEU A CG  1 
ATOM   267 C  CD1 . LEU A 1 33  ? 3.114   0.683   -3.080  1.00 16.87 ? 33  LEU A CD1 1 
ATOM   268 C  CD2 . LEU A 1 33  ? 5.203   -0.640  -2.849  1.00 18.09 ? 33  LEU A CD2 1 
ATOM   269 N  N   . ILE A 1 34  ? 7.067   1.123   1.262   1.00 13.25 ? 34  ILE A N   1 
ATOM   270 C  CA  . ILE A 1 34  ? 7.648   1.959   2.302   1.00 13.43 ? 34  ILE A CA  1 
ATOM   271 C  C   . ILE A 1 34  ? 8.132   3.291   1.720   1.00 13.33 ? 34  ILE A C   1 
ATOM   272 O  O   . ILE A 1 34  ? 8.933   3.332   0.796   1.00 12.15 ? 34  ILE A O   1 
ATOM   273 C  CB  . ILE A 1 34  ? 8.796   1.197   2.973   1.00 13.71 ? 34  ILE A CB  1 
ATOM   274 C  CG1 . ILE A 1 34  ? 8.269   -0.187  3.369   1.00 13.82 ? 34  ILE A CG1 1 
ATOM   275 C  CG2 . ILE A 1 34  ? 9.321   1.963   4.204   1.00 12.88 ? 34  ILE A CG2 1 
ATOM   276 C  CD1 . ILE A 1 34  ? 9.326   -1.153  3.943   1.00 18.32 ? 34  ILE A CD1 1 
ATOM   277 N  N   . PHE A 1 35  ? 7.623   4.379   2.288   1.00 11.05 ? 35  PHE A N   1 
ATOM   278 C  CA  . PHE A 1 35  ? 7.940   5.736   1.859   1.00 12.13 ? 35  PHE A CA  1 
ATOM   279 C  C   . PHE A 1 35  ? 8.686   6.473   2.972   1.00 10.73 ? 35  PHE A C   1 
ATOM   280 O  O   . PHE A 1 35  ? 8.201   6.571   4.109   1.00 8.92  ? 35  PHE A O   1 
ATOM   281 C  CB  . PHE A 1 35  ? 6.654   6.504   1.570   1.00 12.13 ? 35  PHE A CB  1 
ATOM   282 C  CG  . PHE A 1 35  ? 5.803   5.906   0.498   1.00 10.96 ? 35  PHE A CG  1 
ATOM   283 C  CD1 . PHE A 1 35  ? 5.745   6.486   -0.766  1.00 12.89 ? 35  PHE A CD1 1 
ATOM   284 C  CD2 . PHE A 1 35  ? 5.053   4.765   0.745   1.00 10.51 ? 35  PHE A CD2 1 
ATOM   285 C  CE1 . PHE A 1 35  ? 4.938   5.936   -1.785  1.00 13.34 ? 35  PHE A CE1 1 
ATOM   286 C  CE2 . PHE A 1 35  ? 4.247   4.203   -0.251  1.00 13.09 ? 35  PHE A CE2 1 
ATOM   287 C  CZ  . PHE A 1 35  ? 4.190   4.788   -1.516  1.00 13.16 ? 35  PHE A CZ  1 
ATOM   288 N  N   . THR A 1 36  ? 9.857   7.004   2.651   1.00 8.20  ? 36  THR A N   1 
ATOM   289 C  CA  . THR A 1 36  ? 10.639  7.704   3.650   1.00 10.96 ? 36  THR A CA  1 
ATOM   290 C  C   . THR A 1 36  ? 11.095  9.057   3.148   1.00 12.29 ? 36  THR A C   1 
ATOM   291 O  O   . THR A 1 36  ? 11.767  9.154   2.129   1.00 15.01 ? 36  THR A O   1 
ATOM   292 C  CB  . THR A 1 36  ? 11.898  6.895   4.075   1.00 12.56 ? 36  THR A CB  1 
ATOM   293 O  OG1 . THR A 1 36  ? 11.493  5.705   4.754   1.00 12.14 ? 36  THR A OG1 1 
ATOM   294 C  CG2 . THR A 1 36  ? 12.772  7.715   5.055   1.00 12.13 ? 36  THR A CG2 1 
ATOM   295 N  N   . GLN A 1 37  ? 10.710  10.107  3.864   1.00 11.51 ? 37  GLN A N   1 
ATOM   296 C  CA  . GLN A 1 37  ? 11.116  11.462  3.521   1.00 13.81 ? 37  GLN A CA  1 
ATOM   297 C  C   . GLN A 1 37  ? 12.199  11.932  4.476   1.00 16.09 ? 37  GLN A C   1 
ATOM   298 O  O   . GLN A 1 37  ? 12.139  11.657  5.690   1.00 14.58 ? 37  GLN A O   1 
ATOM   299 C  CB  . GLN A 1 37  ? 9.927   12.409  3.604   1.00 13.34 ? 37  GLN A CB  1 
ATOM   300 C  CG  . GLN A 1 37  ? 10.291  13.871  3.560   1.00 12.77 ? 37  GLN A CG  1 
ATOM   301 C  CD  . GLN A 1 37  ? 9.083   14.792  3.566   1.00 14.87 ? 37  GLN A CD  1 
ATOM   302 O  OE1 . GLN A 1 37  ? 8.016   14.435  4.058   1.00 16.26 ? 37  GLN A OE1 1 
ATOM   303 N  NE2 . GLN A 1 37  ? 9.262   16.000  3.067   1.00 14.23 ? 37  GLN A NE2 1 
ATOM   304 N  N   . SER A 1 38  ? 13.201  12.612  3.922   1.00 14.32 ? 38  SER A N   1 
ATOM   305 C  CA  . SER A 1 38  ? 14.296  13.161  4.710   1.00 16.28 ? 38  SER A CA  1 
ATOM   306 C  C   . SER A 1 38  ? 14.057  14.648  4.961   1.00 17.49 ? 38  SER A C   1 
ATOM   307 O  O   . SER A 1 38  ? 13.403  15.332  4.186   1.00 19.66 ? 38  SER A O   1 
ATOM   308 C  CB  . SER A 1 38  ? 15.631  12.996  3.991   1.00 16.96 ? 38  SER A CB  1 
ATOM   309 O  OG  . SER A 1 38  ? 16.012  11.634  3.954   1.00 24.71 ? 38  SER A OG  1 
ATOM   310 N  N   . GLY A 1 39  ? 14.597  15.137  6.067   1.00 14.22 ? 39  GLY A N   1 
ATOM   311 C  CA  . GLY A 1 39  ? 14.442  16.532  6.431   1.00 15.50 ? 39  GLY A CA  1 
ATOM   312 C  C   . GLY A 1 39  ? 15.531  16.933  7.411   1.00 15.20 ? 39  GLY A C   1 
ATOM   313 O  O   . GLY A 1 39  ? 16.477  16.190  7.647   1.00 15.18 ? 39  GLY A O   1 
ATOM   314 N  N   . LYS A 1 40  ? 15.391  18.116  7.994   1.00 18.14 ? 40  LYS A N   1 
ATOM   315 C  CA  . LYS A 1 40  ? 16.370  18.608  8.945   1.00 19.00 ? 40  LYS A CA  1 
ATOM   316 C  C   . LYS A 1 40  ? 15.677  19.159  10.179  1.00 18.10 ? 40  LYS A C   1 
ATOM   317 O  O   . LYS A 1 40  ? 14.511  19.516  10.134  1.00 18.37 ? 40  LYS A O   1 
ATOM   318 C  CB  . LYS A 1 40  ? 17.209  19.732  8.318   1.00 22.77 ? 40  LYS A CB  1 
ATOM   319 C  CG  . LYS A 1 40  ? 17.938  19.365  7.026   1.00 26.59 ? 40  LYS A CG  1 
ATOM   320 C  CD  . LYS A 1 40  ? 19.050  18.349  7.261   1.00 28.81 ? 40  LYS A CD  1 
ATOM   321 C  CE  . LYS A 1 40  ? 19.630  17.853  5.932   1.00 31.26 ? 40  LYS A CE  1 
ATOM   322 N  NZ  . LYS A 1 40  ? 20.518  16.650  6.127   1.00 32.68 ? 40  LYS A NZ  1 
ATOM   323 N  N   . ARG A 1 41  ? 16.414  19.222  11.279  1.00 15.89 ? 41  ARG A N   1 
ATOM   324 C  CA  . ARG A 1 41  ? 15.915  19.789  12.517  1.00 16.29 ? 41  ARG A CA  1 
ATOM   325 C  C   . ARG A 1 41  ? 16.929  20.837  12.951  1.00 16.20 ? 41  ARG A C   1 
ATOM   326 O  O   . ARG A 1 41  ? 18.129  20.603  12.916  1.00 18.77 ? 41  ARG A O   1 
ATOM   327 C  CB  . ARG A 1 41  ? 15.790  18.736  13.616  1.00 17.39 ? 41  ARG A CB  1 
ATOM   328 C  CG  . ARG A 1 41  ? 15.346  19.338  14.967  1.00 18.74 ? 41  ARG A CG  1 
ATOM   329 C  CD  . ARG A 1 41  ? 15.310  18.288  16.098  1.00 21.62 ? 41  ARG A CD  1 
ATOM   330 N  NE  . ARG A 1 41  ? 14.399  17.190  15.781  1.00 24.90 ? 41  ARG A NE  1 
ATOM   331 C  CZ  . ARG A 1 41  ? 14.727  15.897  15.810  1.00 24.72 ? 41  ARG A CZ  1 
ATOM   332 N  NH1 . ARG A 1 41  ? 15.956  15.530  16.149  1.00 27.82 ? 41  ARG A NH1 1 
ATOM   333 N  NH2 . ARG A 1 41  ? 13.823  14.968  15.504  1.00 26.36 ? 41  ARG A NH2 1 
ATOM   334 N  N   . ASP A 1 42  ? 16.446  21.998  13.355  1.00 17.54 ? 42  ASP A N   1 
ATOM   335 C  CA  . ASP A 1 42  ? 17.344  23.038  13.801  1.00 19.94 ? 42  ASP A CA  1 
ATOM   336 C  C   . ASP A 1 42  ? 17.763  22.643  15.221  1.00 21.24 ? 42  ASP A C   1 
ATOM   337 O  O   . ASP A 1 42  ? 16.925  22.314  16.067  1.00 19.87 ? 42  ASP A O   1 
ATOM   338 C  CB  . ASP A 1 42  ? 16.629  24.384  13.789  1.00 21.50 ? 42  ASP A CB  1 
ATOM   339 C  CG  . ASP A 1 42  ? 17.586  25.533  13.899  1.00 25.76 ? 42  ASP A CG  1 
ATOM   340 O  OD1 . ASP A 1 42  ? 18.223  25.668  14.964  1.00 26.24 ? 42  ASP A OD1 1 
ATOM   341 O  OD2 . ASP A 1 42  ? 17.725  26.298  12.916  1.00 27.10 ? 42  ASP A OD2 1 
ATOM   342 N  N   . LEU A 1 43  ? 19.066  22.655  15.475  1.00 23.22 ? 43  LEU A N   1 
ATOM   343 C  CA  . LEU A 1 43  ? 19.574  22.268  16.783  1.00 24.56 ? 43  LEU A CA  1 
ATOM   344 C  C   . LEU A 1 43  ? 19.394  23.377  17.819  1.00 25.20 ? 43  LEU A C   1 
ATOM   345 O  O   . LEU A 1 43  ? 19.508  23.145  19.025  1.00 23.83 ? 43  LEU A O   1 
ATOM   346 C  CB  . LEU A 1 43  ? 21.051  21.878  16.660  1.00 25.04 ? 43  LEU A CB  1 
ATOM   347 C  CG  . LEU A 1 43  ? 21.280  20.594  15.857  1.00 26.65 ? 43  LEU A CG  1 
ATOM   348 C  CD1 . LEU A 1 43  ? 22.750  20.359  15.624  1.00 26.57 ? 43  LEU A CD1 1 
ATOM   349 C  CD2 . LEU A 1 43  ? 20.671  19.416  16.633  1.00 27.26 ? 43  LEU A CD2 1 
ATOM   350 N  N   . THR A 1 44  ? 19.083  24.579  17.340  1.00 25.55 ? 44  THR A N   1 
ATOM   351 C  CA  . THR A 1 44  ? 18.913  25.737  18.208  1.00 26.05 ? 44  THR A CA  1 
ATOM   352 C  C   . THR A 1 44  ? 17.515  25.896  18.790  1.00 26.05 ? 44  THR A C   1 
ATOM   353 O  O   . THR A 1 44  ? 17.369  26.110  19.988  1.00 25.36 ? 44  THR A O   1 
ATOM   354 C  CB  . THR A 1 44  ? 19.268  27.041  17.465  1.00 26.98 ? 44  THR A CB  1 
ATOM   355 O  OG1 . THR A 1 44  ? 20.625  26.980  17.008  1.00 29.31 ? 44  THR A OG1 1 
ATOM   356 C  CG2 . THR A 1 44  ? 19.116  28.237  18.396  1.00 28.47 ? 44  THR A CG2 1 
ATOM   357 N  N   . ASN A 1 45  ? 16.490  25.786  17.948  1.00 24.23 ? 45  ASN A N   1 
ATOM   358 C  CA  . ASN A 1 45  ? 15.117  25.966  18.403  1.00 22.93 ? 45  ASN A CA  1 
ATOM   359 C  C   . ASN A 1 45  ? 14.200  24.756  18.230  1.00 21.73 ? 45  ASN A C   1 
ATOM   360 O  O   . ASN A 1 45  ? 13.005  24.841  18.516  1.00 23.10 ? 45  ASN A O   1 
ATOM   361 C  CB  . ASN A 1 45  ? 14.508  27.166  17.688  1.00 23.61 ? 45  ASN A CB  1 
ATOM   362 C  CG  . ASN A 1 45  ? 14.623  27.056  16.189  1.00 22.53 ? 45  ASN A CG  1 
ATOM   363 O  OD1 . ASN A 1 45  ? 14.538  25.961  15.640  1.00 22.46 ? 45  ASN A OD1 1 
ATOM   364 N  ND2 . ASN A 1 45  ? 14.796  28.189  15.513  1.00 21.27 ? 45  ASN A ND2 1 
ATOM   365 N  N   . GLY A 1 46  ? 14.748  23.643  17.755  1.00 19.17 ? 46  GLY A N   1 
ATOM   366 C  CA  . GLY A 1 46  ? 13.946  22.442  17.575  1.00 17.99 ? 46  GLY A CA  1 
ATOM   367 C  C   . GLY A 1 46  ? 13.023  22.384  16.360  1.00 18.51 ? 46  GLY A C   1 
ATOM   368 O  O   . GLY A 1 46  ? 12.355  21.382  16.146  1.00 21.11 ? 46  GLY A O   1 
ATOM   369 N  N   . LYS A 1 47  ? 12.988  23.429  15.548  1.00 16.16 ? 47  LYS A N   1 
ATOM   370 C  CA  . LYS A 1 47  ? 12.139  23.428  14.360  1.00 19.25 ? 47  LYS A CA  1 
ATOM   371 C  C   . LYS A 1 47  ? 12.512  22.312  13.373  1.00 16.72 ? 47  LYS A C   1 
ATOM   372 O  O   . LYS A 1 47  ? 13.679  22.120  13.032  1.00 14.56 ? 47  LYS A O   1 
ATOM   373 C  CB  . LYS A 1 47  ? 12.233  24.776  13.641  1.00 20.84 ? 47  LYS A CB  1 
ATOM   374 C  CG  . LYS A 1 47  ? 11.411  24.844  12.392  1.00 26.66 ? 47  LYS A CG  1 
ATOM   375 C  CD  . LYS A 1 47  ? 11.519  26.203  11.725  1.00 30.13 ? 47  LYS A CD  1 
ATOM   376 C  CE  . LYS A 1 47  ? 12.965  26.544  11.366  1.00 32.21 ? 47  LYS A CE  1 
ATOM   377 N  NZ  . LYS A 1 47  ? 13.091  27.888  10.736  1.00 34.10 ? 47  LYS A NZ  1 
ATOM   378 N  N   . GLU A 1 48  ? 11.512  21.576  12.916  1.00 17.57 ? 48  GLU A N   1 
ATOM   379 C  CA  . GLU A 1 48  ? 11.735  20.500  11.966  1.00 19.39 ? 48  GLU A CA  1 
ATOM   380 C  C   . GLU A 1 48  ? 11.325  21.033  10.600  1.00 19.80 ? 48  GLU A C   1 
ATOM   381 O  O   . GLU A 1 48  ? 10.198  21.478  10.416  1.00 20.58 ? 48  GLU A O   1 
ATOM   382 C  CB  . GLU A 1 48  ? 10.904  19.270  12.344  1.00 20.93 ? 48  GLU A CB  1 
ATOM   383 C  CG  . GLU A 1 48  ? 11.081  18.848  13.802  1.00 24.25 ? 48  GLU A CG  1 
ATOM   384 C  CD  . GLU A 1 48  ? 10.715  17.411  14.035  1.00 27.02 ? 48  GLU A CD  1 
ATOM   385 O  OE1 . GLU A 1 48  ? 9.605   17.007  13.645  1.00 28.68 ? 48  GLU A OE1 1 
ATOM   386 O  OE2 . GLU A 1 48  ? 11.540  16.671  14.609  1.00 29.26 ? 48  GLU A OE2 1 
ATOM   387 N  N   . ILE A 1 49  ? 12.247  20.995  9.645   1.00 19.35 ? 49  ILE A N   1 
ATOM   388 C  CA  . ILE A 1 49  ? 11.975  21.520  8.314   1.00 20.16 ? 49  ILE A CA  1 
ATOM   389 C  C   . ILE A 1 49  ? 11.803  20.442  7.256   1.00 18.55 ? 49  ILE A C   1 
ATOM   390 O  O   . ILE A 1 49  ? 12.712  19.658  7.013   1.00 14.65 ? 49  ILE A O   1 
ATOM   391 C  CB  . ILE A 1 49  ? 13.089  22.488  7.856   1.00 20.92 ? 49  ILE A CB  1 
ATOM   392 C  CG1 . ILE A 1 49  ? 13.212  23.660  8.827   1.00 24.98 ? 49  ILE A CG1 1 
ATOM   393 C  CG2 . ILE A 1 49  ? 12.777  23.014  6.468   1.00 25.73 ? 49  ILE A CG2 1 
ATOM   394 C  CD1 . ILE A 1 49  ? 14.042  23.369  10.061  1.00 26.19 ? 49  ILE A CD1 1 
ATOM   395 N  N   . TRP A 1 50  ? 10.616  20.390  6.658   1.00 18.70 ? 50  TRP A N   1 
ATOM   396 C  CA  . TRP A 1 50  ? 10.327  19.401  5.622   1.00 21.41 ? 50  TRP A CA  1 
ATOM   397 C  C   . TRP A 1 50  ? 10.008  20.076  4.286   1.00 23.08 ? 50  TRP A C   1 
ATOM   398 O  O   . TRP A 1 50  ? 9.313   21.078  4.268   1.00 23.62 ? 50  TRP A O   1 
ATOM   399 C  CB  . TRP A 1 50  ? 9.134   18.533  6.034   1.00 19.19 ? 50  TRP A CB  1 
ATOM   400 C  CG  . TRP A 1 50  ? 9.285   17.839  7.328   1.00 17.62 ? 50  TRP A CG  1 
ATOM   401 C  CD1 . TRP A 1 50  ? 8.765   18.219  8.544   1.00 19.65 ? 50  TRP A CD1 1 
ATOM   402 C  CD2 . TRP A 1 50  ? 9.994   16.618  7.559   1.00 15.60 ? 50  TRP A CD2 1 
ATOM   403 N  NE1 . TRP A 1 50  ? 9.109   17.299  9.504   1.00 15.68 ? 50  TRP A NE1 1 
ATOM   404 C  CE2 . TRP A 1 50  ? 9.860   16.307  8.930   1.00 17.85 ? 50  TRP A CE2 1 
ATOM   405 C  CE3 . TRP A 1 50  ? 10.732  15.754  6.738   1.00 15.55 ? 50  TRP A CE3 1 
ATOM   406 C  CZ2 . TRP A 1 50  ? 10.440  15.168  9.499   1.00 15.74 ? 50  TRP A CZ2 1 
ATOM   407 C  CZ3 . TRP A 1 50  ? 11.312  14.623  7.309   1.00 15.48 ? 50  TRP A CZ3 1 
ATOM   408 C  CH2 . TRP A 1 50  ? 11.160  14.342  8.678   1.00 16.39 ? 50  TRP A CH2 1 
ATOM   409 N  N   . ASP A 1 51  ? 10.507  19.544  3.172   1.00 25.46 ? 51  ASP A N   1 
ATOM   410 C  CA  . ASP A 1 51  ? 10.197  20.149  1.873   1.00 25.97 ? 51  ASP A CA  1 
ATOM   411 C  C   . ASP A 1 51  ? 8.710   19.943  1.574   1.00 26.89 ? 51  ASP A C   1 
ATOM   412 O  O   . ASP A 1 51  ? 8.261   18.827  1.296   1.00 25.97 ? 51  ASP A O   1 
ATOM   413 C  CB  . ASP A 1 51  ? 11.023  19.526  0.752   1.00 28.23 ? 51  ASP A CB  1 
ATOM   414 C  CG  . ASP A 1 51  ? 10.862  20.277  -0.570  1.00 28.75 ? 51  ASP A CG  1 
ATOM   415 O  OD1 . ASP A 1 51  ? 9.702   20.584  -0.941  1.00 28.94 ? 51  ASP A OD1 1 
ATOM   416 O  OD2 . ASP A 1 51  ? 11.887  20.554  -1.228  1.00 30.77 ? 51  ASP A OD2 1 
ATOM   417 N  N   . SER A 1 52  ? 7.960   21.037  1.628   1.00 27.27 ? 52  SER A N   1 
ATOM   418 C  CA  . SER A 1 52  ? 6.519   21.022  1.402   1.00 28.38 ? 52  SER A CA  1 
ATOM   419 C  C   . SER A 1 52  ? 6.039   20.419  0.089   1.00 27.86 ? 52  SER A C   1 
ATOM   420 O  O   . SER A 1 52  ? 4.897   19.933  -0.005  1.00 27.98 ? 52  SER A O   1 
ATOM   421 C  CB  . SER A 1 52  ? 5.977   22.441  1.510   1.00 30.17 ? 52  SER A CB  1 
ATOM   422 O  OG  . SER A 1 52  ? 4.557   22.439  1.522   1.00 34.61 ? 52  SER A OG  1 
ATOM   423 N  N   . LYS A 1 53  ? 6.905   20.439  -0.918  1.00 27.65 ? 53  LYS A N   1 
ATOM   424 C  CA  . LYS A 1 53  ? 6.542   19.918  -2.225  1.00 27.57 ? 53  LYS A CA  1 
ATOM   425 C  C   . LYS A 1 53  ? 7.058   18.499  -2.463  1.00 26.62 ? 53  LYS A C   1 
ATOM   426 O  O   . LYS A 1 53  ? 6.917   17.973  -3.563  1.00 25.57 ? 53  LYS A O   1 
ATOM   427 C  CB  . LYS A 1 53  ? 7.066   20.845  -3.323  1.00 21.10 ? 53  LYS A CB  1 
ATOM   428 C  CG  . LYS A 1 53  ? 6.504   22.257  -3.263  1.00 22.06 ? 53  LYS A CG  1 
ATOM   429 C  CD  . LYS A 1 53  ? 5.003   22.266  -3.499  1.00 22.32 ? 53  LYS A CD  1 
ATOM   430 C  CE  . LYS A 1 53  ? 4.454   23.683  -3.513  1.00 22.11 ? 53  LYS A CE  1 
ATOM   431 N  NZ  . LYS A 1 53  ? 2.980   23.706  -3.718  1.00 20.04 ? 53  LYS A NZ  1 
ATOM   432 N  N   . TRP A 1 54  ? 7.649   17.879  -1.439  1.00 23.30 ? 54  TRP A N   1 
ATOM   433 C  CA  . TRP A 1 54  ? 8.153   16.511  -1.564  1.00 21.82 ? 54  TRP A CA  1 
ATOM   434 C  C   . TRP A 1 54  ? 6.976   15.614  -1.893  1.00 17.51 ? 54  TRP A C   1 
ATOM   435 O  O   . TRP A 1 54  ? 5.884   15.782  -1.374  1.00 15.96 ? 54  TRP A O   1 
ATOM   436 C  CB  . TRP A 1 54  ? 8.782   15.998  -0.260  1.00 21.03 ? 54  TRP A CB  1 
ATOM   437 C  CG  . TRP A 1 54  ? 9.284   14.568  -0.354  1.00 22.40 ? 54  TRP A CG  1 
ATOM   438 C  CD1 . TRP A 1 54  ? 10.490  14.146  -0.860  1.00 22.95 ? 54  TRP A CD1 1 
ATOM   439 C  CD2 . TRP A 1 54  ? 8.596   13.380  0.075   1.00 20.49 ? 54  TRP A CD2 1 
ATOM   440 N  NE1 . TRP A 1 54  ? 10.593  12.776  -0.767  1.00 22.71 ? 54  TRP A NE1 1 
ATOM   441 C  CE2 . TRP A 1 54  ? 9.451   12.282  -0.199  1.00 20.93 ? 54  TRP A CE2 1 
ATOM   442 C  CE3 . TRP A 1 54  ? 7.349   13.136  0.666   1.00 19.61 ? 54  TRP A CE3 1 
ATOM   443 C  CZ2 . TRP A 1 54  ? 9.095   10.962  0.102   1.00 18.60 ? 54  TRP A CZ2 1 
ATOM   444 C  CZ3 . TRP A 1 54  ? 6.998   11.821  0.965   1.00 17.75 ? 54  TRP A CZ3 1 
ATOM   445 C  CH2 . TRP A 1 54  ? 7.874   10.749  0.678   1.00 16.57 ? 54  TRP A CH2 1 
ATOM   446 N  N   . SER A 1 55  ? 7.225   14.623  -2.729  1.00 16.65 ? 55  SER A N   1 
ATOM   447 C  CA  . SER A 1 55  ? 6.191   13.691  -3.154  1.00 15.62 ? 55  SER A CA  1 
ATOM   448 C  C   . SER A 1 55  ? 6.863   12.443  -3.731  1.00 14.77 ? 55  SER A C   1 
ATOM   449 O  O   . SER A 1 55  ? 7.889   12.539  -4.383  1.00 14.68 ? 55  SER A O   1 
ATOM   450 C  CB  . SER A 1 55  ? 5.288   14.328  -4.216  1.00 17.80 ? 55  SER A CB  1 
ATOM   451 O  OG  . SER A 1 55  ? 4.163   13.500  -4.438  1.00 19.05 ? 55  SER A OG  1 
ATOM   452 N  N   . LEU A 1 56  ? 6.274   11.280  -3.486  1.00 12.43 ? 56  LEU A N   1 
ATOM   453 C  CA  . LEU A 1 56  ? 6.839   10.033  -3.955  1.00 11.20 ? 56  LEU A CA  1 
ATOM   454 C  C   . LEU A 1 56  ? 5.721   9.060   -4.270  1.00 11.65 ? 56  LEU A C   1 
ATOM   455 O  O   . LEU A 1 56  ? 4.763   8.886   -3.513  1.00 13.38 ? 56  LEU A O   1 
ATOM   456 C  CB  . LEU A 1 56  ? 7.767   9.448   -2.884  1.00 12.49 ? 56  LEU A CB  1 
ATOM   457 C  CG  . LEU A 1 56  ? 8.497   8.126   -3.182  1.00 12.74 ? 56  LEU A CG  1 
ATOM   458 C  CD1 . LEU A 1 56  ? 9.459   8.334   -4.328  1.00 13.49 ? 56  LEU A CD1 1 
ATOM   459 C  CD2 . LEU A 1 56  ? 9.272   7.644   -1.897  1.00 10.31 ? 56  LEU A CD2 1 
ATOM   460 N  N   . THR A 1 57  ? 5.868   8.417   -5.413  1.00 12.83 ? 57  THR A N   1 
ATOM   461 C  CA  . THR A 1 57  ? 4.890   7.479   -5.887  1.00 12.88 ? 57  THR A CA  1 
ATOM   462 C  C   . THR A 1 57  ? 5.521   6.124   -6.109  1.00 11.42 ? 57  THR A C   1 
ATOM   463 O  O   . THR A 1 57  ? 6.661   6.025   -6.578  1.00 10.26 ? 57  THR A O   1 
ATOM   464 C  CB  . THR A 1 57  ? 4.265   7.972   -7.226  1.00 12.44 ? 57  THR A CB  1 
ATOM   465 O  OG1 . THR A 1 57  ? 3.549   9.188   -6.985  1.00 10.52 ? 57  THR A OG1 1 
ATOM   466 C  CG2 . THR A 1 57  ? 3.265   6.934   -7.781  1.00 12.76 ? 57  THR A CG2 1 
ATOM   467 N  N   . GLN A 1 58  ? 4.784   5.076   -5.760  1.00 9.33  ? 58  GLN A N   1 
ATOM   468 C  CA  . GLN A 1 58  ? 5.267   3.708   -5.950  1.00 12.21 ? 58  GLN A CA  1 
ATOM   469 C  C   . GLN A 1 58  ? 4.032   2.903   -6.384  1.00 14.16 ? 58  GLN A C   1 
ATOM   470 O  O   . GLN A 1 58  ? 2.885   3.331   -6.193  1.00 13.69 ? 58  GLN A O   1 
ATOM   471 C  CB  . GLN A 1 58  ? 5.860   3.141   -4.637  1.00 11.43 ? 58  GLN A CB  1 
ATOM   472 C  CG  . GLN A 1 58  ? 7.043   3.911   -4.118  1.00 12.09 ? 58  GLN A CG  1 
ATOM   473 C  CD  . GLN A 1 58  ? 7.793   3.226   -2.995  1.00 15.17 ? 58  GLN A CD  1 
ATOM   474 O  OE1 . GLN A 1 58  ? 8.509   2.241   -3.206  1.00 19.35 ? 58  GLN A OE1 1 
ATOM   475 N  NE2 . GLN A 1 58  ? 7.634   3.751   -1.781  1.00 13.10 ? 58  GLN A NE2 1 
ATOM   476 N  N   . THR A 1 59  ? 4.269   1.717   -6.917  1.00 17.74 ? 59  THR A N   1 
ATOM   477 C  CA  . THR A 1 59  ? 3.173   0.904   -7.398  1.00 19.48 ? 59  THR A CA  1 
ATOM   478 C  C   . THR A 1 59  ? 3.103   -0.496  -6.845  1.00 20.01 ? 59  THR A C   1 
ATOM   479 O  O   . THR A 1 59  ? 4.109   -1.196  -6.764  1.00 22.27 ? 59  THR A O   1 
ATOM   480 C  CB  . THR A 1 59  ? 3.220   0.767   -8.945  1.00 22.00 ? 59  THR A CB  1 
ATOM   481 O  OG1 . THR A 1 59  ? 3.066   2.060   -9.542  1.00 23.69 ? 59  THR A OG1 1 
ATOM   482 C  CG2 . THR A 1 59  ? 2.115   -0.167  -9.432  1.00 23.47 ? 59  THR A CG2 1 
ATOM   483 N  N   . PHE A 1 60  ? 1.895   -0.886  -6.468  1.00 19.73 ? 60  PHE A N   1 
ATOM   484 C  CA  . PHE A 1 60  ? 1.613   -2.234  -6.006  1.00 19.52 ? 60  PHE A CA  1 
ATOM   485 C  C   . PHE A 1 60  ? 1.423   -2.930  -7.358  1.00 20.72 ? 60  PHE A C   1 
ATOM   486 O  O   . PHE A 1 60  ? 0.397   -2.726  -8.012  1.00 21.50 ? 60  PHE A O   1 
ATOM   487 C  CB  . PHE A 1 60  ? 0.285   -2.268  -5.263  1.00 15.58 ? 60  PHE A CB  1 
ATOM   488 C  CG  . PHE A 1 60  ? 0.358   -1.805  -3.832  1.00 13.69 ? 60  PHE A CG  1 
ATOM   489 C  CD1 . PHE A 1 60  ? 1.165   -2.464  -2.899  1.00 12.25 ? 60  PHE A CD1 1 
ATOM   490 C  CD2 . PHE A 1 60  ? -0.478  -0.783  -3.389  1.00 13.96 ? 60  PHE A CD2 1 
ATOM   491 C  CE1 . PHE A 1 60  ? 1.128   -2.106  -1.533  1.00 8.70  ? 60  PHE A CE1 1 
ATOM   492 C  CE2 . PHE A 1 60  ? -0.522  -0.421  -2.043  1.00 11.44 ? 60  PHE A CE2 1 
ATOM   493 C  CZ  . PHE A 1 60  ? 0.283   -1.093  -1.111  1.00 13.82 ? 60  PHE A CZ  1 
ATOM   494 N  N   . GLU A 1 61  ? 2.402   -3.715  -7.797  1.00 19.81 ? 61  GLU A N   1 
ATOM   495 C  CA  . GLU A 1 61  ? 2.307   -4.391  -9.096  1.00 20.95 ? 61  GLU A CA  1 
ATOM   496 C  C   . GLU A 1 61  ? 1.047   -5.238  -9.297  1.00 20.47 ? 61  GLU A C   1 
ATOM   497 O  O   . GLU A 1 61  ? 0.401   -5.666  -8.331  1.00 18.73 ? 61  GLU A O   1 
ATOM   498 C  CB  . GLU A 1 61  ? 3.537   -5.281  -9.316  1.00 24.16 ? 61  GLU A CB  1 
ATOM   499 C  CG  . GLU A 1 61  ? 4.885   -4.555  -9.161  1.00 26.50 ? 61  GLU A CG  1 
ATOM   500 C  CD  . GLU A 1 61  ? 5.048   -3.398  -10.141 1.00 30.01 ? 61  GLU A CD  1 
ATOM   501 O  OE1 . GLU A 1 61  ? 4.819   -3.604  -11.359 1.00 30.33 ? 61  GLU A OE1 1 
ATOM   502 O  OE2 . GLU A 1 61  ? 5.410   -2.286  -9.691  1.00 34.41 ? 61  GLU A OE2 1 
ATOM   503 N  N   . ALA A 1 62  ? 0.725   -5.489  -10.565 1.00 19.37 ? 62  ALA A N   1 
ATOM   504 C  CA  . ALA A 1 62  ? -0.434  -6.297  -10.924 1.00 19.87 ? 62  ALA A CA  1 
ATOM   505 C  C   . ALA A 1 62  ? -0.292  -7.646  -10.229 1.00 19.88 ? 62  ALA A C   1 
ATOM   506 O  O   . ALA A 1 62  ? 0.791   -8.225  -10.209 1.00 17.94 ? 62  ALA A O   1 
ATOM   507 C  CB  . ALA A 1 62  ? -0.502  -6.482  -12.429 1.00 19.39 ? 62  ALA A CB  1 
ATOM   508 N  N   . LEU A 1 63  ? -1.388  -8.136  -9.660  1.00 19.84 ? 63  LEU A N   1 
ATOM   509 C  CA  . LEU A 1 63  ? -1.385  -9.396  -8.931  1.00 20.20 ? 63  LEU A CA  1 
ATOM   510 C  C   . LEU A 1 63  ? -2.407  -10.360 -9.530  1.00 21.14 ? 63  LEU A C   1 
ATOM   511 O  O   . LEU A 1 63  ? -3.603  -10.285 -9.233  1.00 20.07 ? 63  LEU A O   1 
ATOM   512 C  CB  . LEU A 1 63  ? -1.728  -9.139  -7.460  1.00 21.05 ? 63  LEU A CB  1 
ATOM   513 C  CG  . LEU A 1 63  ? -1.601  -10.333 -6.515  1.00 23.46 ? 63  LEU A CG  1 
ATOM   514 C  CD1 . LEU A 1 63  ? -0.122  -10.668 -6.340  1.00 23.29 ? 63  LEU A CD1 1 
ATOM   515 C  CD2 . LEU A 1 63  ? -2.245  -9.999  -5.176  1.00 23.81 ? 63  LEU A CD2 1 
ATOM   516 N  N   . PRO A 1 64  ? -1.955  -11.264 -10.409 1.00 22.49 ? 64  PRO A N   1 
ATOM   517 C  CA  . PRO A 1 64  ? -2.872  -12.226 -11.027 1.00 23.48 ? 64  PRO A CA  1 
ATOM   518 C  C   . PRO A 1 64  ? -3.524  -13.089 -9.943  1.00 23.97 ? 64  PRO A C   1 
ATOM   519 O  O   . PRO A 1 64  ? -2.853  -13.593 -9.048  1.00 24.26 ? 64  PRO A O   1 
ATOM   520 C  CB  . PRO A 1 64  ? -1.954  -13.040 -11.936 1.00 24.25 ? 64  PRO A CB  1 
ATOM   521 C  CG  . PRO A 1 64  ? -0.870  -12.095 -12.279 1.00 25.31 ? 64  PRO A CG  1 
ATOM   522 C  CD  . PRO A 1 64  ? -0.596  -11.427 -10.945 1.00 24.75 ? 64  PRO A CD  1 
ATOM   523 N  N   . SER A 1 65  ? -4.835  -13.262 -10.026 1.00 26.21 ? 65  SER A N   1 
ATOM   524 C  CA  . SER A 1 65  ? -5.544  -14.068 -9.034  1.00 27.49 ? 65  SER A CA  1 
ATOM   525 C  C   . SER A 1 65  ? -5.258  -15.563 -9.213  1.00 29.17 ? 65  SER A C   1 
ATOM   526 O  O   . SER A 1 65  ? -5.138  -16.056 -10.344 1.00 28.20 ? 65  SER A O   1 
ATOM   527 C  CB  . SER A 1 65  ? -7.045  -13.824 -9.153  1.00 26.21 ? 65  SER A CB  1 
ATOM   528 O  OG  . SER A 1 65  ? -7.387  -12.524 -8.724  1.00 24.61 ? 65  SER A OG  1 
ATOM   529 N  N   . PRO A 1 66  ? -5.133  -16.300 -8.102  1.00 29.68 ? 66  PRO A N   1 
ATOM   530 C  CA  . PRO A 1 66  ? -4.863  -17.735 -8.207  1.00 33.14 ? 66  PRO A CA  1 
ATOM   531 C  C   . PRO A 1 66  ? -5.954  -18.430 -9.002  1.00 34.90 ? 66  PRO A C   1 
ATOM   532 O  O   . PRO A 1 66  ? -7.135  -18.142 -8.829  1.00 36.21 ? 66  PRO A O   1 
ATOM   533 C  CB  . PRO A 1 66  ? -4.843  -18.195 -6.752  1.00 31.75 ? 66  PRO A CB  1 
ATOM   534 C  CG  . PRO A 1 66  ? -4.351  -16.974 -6.029  1.00 33.00 ? 66  PRO A CG  1 
ATOM   535 C  CD  . PRO A 1 66  ? -5.146  -15.872 -6.695  1.00 31.69 ? 66  PRO A CD  1 
ATOM   536 N  N   . VAL A 1 67  ? -5.555  -19.336 -9.884  1.00 37.05 ? 67  VAL A N   1 
ATOM   537 C  CA  . VAL A 1 67  ? -6.521  -20.085 -10.679 1.00 38.10 ? 67  VAL A CA  1 
ATOM   538 C  C   . VAL A 1 67  ? -6.933  -21.314 -9.886  1.00 37.83 ? 67  VAL A C   1 
ATOM   539 O  O   . VAL A 1 67  ? -6.085  -22.096 -9.457  1.00 37.22 ? 67  VAL A O   1 
ATOM   540 C  CB  . VAL A 1 67  ? -5.929  -20.537 -12.024 1.00 38.82 ? 67  VAL A CB  1 
ATOM   541 C  CG1 . VAL A 1 67  ? -6.960  -21.339 -12.800 1.00 39.51 ? 67  VAL A CG1 1 
ATOM   542 C  CG2 . VAL A 1 67  ? -5.491  -19.315 -12.825 1.00 39.06 ? 67  VAL A CG2 1 
ATOM   543 N  N   . ILE A 1 68  ? -8.236  -21.462 -9.674  1.00 38.00 ? 68  ILE A N   1 
ATOM   544 C  CA  . ILE A 1 68  ? -8.777  -22.589 -8.924  1.00 36.74 ? 68  ILE A CA  1 
ATOM   545 C  C   . ILE A 1 68  ? -9.687  -23.399 -9.838  1.00 36.98 ? 68  ILE A C   1 
ATOM   546 O  O   . ILE A 1 68  ? -10.692 -22.890 -10.351 1.00 36.45 ? 68  ILE A O   1 
ATOM   547 C  CB  . ILE A 1 68  ? -9.570  -22.104 -7.693  1.00 36.16 ? 68  ILE A CB  1 
ATOM   548 C  CG1 . ILE A 1 68  ? -8.600  -21.539 -6.650  1.00 34.73 ? 68  ILE A CG1 1 
ATOM   549 C  CG2 . ILE A 1 68  ? -10.377 -23.254 -7.107  1.00 34.99 ? 68  ILE A CG2 1 
ATOM   550 C  CD1 . ILE A 1 68  ? -9.256  -21.111 -5.347  1.00 33.24 ? 68  ILE A CD1 1 
ATOM   551 N  N   . ILE A 1 69  ? -9.313  -24.656 -10.051 1.00 36.90 ? 69  ILE A N   1 
ATOM   552 C  CA  . ILE A 1 69  ? -10.066 -25.562 -10.914 1.00 37.51 ? 69  ILE A CA  1 
ATOM   553 C  C   . ILE A 1 69  ? -11.542 -25.659 -10.521 1.00 36.59 ? 69  ILE A C   1 
ATOM   554 O  O   . ILE A 1 69  ? -11.866 -25.935 -9.368  1.00 36.49 ? 69  ILE A O   1 
ATOM   555 C  CB  . ILE A 1 69  ? -9.441  -26.986 -10.887 1.00 37.66 ? 69  ILE A CB  1 
ATOM   556 C  CG1 . ILE A 1 69  ? -7.968  -26.907 -11.286 1.00 38.15 ? 69  ILE A CG1 1 
ATOM   557 C  CG2 . ILE A 1 69  ? -10.189 -27.911 -11.834 1.00 38.42 ? 69  ILE A CG2 1 
ATOM   558 C  CD1 . ILE A 1 69  ? -7.237  -28.234 -11.235 1.00 37.90 ? 69  ILE A CD1 1 
ATOM   559 N  N   . GLY A 1 70  ? -12.428 -25.430 -11.489 1.00 35.21 ? 70  GLY A N   1 
ATOM   560 C  CA  . GLY A 1 70  ? -13.855 -25.509 -11.228 1.00 37.19 ? 70  GLY A CA  1 
ATOM   561 C  C   . GLY A 1 70  ? -14.522 -24.183 -10.921 1.00 36.83 ? 70  GLY A C   1 
ATOM   562 O  O   . GLY A 1 70  ? -15.750 -24.079 -10.982 1.00 37.65 ? 70  GLY A O   1 
ATOM   563 N  N   . TYR A 1 71  ? -13.720 -23.170 -10.600 1.00 37.42 ? 71  TYR A N   1 
ATOM   564 C  CA  . TYR A 1 71  ? -14.240 -21.846 -10.271 1.00 37.95 ? 71  TYR A CA  1 
ATOM   565 C  C   . TYR A 1 71  ? -13.566 -20.755 -11.081 1.00 38.89 ? 71  TYR A C   1 
ATOM   566 O  O   . TYR A 1 71  ? -12.584 -21.002 -11.777 1.00 38.76 ? 71  TYR A O   1 
ATOM   567 C  CB  . TYR A 1 71  ? -14.042 -21.544 -8.784  1.00 38.71 ? 71  TYR A CB  1 
ATOM   568 C  CG  . TYR A 1 71  ? -14.738 -22.516 -7.860  1.00 40.31 ? 71  TYR A CG  1 
ATOM   569 C  CD1 . TYR A 1 71  ? -14.194 -23.775 -7.598  1.00 41.13 ? 71  TYR A CD1 1 
ATOM   570 C  CD2 . TYR A 1 71  ? -15.954 -22.178 -7.258  1.00 40.29 ? 71  TYR A CD2 1 
ATOM   571 C  CE1 . TYR A 1 71  ? -14.851 -24.681 -6.750  1.00 42.00 ? 71  TYR A CE1 1 
ATOM   572 C  CE2 . TYR A 1 71  ? -16.616 -23.065 -6.422  1.00 41.29 ? 71  TYR A CE2 1 
ATOM   573 C  CZ  . TYR A 1 71  ? -16.061 -24.317 -6.167  1.00 41.79 ? 71  TYR A CZ  1 
ATOM   574 O  OH  . TYR A 1 71  ? -16.722 -25.200 -5.341  1.00 41.95 ? 71  TYR A OH  1 
ATOM   575 N  N   . THR A 1 72  ? -14.105 -19.544 -10.988 1.00 38.36 ? 72  THR A N   1 
ATOM   576 C  CA  . THR A 1 72  ? -13.552 -18.400 -11.703 1.00 39.04 ? 72  THR A CA  1 
ATOM   577 C  C   . THR A 1 72  ? -13.628 -17.171 -10.790 1.00 37.75 ? 72  THR A C   1 
ATOM   578 O  O   . THR A 1 72  ? -14.667 -16.895 -10.179 1.00 37.61 ? 72  THR A O   1 
ATOM   579 C  CB  . THR A 1 72  ? -14.328 -18.116 -12.995 1.00 38.98 ? 72  THR A CB  1 
ATOM   580 O  OG1 . THR A 1 72  ? -15.637 -17.645 -12.669 1.00 42.82 ? 72  THR A OG1 1 
ATOM   581 C  CG2 . THR A 1 72  ? -14.444 -19.382 -13.838 1.00 41.02 ? 72  THR A CG2 1 
ATOM   582 N  N   . ALA A 1 73  ? -12.523 -16.434 -10.701 1.00 36.57 ? 73  ALA A N   1 
ATOM   583 C  CA  . ALA A 1 73  ? -12.446 -15.245 -9.848  1.00 35.06 ? 73  ALA A CA  1 
ATOM   584 C  C   . ALA A 1 73  ? -13.123 -14.040 -10.487 1.00 34.18 ? 73  ALA A C   1 
ATOM   585 O  O   . ALA A 1 73  ? -12.902 -13.759 -11.668 1.00 33.45 ? 73  ALA A O   1 
ATOM   586 C  CB  . ALA A 1 73  ? -10.987 -14.911 -9.557  1.00 35.68 ? 73  ALA A CB  1 
ATOM   587 N  N   . ASP A 1 74  ? -13.938 -13.326 -9.711  1.00 31.49 ? 74  ASP A N   1 
ATOM   588 C  CA  . ASP A 1 74  ? -14.609 -12.150 -10.246 1.00 30.77 ? 74  ASP A CA  1 
ATOM   589 C  C   . ASP A 1 74  ? -13.592 -11.120 -10.728 1.00 30.24 ? 74  ASP A C   1 
ATOM   590 O  O   . ASP A 1 74  ? -13.905 -10.287 -11.564 1.00 29.52 ? 74  ASP A O   1 
ATOM   591 C  CB  . ASP A 1 74  ? -15.571 -11.535 -9.213  1.00 29.87 ? 74  ASP A CB  1 
ATOM   592 C  CG  . ASP A 1 74  ? -14.899 -11.168 -7.901  1.00 30.83 ? 74  ASP A CG  1 
ATOM   593 O  OD1 . ASP A 1 74  ? -15.594 -10.591 -7.032  1.00 30.01 ? 74  ASP A OD1 1 
ATOM   594 O  OD2 . ASP A 1 74  ? -13.694 -11.457 -7.721  1.00 29.96 ? 74  ASP A OD2 1 
ATOM   595 N  N   . LYS A 1 75  ? -12.374 -11.195 -10.203 1.00 28.69 ? 75  LYS A N   1 
ATOM   596 C  CA  . LYS A 1 75  ? -11.289 -10.290 -10.589 1.00 30.67 ? 75  LYS A CA  1 
ATOM   597 C  C   . LYS A 1 75  ? -10.053 -11.144 -10.913 1.00 30.97 ? 75  LYS A C   1 
ATOM   598 O  O   . LYS A 1 75  ? -9.225  -11.421 -10.040 1.00 29.59 ? 75  LYS A O   1 
ATOM   599 C  CB  . LYS A 1 75  ? -10.955 -9.311  -9.455  1.00 29.79 ? 75  LYS A CB  1 
ATOM   600 C  CG  . LYS A 1 75  ? -12.105 -8.501  -8.953  1.00 30.95 ? 75  LYS A CG  1 
ATOM   601 C  CD  . LYS A 1 75  ? -11.647 -7.586  -7.803  1.00 33.69 ? 75  LYS A CD  1 
ATOM   602 C  CE  . LYS A 1 75  ? -12.826 -7.083  -6.973  1.00 33.07 ? 75  LYS A CE  1 
ATOM   603 N  NZ  . LYS A 1 75  ? -13.801 -6.345  -7.817  1.00 36.63 ? 75  LYS A NZ  1 
ATOM   604 N  N   . PRO A 1 76  ? -9.911  -11.559 -12.184 1.00 31.87 ? 76  PRO A N   1 
ATOM   605 C  CA  . PRO A 1 76  ? -8.778  -12.383 -12.618 1.00 31.82 ? 76  PRO A CA  1 
ATOM   606 C  C   . PRO A 1 76  ? -7.418  -11.791 -12.252 1.00 32.06 ? 76  PRO A C   1 
ATOM   607 O  O   . PRO A 1 76  ? -6.429  -12.510 -12.122 1.00 31.73 ? 76  PRO A O   1 
ATOM   608 C  CB  . PRO A 1 76  ? -8.988  -12.485 -14.130 1.00 33.79 ? 76  PRO A CB  1 
ATOM   609 C  CG  . PRO A 1 76  ? -9.671  -11.190 -14.455 1.00 33.65 ? 76  PRO A CG  1 
ATOM   610 C  CD  . PRO A 1 76  ? -10.671 -11.068 -13.349 1.00 32.29 ? 76  PRO A CD  1 
HETATM 611 N  N   . MSE A 1 77  ? -7.367  -10.475 -12.094 1.00 31.50 ? 77  MSE A N   1 
HETATM 612 C  CA  . MSE A 1 77  ? -6.132  -9.810  -11.733 1.00 31.25 ? 77  MSE A CA  1 
HETATM 613 C  C   . MSE A 1 77  ? -6.391  -8.476  -11.026 1.00 29.64 ? 77  MSE A C   1 
HETATM 614 O  O   . MSE A 1 77  ? -7.232  -7.675  -11.436 1.00 27.09 ? 77  MSE A O   1 
HETATM 615 C  CB  . MSE A 1 77  ? -5.285  -9.560  -12.973 1.00 35.57 ? 77  MSE A CB  1 
HETATM 616 C  CG  . MSE A 1 77  ? -3.988  -8.858  -12.663 1.00 40.82 ? 77  MSE A CG  1 
HETATM 617 SE SE  . MSE A 1 77  ? -3.033  -8.324  -14.273 1.00 52.88 ? 77  MSE A SE  1 
HETATM 618 C  CE  . MSE A 1 77  ? -3.728  -6.529  -14.432 1.00 46.73 ? 77  MSE A CE  1 
ATOM   619 N  N   . VAL A 1 78  ? -5.630  -8.233  -9.971  1.00 27.04 ? 78  VAL A N   1 
ATOM   620 C  CA  . VAL A 1 78  ? -5.752  -7.009  -9.201  1.00 25.69 ? 78  VAL A CA  1 
ATOM   621 C  C   . VAL A 1 78  ? -4.608  -6.048  -9.493  1.00 25.20 ? 78  VAL A C   1 
ATOM   622 O  O   . VAL A 1 78  ? -3.502  -6.475  -9.800  1.00 25.47 ? 78  VAL A O   1 
ATOM   623 C  CB  . VAL A 1 78  ? -5.782  -7.327  -7.692  1.00 25.11 ? 78  VAL A CB  1 
ATOM   624 C  CG1 . VAL A 1 78  ? -5.677  -6.043  -6.875  1.00 24.15 ? 78  VAL A CG1 1 
ATOM   625 C  CG2 . VAL A 1 78  ? -7.072  -8.079  -7.368  1.00 22.08 ? 78  VAL A CG2 1 
ATOM   626 N  N   . GLY A 1 79  ? -4.880  -4.751  -9.386  1.00 24.62 ? 79  GLY A N   1 
ATOM   627 C  CA  . GLY A 1 79  ? -3.855  -3.753  -9.645  1.00 22.29 ? 79  GLY A CA  1 
ATOM   628 C  C   . GLY A 1 79  ? -3.562  -3.670  -11.123 1.00 22.16 ? 79  GLY A C   1 
ATOM   629 O  O   . GLY A 1 79  ? -4.317  -4.235  -11.907 1.00 23.87 ? 79  GLY A O   1 
ATOM   630 N  N   . PRO A 1 80  ? -2.499  -2.966  -11.546 1.00 20.35 ? 80  PRO A N   1 
ATOM   631 C  CA  . PRO A 1 80  ? -1.542  -2.239  -10.701 1.00 19.87 ? 80  PRO A CA  1 
ATOM   632 C  C   . PRO A 1 80  ? -2.222  -1.080  -9.961  1.00 20.64 ? 80  PRO A C   1 
ATOM   633 O  O   . PRO A 1 80  ? -3.273  -0.569  -10.394 1.00 19.15 ? 80  PRO A O   1 
ATOM   634 C  CB  . PRO A 1 80  ? -0.499  -1.743  -11.703 1.00 18.33 ? 80  PRO A CB  1 
ATOM   635 C  CG  . PRO A 1 80  ? -1.291  -1.562  -12.953 1.00 19.96 ? 80  PRO A CG  1 
ATOM   636 C  CD  . PRO A 1 80  ? -2.164  -2.803  -12.972 1.00 17.54 ? 80  PRO A CD  1 
ATOM   637 N  N   . ASP A 1 81  ? -1.613  -0.642  -8.864  1.00 19.04 ? 81  ASP A N   1 
ATOM   638 C  CA  . ASP A 1 81  ? -2.187  0.441   -8.075  1.00 19.72 ? 81  ASP A CA  1 
ATOM   639 C  C   . ASP A 1 81  ? -1.099  1.407   -7.627  1.00 20.23 ? 81  ASP A C   1 
ATOM   640 O  O   . ASP A 1 81  ? -0.225  1.045   -6.821  1.00 19.54 ? 81  ASP A O   1 
ATOM   641 C  CB  . ASP A 1 81  ? -2.915  -0.159  -6.869  1.00 22.52 ? 81  ASP A CB  1 
ATOM   642 C  CG  . ASP A 1 81  ? -3.736  0.861   -6.098  1.00 22.26 ? 81  ASP A CG  1 
ATOM   643 O  OD1 . ASP A 1 81  ? -3.644  2.071   -6.393  1.00 25.33 ? 81  ASP A OD1 1 
ATOM   644 O  OD2 . ASP A 1 81  ? -4.481  0.454   -5.185  1.00 24.73 ? 81  ASP A OD2 1 
ATOM   645 N  N   . GLU A 1 82  ? -1.135  2.624   -8.166  1.00 19.93 ? 82  GLU A N   1 
ATOM   646 C  CA  . GLU A 1 82  ? -0.144  3.630   -7.808  1.00 18.04 ? 82  GLU A CA  1 
ATOM   647 C  C   . GLU A 1 82  ? -0.533  4.363   -6.534  1.00 17.95 ? 82  GLU A C   1 
ATOM   648 O  O   . GLU A 1 82  ? -1.655  4.906   -6.414  1.00 17.71 ? 82  GLU A O   1 
ATOM   649 C  CB  . GLU A 1 82  ? 0.038   4.661   -8.920  1.00 22.02 ? 82  GLU A CB  1 
ATOM   650 C  CG  . GLU A 1 82  ? 0.724   4.146   -10.170 1.00 26.76 ? 82  GLU A CG  1 
ATOM   651 C  CD  . GLU A 1 82  ? 1.218   5.275   -11.052 1.00 31.19 ? 82  GLU A CD  1 
ATOM   652 O  OE1 . GLU A 1 82  ? 0.608   6.368   -10.988 1.00 32.10 ? 82  GLU A OE1 1 
ATOM   653 O  OE2 . GLU A 1 82  ? 2.202   5.072   -11.814 1.00 34.19 ? 82  GLU A OE2 1 
ATOM   654 N  N   . VAL A 1 83  ? 0.409   4.395   -5.592  1.00 14.35 ? 83  VAL A N   1 
ATOM   655 C  CA  . VAL A 1 83  ? 0.196   5.056   -4.312  1.00 12.62 ? 83  VAL A CA  1 
ATOM   656 C  C   . VAL A 1 83  ? 1.186   6.198   -4.167  1.00 12.92 ? 83  VAL A C   1 
ATOM   657 O  O   . VAL A 1 83  ? 2.367   6.025   -4.406  1.00 10.21 ? 83  VAL A O   1 
ATOM   658 C  CB  . VAL A 1 83  ? 0.377   4.073   -3.129  1.00 12.95 ? 83  VAL A CB  1 
ATOM   659 C  CG1 . VAL A 1 83  ? 0.353   4.804   -1.816  1.00 15.34 ? 83  VAL A CG1 1 
ATOM   660 C  CG2 . VAL A 1 83  ? -0.698  3.042   -3.170  1.00 13.49 ? 83  VAL A CG2 1 
ATOM   661 N  N   . THR A 1 84  ? 0.683   7.367   -3.799  1.00 13.58 ? 84  THR A N   1 
ATOM   662 C  CA  . THR A 1 84  ? 1.512   8.539   -3.618  1.00 14.85 ? 84  THR A CA  1 
ATOM   663 C  C   . THR A 1 84  ? 1.391   9.068   -2.197  1.00 14.96 ? 84  THR A C   1 
ATOM   664 O  O   . THR A 1 84  ? 0.310   9.077   -1.595  1.00 13.83 ? 84  THR A O   1 
ATOM   665 C  CB  . THR A 1 84  ? 1.131   9.670   -4.596  1.00 17.42 ? 84  THR A CB  1 
ATOM   666 O  OG1 . THR A 1 84  ? 1.442   9.268   -5.935  1.00 18.45 ? 84  THR A OG1 1 
ATOM   667 C  CG2 . THR A 1 84  ? 1.955   10.930  -4.288  1.00 17.08 ? 84  THR A CG2 1 
ATOM   668 N  N   . VAL A 1 85  ? 2.529   9.493   -1.666  1.00 15.45 ? 85  VAL A N   1 
ATOM   669 C  CA  . VAL A 1 85  ? 2.601   10.047  -0.328  1.00 15.39 ? 85  VAL A CA  1 
ATOM   670 C  C   . VAL A 1 85  ? 3.356   11.348  -0.506  1.00 15.16 ? 85  VAL A C   1 
ATOM   671 O  O   . VAL A 1 85  ? 4.402   11.383  -1.139  1.00 17.65 ? 85  VAL A O   1 
ATOM   672 C  CB  . VAL A 1 85  ? 3.412   9.155   0.628   1.00 14.92 ? 85  VAL A CB  1 
ATOM   673 C  CG1 . VAL A 1 85  ? 3.671   9.919   1.959   1.00 15.14 ? 85  VAL A CG1 1 
ATOM   674 C  CG2 . VAL A 1 85  ? 2.688   7.871   0.883   1.00 15.23 ? 85  VAL A CG2 1 
ATOM   675 N  N   . ASP A 1 86  ? 2.817   12.424  0.034   1.00 16.35 ? 86  ASP A N   1 
ATOM   676 C  CA  . ASP A 1 86  ? 3.457   13.726  -0.078  1.00 20.70 ? 86  ASP A CA  1 
ATOM   677 C  C   . ASP A 1 86  ? 3.656   14.302  1.317   1.00 21.41 ? 86  ASP A C   1 
ATOM   678 O  O   . ASP A 1 86  ? 3.070   13.843  2.313   1.00 21.48 ? 86  ASP A O   1 
ATOM   679 C  CB  . ASP A 1 86  ? 2.607   14.669  -0.936  1.00 22.99 ? 86  ASP A CB  1 
ATOM   680 C  CG  . ASP A 1 86  ? 1.135   14.562  -0.613  1.00 24.86 ? 86  ASP A CG  1 
ATOM   681 O  OD1 . ASP A 1 86  ? 0.764   14.770  0.563   1.00 26.71 ? 86  ASP A OD1 1 
ATOM   682 O  OD2 . ASP A 1 86  ? 0.342   14.256  -1.528  1.00 30.52 ? 86  ASP A OD2 1 
ATOM   683 N  N   . SER A 1 87  ? 4.503   15.314  1.392   1.00 22.24 ? 87  SER A N   1 
ATOM   684 C  CA  . SER A 1 87  ? 4.792   15.935  2.672   1.00 24.13 ? 87  SER A CA  1 
ATOM   685 C  C   . SER A 1 87  ? 3.571   16.485  3.427   1.00 24.86 ? 87  SER A C   1 
ATOM   686 O  O   . SER A 1 87  ? 3.467   16.326  4.643   1.00 21.25 ? 87  SER A O   1 
ATOM   687 C  CB  . SER A 1 87  ? 5.802   17.044  2.461   1.00 23.07 ? 87  SER A CB  1 
ATOM   688 O  OG  . SER A 1 87  ? 6.253   17.554  3.694   1.00 28.14 ? 87  SER A OG  1 
ATOM   689 N  N   . LYS A 1 88  ? 2.645   17.111  2.706   1.00 25.99 ? 88  LYS A N   1 
ATOM   690 C  CA  . LYS A 1 88  ? 1.444   17.706  3.308   1.00 28.98 ? 88  LYS A CA  1 
ATOM   691 C  C   . LYS A 1 88  ? 0.422   16.754  3.898   1.00 30.15 ? 88  LYS A C   1 
ATOM   692 O  O   . LYS A 1 88  ? -0.406  17.167  4.708   1.00 32.90 ? 88  LYS A O   1 
ATOM   693 C  CB  . LYS A 1 88  ? 0.717   18.608  2.302   1.00 30.55 ? 88  LYS A CB  1 
ATOM   694 C  CG  . LYS A 1 88  ? 1.191   20.067  2.308   1.00 33.96 ? 88  LYS A CG  1 
ATOM   695 C  CD  . LYS A 1 88  ? 2.272   20.313  1.259   1.00 36.24 ? 88  LYS A CD  1 
ATOM   696 C  CE  . LYS A 1 88  ? 1.678   20.355  -0.155  1.00 37.75 ? 88  LYS A CE  1 
ATOM   697 N  NZ  . LYS A 1 88  ? 2.660   20.892  -1.126  1.00 38.36 ? 88  LYS A NZ  1 
ATOM   698 N  N   . ASN A 1 89  ? 0.460   15.494  3.494   1.00 28.49 ? 89  ASN A N   1 
ATOM   699 C  CA  . ASN A 1 89  ? -0.494  14.515  3.999   1.00 28.25 ? 89  ASN A CA  1 
ATOM   700 C  C   . ASN A 1 89  ? 0.293   13.257  4.336   1.00 24.57 ? 89  ASN A C   1 
ATOM   701 O  O   . ASN A 1 89  ? -0.199  12.131  4.180   1.00 24.78 ? 89  ASN A O   1 
ATOM   702 C  CB  . ASN A 1 89  ? -1.551  14.210  2.924   1.00 30.65 ? 89  ASN A CB  1 
ATOM   703 C  CG  . ASN A 1 89  ? -2.160  15.479  2.312   1.00 34.44 ? 89  ASN A CG  1 
ATOM   704 O  OD1 . ASN A 1 89  ? -2.862  16.236  2.986   1.00 34.71 ? 89  ASN A OD1 1 
ATOM   705 N  ND2 . ASN A 1 89  ? -1.883  15.712  1.032   1.00 36.00 ? 89  ASN A ND2 1 
ATOM   706 N  N   . PHE A 1 90  ? 1.511   13.455  4.828   1.00 22.15 ? 90  PHE A N   1 
ATOM   707 C  CA  . PHE A 1 90  ? 2.374   12.321  5.144   1.00 20.87 ? 90  PHE A CA  1 
ATOM   708 C  C   . PHE A 1 90  ? 1.790   11.321  6.139   1.00 24.04 ? 90  PHE A C   1 
ATOM   709 O  O   . PHE A 1 90  ? 1.875   10.103  5.939   1.00 23.06 ? 90  PHE A O   1 
ATOM   710 C  CB  . PHE A 1 90  ? 3.733   12.805  5.664   1.00 17.88 ? 90  PHE A CB  1 
ATOM   711 C  CG  . PHE A 1 90  ? 4.788   11.739  5.653   1.00 14.96 ? 90  PHE A CG  1 
ATOM   712 C  CD1 . PHE A 1 90  ? 4.868   10.805  6.692   1.00 15.12 ? 90  PHE A CD1 1 
ATOM   713 C  CD2 . PHE A 1 90  ? 5.669   11.637  4.585   1.00 11.80 ? 90  PHE A CD2 1 
ATOM   714 C  CE1 . PHE A 1 90  ? 5.796   9.784   6.658   1.00 14.58 ? 90  PHE A CE1 1 
ATOM   715 C  CE2 . PHE A 1 90  ? 6.619   10.600  4.536   1.00 13.75 ? 90  PHE A CE2 1 
ATOM   716 C  CZ  . PHE A 1 90  ? 6.680   9.678   5.578   1.00 14.35 ? 90  PHE A CZ  1 
ATOM   717 N  N   . LEU A 1 91  ? 1.167   11.835  7.195   1.00 25.00 ? 91  LEU A N   1 
ATOM   718 C  CA  . LEU A 1 91  ? 0.616   10.984  8.256   1.00 30.57 ? 91  LEU A CA  1 
ATOM   719 C  C   . LEU A 1 91  ? -0.757  10.368  8.002   1.00 32.54 ? 91  LEU A C   1 
ATOM   720 O  O   . LEU A 1 91  ? -1.456  10.015  8.956   1.00 34.54 ? 91  LEU A O   1 
ATOM   721 C  CB  . LEU A 1 91  ? 0.541   11.772  9.574   1.00 30.94 ? 91  LEU A CB  1 
ATOM   722 C  CG  . LEU A 1 91  ? 1.811   12.443  10.095  1.00 32.53 ? 91  LEU A CG  1 
ATOM   723 C  CD1 . LEU A 1 91  ? 1.444   13.597  11.023  1.00 33.65 ? 91  LEU A CD1 1 
ATOM   724 C  CD2 . LEU A 1 91  ? 2.676   11.413  10.821  1.00 34.90 ? 91  LEU A CD2 1 
ATOM   725 N  N   . ASP A 1 92  ? -1.155  10.229  6.743   1.00 32.94 ? 92  ASP A N   1 
ATOM   726 C  CA  . ASP A 1 92  ? -2.464  9.663   6.444   1.00 34.36 ? 92  ASP A CA  1 
ATOM   727 C  C   . ASP A 1 92  ? -2.417  8.260   5.842   1.00 34.56 ? 92  ASP A C   1 
ATOM   728 O  O   . ASP A 1 92  ? -1.866  8.051   4.774   1.00 33.46 ? 92  ASP A O   1 
ATOM   729 C  CB  . ASP A 1 92  ? -3.228  10.606  5.517   1.00 35.29 ? 92  ASP A CB  1 
ATOM   730 C  CG  . ASP A 1 92  ? -3.511  11.956  6.163   1.00 37.89 ? 92  ASP A CG  1 
ATOM   731 O  OD1 . ASP A 1 92  ? -4.131  11.982  7.244   1.00 39.38 ? 92  ASP A OD1 1 
ATOM   732 O  OD2 . ASP A 1 92  ? -3.118  12.994  5.592   1.00 37.25 ? 92  ASP A OD2 1 
ATOM   733 N  N   . LYS A 1 93  ? -3.018  7.306   6.544   1.00 34.92 ? 93  LYS A N   1 
ATOM   734 C  CA  . LYS A 1 93  ? -3.065  5.903   6.124   1.00 33.70 ? 93  LYS A CA  1 
ATOM   735 C  C   . LYS A 1 93  ? -3.764  5.751   4.774   1.00 31.06 ? 93  LYS A C   1 
ATOM   736 O  O   . LYS A 1 93  ? -4.788  6.385   4.530   1.00 30.12 ? 93  LYS A O   1 
ATOM   737 C  CB  . LYS A 1 93  ? -3.806  5.072   7.183   1.00 37.13 ? 93  LYS A CB  1 
ATOM   738 C  CG  . LYS A 1 93  ? -3.173  5.081   8.565   1.00 39.79 ? 93  LYS A CG  1 
ATOM   739 C  CD  . LYS A 1 93  ? -3.986  4.247   9.549   1.00 43.74 ? 93  LYS A CD  1 
ATOM   740 C  CE  . LYS A 1 93  ? -3.211  3.967   10.840  1.00 44.69 ? 93  LYS A CE  1 
ATOM   741 N  NZ  . LYS A 1 93  ? -1.858  3.404   10.536  1.00 45.65 ? 93  LYS A NZ  1 
ATOM   742 N  N   . GLN A 1 94  ? -3.218  4.890   3.917   1.00 26.97 ? 94  GLN A N   1 
ATOM   743 C  CA  . GLN A 1 94  ? -3.757  4.667   2.575   1.00 23.83 ? 94  GLN A CA  1 
ATOM   744 C  C   . GLN A 1 94  ? -3.786  3.195   2.195   1.00 20.82 ? 94  GLN A C   1 
ATOM   745 O  O   . GLN A 1 94  ? -3.804  2.854   1.012   1.00 17.78 ? 94  GLN A O   1 
ATOM   746 C  CB  . GLN A 1 94  ? -2.898  5.401   1.549   1.00 22.78 ? 94  GLN A CB  1 
ATOM   747 C  CG  . GLN A 1 94  ? -2.612  6.827   1.889   1.00 21.41 ? 94  GLN A CG  1 
ATOM   748 C  CD  . GLN A 1 94  ? -1.950  7.561   0.721   1.00 20.19 ? 94  GLN A CD  1 
ATOM   749 O  OE1 . GLN A 1 94  ? -2.495  7.601   -0.385  1.00 22.67 ? 94  GLN A OE1 1 
ATOM   750 N  NE2 . GLN A 1 94  ? -0.765  8.128   0.958   1.00 14.05 ? 94  GLN A NE2 1 
ATOM   751 N  N   . ASN A 1 95  ? -3.790  2.325   3.196   1.00 20.62 ? 95  ASN A N   1 
ATOM   752 C  CA  . ASN A 1 95  ? -3.776  0.900   2.932   1.00 20.30 ? 95  ASN A CA  1 
ATOM   753 C  C   . ASN A 1 95  ? -4.924  0.446   2.026   1.00 19.93 ? 95  ASN A C   1 
ATOM   754 O  O   . ASN A 1 95  ? -6.025  0.950   2.109   1.00 19.66 ? 95  ASN A O   1 
ATOM   755 C  CB  . ASN A 1 95  ? -3.797  0.143   4.258   1.00 21.49 ? 95  ASN A CB  1 
ATOM   756 C  CG  . ASN A 1 95  ? -2.722  0.625   5.214   1.00 22.06 ? 95  ASN A CG  1 
ATOM   757 O  OD1 . ASN A 1 95  ? -1.608  0.932   4.803   1.00 20.27 ? 95  ASN A OD1 1 
ATOM   758 N  ND2 . ASN A 1 95  ? -3.048  0.673   6.503   1.00 23.17 ? 95  ASN A ND2 1 
ATOM   759 N  N   . ARG A 1 96  ? -4.644  -0.511  1.156   1.00 20.94 ? 96  ARG A N   1 
ATOM   760 C  CA  . ARG A 1 96  ? -5.644  -1.034  0.239   1.00 22.04 ? 96  ARG A CA  1 
ATOM   761 C  C   . ARG A 1 96  ? -6.036  -2.419  0.737   1.00 23.89 ? 96  ARG A C   1 
ATOM   762 O  O   . ARG A 1 96  ? -5.221  -3.137  1.347   1.00 19.73 ? 96  ARG A O   1 
ATOM   763 C  CB  . ARG A 1 96  ? -5.082  -1.187  -1.180  1.00 24.00 ? 96  ARG A CB  1 
ATOM   764 C  CG  . ARG A 1 96  ? -3.927  -0.246  -1.559  1.00 26.95 ? 96  ARG A CG  1 
ATOM   765 C  CD  . ARG A 1 96  ? -4.301  1.201   -1.436  1.00 27.83 ? 96  ARG A CD  1 
ATOM   766 N  NE  . ARG A 1 96  ? -4.266  1.901   -2.710  1.00 27.21 ? 96  ARG A NE  1 
ATOM   767 C  CZ  . ARG A 1 96  ? -4.198  3.224   -2.815  1.00 27.26 ? 96  ARG A CZ  1 
ATOM   768 N  NH1 . ARG A 1 96  ? -4.149  3.972   -1.720  1.00 29.18 ? 96  ARG A NH1 1 
ATOM   769 N  NH2 . ARG A 1 96  ? -4.201  3.809   -4.009  1.00 27.24 ? 96  ARG A NH2 1 
ATOM   770 N  N   . GLU A 1 97  ? -7.281  -2.790  0.460   1.00 23.91 ? 97  GLU A N   1 
ATOM   771 C  CA  . GLU A 1 97  ? -7.798  -4.083  0.860   1.00 25.26 ? 97  GLU A CA  1 
ATOM   772 C  C   . GLU A 1 97  ? -9.031  -4.445  0.050   1.00 24.25 ? 97  GLU A C   1 
ATOM   773 O  O   . GLU A 1 97  ? -9.973  -3.667  -0.046  1.00 24.51 ? 97  GLU A O   1 
ATOM   774 C  CB  . GLU A 1 97  ? -8.135  -4.089  2.365   1.00 25.88 ? 97  GLU A CB  1 
ATOM   775 C  CG  . GLU A 1 97  ? -8.914  -5.333  2.832   1.00 30.87 ? 97  GLU A CG  1 
ATOM   776 C  CD  . GLU A 1 97  ? -9.017  -5.459  4.350   1.00 33.57 ? 97  GLU A CD  1 
ATOM   777 O  OE1 . GLU A 1 97  ? -9.161  -4.427  5.040   1.00 34.20 ? 97  GLU A OE1 1 
ATOM   778 O  OE2 . GLU A 1 97  ? -8.975  -6.600  4.855   1.00 34.16 ? 97  GLU A OE2 1 
ATOM   779 N  N   . GLU A 1 98  ? -9.010  -5.616  -0.569  1.00 22.91 ? 98  GLU A N   1 
ATOM   780 C  CA  . GLU A 1 98  ? -10.177 -6.063  -1.303  1.00 22.59 ? 98  GLU A CA  1 
ATOM   781 C  C   . GLU A 1 98  ? -10.279 -7.581  -1.319  1.00 22.27 ? 98  GLU A C   1 
ATOM   782 O  O   . GLU A 1 98  ? -9.354  -8.304  -0.926  1.00 19.99 ? 98  GLU A O   1 
ATOM   783 C  CB  . GLU A 1 98  ? -10.194 -5.481  -2.731  1.00 25.66 ? 98  GLU A CB  1 
ATOM   784 C  CG  . GLU A 1 98  ? -8.936  -5.653  -3.599  1.00 26.22 ? 98  GLU A CG  1 
ATOM   785 C  CD  . GLU A 1 98  ? -9.116  -5.045  -4.996  1.00 29.95 ? 98  GLU A CD  1 
ATOM   786 O  OE1 . GLU A 1 98  ? -9.995  -5.508  -5.774  1.00 28.91 ? 98  GLU A OE1 1 
ATOM   787 O  OE2 . GLU A 1 98  ? -8.376  -4.092  -5.322  1.00 27.29 ? 98  GLU A OE2 1 
ATOM   788 N  N   . THR A 1 99  ? -11.426 -8.071  -1.756  1.00 21.40 ? 99  THR A N   1 
ATOM   789 C  CA  . THR A 1 99  ? -11.632 -9.496  -1.812  1.00 21.28 ? 99  THR A CA  1 
ATOM   790 C  C   . THR A 1 99  ? -11.964 -9.925  -3.227  1.00 21.86 ? 99  THR A C   1 
ATOM   791 O  O   . THR A 1 99  ? -12.713 -9.256  -3.933  1.00 22.64 ? 99  THR A O   1 
ATOM   792 C  CB  . THR A 1 99  ? -12.786 -9.902  -0.882  1.00 21.95 ? 99  THR A CB  1 
ATOM   793 O  OG1 . THR A 1 99  ? -12.536 -9.405  0.442   1.00 23.02 ? 99  THR A OG1 1 
ATOM   794 C  CG2 . THR A 1 99  ? -12.934 -11.412 -0.840  1.00 20.71 ? 99  THR A CG2 1 
ATOM   795 N  N   . VAL A 1 100 ? -11.389 -11.050 -3.626  1.00 20.53 ? 100 VAL A N   1 
ATOM   796 C  CA  . VAL A 1 100 ? -11.639 -11.631 -4.925  1.00 21.08 ? 100 VAL A CA  1 
ATOM   797 C  C   . VAL A 1 100 ? -12.572 -12.802 -4.639  1.00 22.61 ? 100 VAL A C   1 
ATOM   798 O  O   . VAL A 1 100 ? -12.266 -13.637 -3.786  1.00 23.51 ? 100 VAL A O   1 
ATOM   799 C  CB  . VAL A 1 100 ? -10.329 -12.134 -5.559  1.00 21.83 ? 100 VAL A CB  1 
ATOM   800 C  CG1 . VAL A 1 100 ? -10.604 -12.718 -6.955  1.00 23.81 ? 100 VAL A CG1 1 
ATOM   801 C  CG2 . VAL A 1 100 ? -9.333  -10.971 -5.664  1.00 22.19 ? 100 VAL A CG2 1 
ATOM   802 N  N   . ILE A 1 101 ? -13.693 -12.878 -5.353  1.00 22.99 ? 101 ILE A N   1 
ATOM   803 C  CA  . ILE A 1 101 ? -14.661 -13.953 -5.129  1.00 25.35 ? 101 ILE A CA  1 
ATOM   804 C  C   . ILE A 1 101 ? -14.664 -15.007 -6.245  1.00 24.76 ? 101 ILE A C   1 
ATOM   805 O  O   . ILE A 1 101 ? -14.668 -14.684 -7.437  1.00 26.07 ? 101 ILE A O   1 
ATOM   806 C  CB  . ILE A 1 101 ? -16.088 -13.361 -4.964  1.00 24.18 ? 101 ILE A CB  1 
ATOM   807 C  CG1 . ILE A 1 101 ? -16.135 -12.503 -3.700  1.00 24.48 ? 101 ILE A CG1 1 
ATOM   808 C  CG2 . ILE A 1 101 ? -17.136 -14.463 -4.908  1.00 26.32 ? 101 ILE A CG2 1 
ATOM   809 C  CD1 . ILE A 1 101 ? -15.844 -13.288 -2.418  1.00 23.53 ? 101 ILE A CD1 1 
ATOM   810 N  N   . TYR A 1 102 ? -14.680 -16.275 -5.850  1.00 27.85 ? 102 TYR A N   1 
ATOM   811 C  CA  . TYR A 1 102 ? -14.683 -17.366 -6.825  1.00 28.06 ? 102 TYR A CA  1 
ATOM   812 C  C   . TYR A 1 102 ? -16.071 -17.981 -6.973  1.00 29.10 ? 102 TYR A C   1 
ATOM   813 O  O   . TYR A 1 102 ? -16.689 -18.376 -5.991  1.00 29.01 ? 102 TYR A O   1 
ATOM   814 C  CB  . TYR A 1 102 ? -13.672 -18.445 -6.419  1.00 28.51 ? 102 TYR A CB  1 
ATOM   815 C  CG  . TYR A 1 102 ? -12.230 -17.992 -6.492  1.00 29.43 ? 102 TYR A CG  1 
ATOM   816 C  CD1 . TYR A 1 102 ? -11.518 -18.072 -7.688  1.00 29.81 ? 102 TYR A CD1 1 
ATOM   817 C  CD2 . TYR A 1 102 ? -11.580 -17.464 -5.369  1.00 28.54 ? 102 TYR A CD2 1 
ATOM   818 C  CE1 . TYR A 1 102 ? -10.191 -17.638 -7.770  1.00 29.00 ? 102 TYR A CE1 1 
ATOM   819 C  CE2 . TYR A 1 102 ? -10.272 -17.036 -5.440  1.00 29.57 ? 102 TYR A CE2 1 
ATOM   820 C  CZ  . TYR A 1 102 ? -9.576  -17.119 -6.644  1.00 28.51 ? 102 TYR A CZ  1 
ATOM   821 O  OH  . TYR A 1 102 ? -8.273  -16.657 -6.718  1.00 29.01 ? 102 TYR A OH  1 
ATOM   822 N  N   . SER A 1 103 ? -16.560 -18.031 -8.207  1.00 30.44 ? 103 SER A N   1 
ATOM   823 C  CA  . SER A 1 103 ? -17.862 -18.607 -8.511  1.00 33.60 ? 103 SER A CA  1 
ATOM   824 C  C   . SER A 1 103 ? -17.707 -19.879 -9.352  1.00 34.81 ? 103 SER A C   1 
ATOM   825 O  O   . SER A 1 103 ? -17.039 -19.858 -10.393 1.00 34.74 ? 103 SER A O   1 
ATOM   826 C  CB  . SER A 1 103 ? -18.703 -17.604 -9.299  1.00 33.23 ? 103 SER A CB  1 
ATOM   827 O  OG  . SER A 1 103 ? -19.046 -16.474 -8.520  1.00 37.05 ? 103 SER A OG  1 
ATOM   828 N  N   . ALA A 1 104 ? -18.339 -20.967 -8.915  1.00 36.63 ? 104 ALA A N   1 
ATOM   829 C  CA  . ALA A 1 104 ? -18.277 -22.233 -9.638  1.00 38.09 ? 104 ALA A CA  1 
ATOM   830 C  C   . ALA A 1 104 ? -18.616 -22.003 -11.107 1.00 39.76 ? 104 ALA A C   1 
ATOM   831 O  O   . ALA A 1 104 ? -19.655 -21.423 -11.431 1.00 39.57 ? 104 ALA A O   1 
ATOM   832 C  CB  . ALA A 1 104 ? -19.245 -23.226 -9.026  1.00 39.18 ? 104 ALA A CB  1 
ATOM   833 N  N   . ASN A 1 105 ? -17.732 -22.466 -11.986 1.00 41.02 ? 105 ASN A N   1 
ATOM   834 C  CA  . ASN A 1 105 ? -17.895 -22.308 -13.430 1.00 42.77 ? 105 ASN A CA  1 
ATOM   835 C  C   . ASN A 1 105 ? -18.645 -23.487 -14.046 1.00 43.62 ? 105 ASN A C   1 
ATOM   836 O  O   . ASN A 1 105 ? -19.878 -23.568 -13.984 1.00 44.47 ? 105 ASN A O   1 
ATOM   837 C  CB  . ASN A 1 105 ? -16.510 -22.168 -14.079 1.00 43.64 ? 105 ASN A CB  1 
ATOM   838 C  CG  . ASN A 1 105 ? -16.576 -21.910 -15.575 1.00 44.79 ? 105 ASN A CG  1 
ATOM   839 O  OD1 . ASN A 1 105 ? -17.220 -20.968 -16.027 1.00 44.98 ? 105 ASN A OD1 1 
ATOM   840 N  ND2 . ASN A 1 105 ? -15.892 -22.743 -16.350 1.00 44.41 ? 105 ASN A ND2 1 
HETATM 841 O  O   . HOH B 2 .   ? -13.836 -5.988  -2.149  1.00 17.05 ? 201 HOH A O   1 
HETATM 842 O  O   . HOH B 2 .   ? 5.301   19.842  4.619   1.00 15.07 ? 202 HOH A O   1 
HETATM 843 O  O   . HOH B 2 .   ? -11.931 -6.430  1.892   1.00 15.41 ? 203 HOH A O   1 
HETATM 844 O  O   . HOH B 2 .   ? 11.191  3.848   -0.427  1.00 14.37 ? 204 HOH A O   1 
HETATM 845 O  O   . HOH B 2 .   ? 13.592  12.682  1.064   1.00 16.19 ? 205 HOH A O   1 
HETATM 846 O  O   . HOH B 2 .   ? 13.813  9.998   0.682   1.00 21.24 ? 206 HOH A O   1 
HETATM 847 O  O   . HOH B 2 .   ? 3.466   -4.989  -5.472  1.00 26.97 ? 207 HOH A O   1 
HETATM 848 O  O   . HOH B 2 .   ? 14.787  4.252   7.178   1.00 16.35 ? 208 HOH A O   1 
HETATM 849 O  O   . HOH B 2 .   ? 2.339   -4.380  -12.167 1.00 18.39 ? 209 HOH A O   1 
HETATM 850 O  O   . HOH B 2 .   ? 0.041   8.802   3.432   1.00 19.47 ? 210 HOH A O   1 
HETATM 851 O  O   . HOH B 2 .   ? -1.515  -7.742  -1.910  1.00 21.38 ? 211 HOH A O   1 
HETATM 852 O  O   . HOH B 2 .   ? -3.406  -7.811  6.181   1.00 27.69 ? 212 HOH A O   1 
HETATM 853 O  O   . HOH B 2 .   ? -0.773  7.982   -7.536  1.00 25.73 ? 213 HOH A O   1 
HETATM 854 O  O   . HOH B 2 .   ? -15.358 -8.136  -5.270  1.00 38.38 ? 214 HOH A O   1 
HETATM 855 O  O   . HOH B 2 .   ? 0.519   11.272  1.703   1.00 30.59 ? 215 HOH A O   1 
HETATM 856 O  O   . HOH B 2 .   ? -1.746  -4.720  -7.382  1.00 28.19 ? 216 HOH A O   1 
HETATM 857 O  O   . HOH B 2 .   ? 14.610  11.068  12.463  1.00 16.57 ? 217 HOH A O   1 
HETATM 858 O  O   . HOH B 2 .   ? -5.326  -11.503 -7.188  1.00 25.49 ? 218 HOH A O   1 
HETATM 859 O  O   . HOH B 2 .   ? 8.152   7.948   10.987  1.00 22.34 ? 219 HOH A O   1 
HETATM 860 O  O   . HOH B 2 .   ? -4.876  -2.129  -5.119  1.00 25.69 ? 220 HOH A O   1 
HETATM 861 O  O   . HOH B 2 .   ? 1.475   -12.647 0.978   1.00 20.30 ? 221 HOH A O   1 
HETATM 862 O  O   . HOH B 2 .   ? 14.131  19.778  4.668   1.00 21.86 ? 222 HOH A O   1 
HETATM 863 O  O   . HOH B 2 .   ? 3.175   17.747  0.019   1.00 31.66 ? 223 HOH A O   1 
HETATM 864 O  O   . HOH B 2 .   ? -2.151  7.548   -3.098  1.00 25.03 ? 224 HOH A O   1 
HETATM 865 O  O   . HOH B 2 .   ? -8.502  -0.897  -1.505  1.00 50.97 ? 225 HOH A O   1 
HETATM 866 O  O   . HOH B 2 .   ? 10.343  19.569  -4.107  1.00 35.16 ? 226 HOH A O   1 
HETATM 867 O  O   . HOH B 2 .   ? -10.157 -19.800 -10.900 1.00 35.10 ? 227 HOH A O   1 
HETATM 868 O  O   . HOH B 2 .   ? 14.136  12.523  14.889  1.00 32.72 ? 228 HOH A O   1 
HETATM 869 O  O   . HOH B 2 .   ? 6.706   -1.942  -7.247  1.00 23.74 ? 229 HOH A O   1 
HETATM 870 O  O   . HOH B 2 .   ? 7.988   4.336   -8.521  1.00 34.34 ? 230 HOH A O   1 
HETATM 871 O  O   . HOH B 2 .   ? -3.493  -3.880  3.700   1.00 25.54 ? 231 HOH A O   1 
HETATM 872 O  O   . HOH B 2 .   ? 9.169   23.925  2.247   1.00 34.33 ? 232 HOH A O   1 
HETATM 873 O  O   . HOH B 2 .   ? -7.395  -2.556  -3.385  1.00 26.90 ? 233 HOH A O   1 
HETATM 874 O  O   . HOH B 2 .   ? -3.720  10.963  9.647   1.00 27.56 ? 234 HOH A O   1 
HETATM 875 O  O   . HOH B 2 .   ? 3.574   -6.504  4.448   1.00 26.37 ? 235 HOH A O   1 
HETATM 876 O  O   . HOH B 2 .   ? -7.266  2.800   0.192   1.00 20.63 ? 236 HOH A O   1 
HETATM 877 O  O   . HOH B 2 .   ? 11.544  6.531   9.988   1.00 30.44 ? 237 HOH A O   1 
HETATM 878 O  O   . HOH B 2 .   ? -11.683 -11.830 4.317   1.00 28.86 ? 238 HOH A O   1 
HETATM 879 O  O   . HOH B 2 .   ? 7.410   -4.360  -6.715  1.00 22.25 ? 239 HOH A O   1 
HETATM 880 O  O   . HOH B 2 .   ? 11.464  16.951  2.350   1.00 35.83 ? 240 HOH A O   1 
HETATM 881 O  O   . HOH B 2 .   ? 5.202   11.667  -6.697  1.00 35.57 ? 241 HOH A O   1 
HETATM 882 O  O   . HOH B 2 .   ? 8.905   22.211  7.664   1.00 36.44 ? 242 HOH A O   1 
HETATM 883 O  O   . HOH B 2 .   ? 3.026   3.762   8.640   1.00 31.90 ? 243 HOH A O   1 
HETATM 884 O  O   . HOH B 2 .   ? -16.086 -11.540 5.828   1.00 38.73 ? 244 HOH A O   1 
HETATM 885 O  O   . HOH B 2 .   ? 3.564   2.231   -11.932 1.00 26.59 ? 245 HOH A O   1 
HETATM 886 O  O   . HOH B 2 .   ? -9.579  -8.213  -13.235 1.00 24.63 ? 246 HOH A O   1 
HETATM 887 O  O   . HOH B 2 .   ? -5.067  6.451   -1.280  1.00 28.35 ? 247 HOH A O   1 
HETATM 888 O  O   . HOH B 2 .   ? 7.793   10.085  -7.248  1.00 15.64 ? 248 HOH A O   1 
HETATM 889 O  O   . HOH B 2 .   ? 7.294   0.682   -7.237  1.00 29.27 ? 249 HOH A O   1 
HETATM 890 O  O   . HOH B 2 .   ? 20.238  12.525  12.775  1.00 36.14 ? 250 HOH A O   1 
HETATM 891 O  O   . HOH B 2 .   ? -0.920  3.918   4.846   1.00 32.93 ? 251 HOH A O   1 
HETATM 892 O  O   . HOH B 2 .   ? 8.089   13.556  -7.338  1.00 39.82 ? 252 HOH A O   1 
HETATM 893 O  O   . HOH B 2 .   ? 0.747   -6.216  -5.784  1.00 27.27 ? 253 HOH A O   1 
HETATM 894 O  O   . HOH B 2 .   ? 2.840   -13.778 -5.408  1.00 37.25 ? 254 HOH A O   1 
HETATM 895 O  O   . HOH B 2 .   ? -22.178 -19.180 3.232   1.00 33.88 ? 255 HOH A O   1 
HETATM 896 O  O   . HOH B 2 .   ? -9.244  1.150   0.003   1.00 23.65 ? 256 HOH A O   1 
HETATM 897 O  O   . HOH B 2 .   ? 6.263   14.271  11.086  1.00 29.01 ? 257 HOH A O   1 
HETATM 898 O  O   . HOH B 2 .   ? -3.609  -10.719 6.344   1.00 37.37 ? 258 HOH A O   1 
HETATM 899 O  O   . HOH B 2 .   ? 6.327   -6.760  0.115   1.00 23.73 ? 259 HOH A O   1 
HETATM 900 O  O   . HOH B 2 .   ? 18.361  19.744  3.559   1.00 38.49 ? 260 HOH A O   1 
HETATM 901 O  O   . HOH B 2 .   ? 16.964  20.517  18.908  1.00 36.49 ? 261 HOH A O   1 
HETATM 902 O  O   . HOH B 2 .   ? -7.891  -4.302  -9.910  1.00 34.33 ? 262 HOH A O   1 
HETATM 903 O  O   . HOH B 2 .   ? -3.537  12.051  3.015   1.00 40.04 ? 263 HOH A O   1 
# 
